data_7H2Z
# 
_entry.id   7H2Z 
# 
_audit_conform.dict_name       mmcif_pdbx.dic 
_audit_conform.dict_version    5.397 
_audit_conform.dict_location   http://mmcif.pdb.org/dictionaries/ascii/mmcif_pdbx.dic 
# 
loop_
_database_2.database_id 
_database_2.database_code 
_database_2.pdbx_database_accession 
_database_2.pdbx_DOI 
PDB   7H2Z         pdb_00007h2z 10.2210/pdb7h2z/pdb 
WWPDB D_1001406958 ?            ?                   
# 
loop_
_pdbx_audit_revision_history.ordinal 
_pdbx_audit_revision_history.data_content_type 
_pdbx_audit_revision_history.major_revision 
_pdbx_audit_revision_history.minor_revision 
_pdbx_audit_revision_history.revision_date 
1 'Structure model' 1 0 2024-04-24 
2 'Structure model' 1 1 2024-10-16 
# 
_pdbx_audit_revision_details.ordinal             1 
_pdbx_audit_revision_details.revision_ordinal    1 
_pdbx_audit_revision_details.data_content_type   'Structure model' 
_pdbx_audit_revision_details.provider            repository 
_pdbx_audit_revision_details.type                'Initial release' 
_pdbx_audit_revision_details.description         ? 
_pdbx_audit_revision_details.details             ? 
# 
loop_
_pdbx_audit_revision_group.ordinal 
_pdbx_audit_revision_group.revision_ordinal 
_pdbx_audit_revision_group.data_content_type 
_pdbx_audit_revision_group.group 
1 2 'Structure model' 'Database references' 
2 2 'Structure model' 'Structure summary'   
# 
loop_
_pdbx_audit_revision_category.ordinal 
_pdbx_audit_revision_category.revision_ordinal 
_pdbx_audit_revision_category.data_content_type 
_pdbx_audit_revision_category.category 
1 2 'Structure model' citation           
2 2 'Structure model' citation_author    
3 2 'Structure model' pdbx_entry_details 
# 
loop_
_pdbx_audit_revision_item.ordinal 
_pdbx_audit_revision_item.revision_ordinal 
_pdbx_audit_revision_item.data_content_type 
_pdbx_audit_revision_item.item 
1 2 'Structure model' '_citation.country'                 
2 2 'Structure model' '_citation.journal_abbrev'          
3 2 'Structure model' '_citation.journal_id_CSD'          
4 2 'Structure model' '_citation.journal_id_ISSN'         
5 2 'Structure model' '_citation.pdbx_database_id_DOI'    
6 2 'Structure model' '_citation.pdbx_database_id_PubMed' 
7 2 'Structure model' '_citation.title'                   
8 2 'Structure model' '_citation.year'                    
# 
_pdbx_database_status.entry_id                        7H2Z 
_pdbx_database_status.status_code                     REL 
_pdbx_database_status.status_code_sf                  REL 
_pdbx_database_status.status_code_mr                  ? 
_pdbx_database_status.status_code_cs                  ? 
_pdbx_database_status.recvd_initial_deposition_date   2024-04-04 
_pdbx_database_status.status_code_nmr_data            ? 
_pdbx_database_status.deposit_site                    RCSB 
_pdbx_database_status.process_site                    RCSB 
_pdbx_database_status.SG_entry                        ? 
_pdbx_database_status.pdb_format_compatible           Y 
_pdbx_database_status.methods_development_category    ? 
# 
_pdbx_contact_author.id                 1 
_pdbx_contact_author.email              frank.von-delft@diamond.ac.uk 
_pdbx_contact_author.name_first         Frank 
_pdbx_contact_author.name_last          'von Delft' 
_pdbx_contact_author.role               'principal investigator/group leader' 
_pdbx_contact_author.identifier_ORCID   0000-0003-0378-0017 
_pdbx_contact_author.name_mi            ? 
# 
loop_
_audit_author.name 
_audit_author.pdbx_ordinal 
'Lithgo, R.M.'        1  
'Fairhead, M.'        2  
'Koekemoer, L.'       3  
'Balcomb, B.H.'       4  
'Capkin, E.'          5  
'Chandran, A.V.'      6  
'Golding, M.'         7  
'Godoy, A.S.'         8  
'Aschenbrenner, J.C.' 9  
'Marples, P.G.'       10 
'Ni, X.'              11 
'Thompson, W.'        12 
'Tomlinson, C.W.E.'   13 
'Wild, C.'            14 
'Winokan, M.'         15 
'Xavier, M.-A.E.'     16 
'Fearon, D.'          17 
'von Delft, F.'       18 
# 
_citation.id                        primary 
_citation.title                     
;Crystallographic Fragment Screen of Coxsackievirus A16 2A Protease identifies new opportunities for the development of broad-spectrum anti-enterovirals.
;
_citation.journal_abbrev            Biorxiv 
_citation.journal_volume            ? 
_citation.page_first                ? 
_citation.page_last                 ? 
_citation.year                      2024 
_citation.journal_id_ASTM           ? 
_citation.country                   US 
_citation.journal_id_ISSN           2692-8205 
_citation.journal_id_CSD            ? 
_citation.book_publisher            ? 
_citation.pdbx_database_id_PubMed   38746446 
_citation.pdbx_database_id_DOI      10.1101/2024.04.29.591684 
# 
loop_
_citation_author.citation_id 
_citation_author.name 
_citation_author.identifier_ORCID 
_citation_author.ordinal 
primary 'Lithgo, R.M.'        0000-0002-4706-9916 1  
primary 'Tomlinson, C.W.E.'   0000-0002-1845-6028 2  
primary 'Fairhead, M.'        0000-0001-5361-3933 3  
primary 'Winokan, M.'         ?                   4  
primary 'Thompson, W.'        0000-0003-1474-7810 5  
primary 'Wild, C.'            0000-0003-0654-8141 6  
primary 'Aschenbrenner, J.C.' 0000-0002-4318-0481 7  
primary 'Balcomb, B.H.'       0000-0001-7599-8467 8  
primary 'Marples, P.G.'       0000-0002-8787-7969 9  
primary 'Chandran, A.V.'      0000-0001-9942-2614 10 
primary 'Golding, M.'         0009-0004-7472-8333 11 
primary 'Koekemoer, L.'       0000-0001-9226-9127 12 
primary 'Williams, E.P.'      0000-0002-1331-9518 13 
primary 'Wang, S.'            ?                   14 
primary 'Ni, X.'              0000-0002-7769-8297 15 
primary 'MacLean, E.'         0000-0003-1680-4292 16 
primary 'Giroud, C.'          0000-0002-1629-1581 17 
primary 'Godoy, A.S.'         0000-0002-0613-9164 18 
primary 'Xavier, M.A.'        0000-0002-1709-9479 19 
primary 'Walsh, M.'           0000-0001-5683-1151 20 
primary 'Fearon, D.'          0000-0003-3529-7863 21 
primary 'von Delft, F.'       0000-0003-0378-0017 22 
# 
loop_
_entity.id 
_entity.type 
_entity.src_method 
_entity.pdbx_description 
_entity.formula_weight 
_entity.pdbx_number_of_molecules 
_entity.pdbx_ec 
_entity.pdbx_mutation 
_entity.pdbx_fragment 
_entity.details 
1 polymer     man 'Protease 2A'                                 16493.311 1   3.4.22.29 ? ? ? 
2 non-polymer man 'N-[4-(aminomethyl)phenyl]methanesulfonamide' 200.258   2   ?         ? ? ? 
3 non-polymer syn 'ZINC ION'                                    65.409    1   ?         ? ? ? 
4 non-polymer syn 'DIMETHYL SULFOXIDE'                          78.133    4   ?         ? ? ? 
5 water       nat water                                         18.015    233 ?         ? ? ? 
# 
_entity_name_com.entity_id   1 
_entity_name_com.name        'P2A,Picornain 2A,Protein 2A' 
# 
_entity_poly.entity_id                      1 
_entity_poly.type                           'polypeptide(L)' 
_entity_poly.nstd_linkage                   no 
_entity_poly.nstd_monomer                   no 
_entity_poly.pdbx_seq_one_letter_code       
;QEQTGGSGAIYVGNYRVVNRHLATHNDWANLVWEDSSRDLLVSSTTAQGCDTIARCDCQTGVYYCSSRRKHYPVSFSKPS
LIFVEASEYYPARYQSHLMLAVGHSEPGDCGGILRCQHGVVGIVSTGGNGLVGFADVRDLLWLDEEAMEQ
;
_entity_poly.pdbx_seq_one_letter_code_can   
;QEQTGGSGAIYVGNYRVVNRHLATHNDWANLVWEDSSRDLLVSSTTAQGCDTIARCDCQTGVYYCSSRRKHYPVSFSKPS
LIFVEASEYYPARYQSHLMLAVGHSEPGDCGGILRCQHGVVGIVSTGGNGLVGFADVRDLLWLDEEAMEQ
;
_entity_poly.pdbx_strand_id                 A 
_entity_poly.pdbx_target_identifier         ? 
# 
loop_
_pdbx_entity_nonpoly.entity_id 
_pdbx_entity_nonpoly.name 
_pdbx_entity_nonpoly.comp_id 
2 'N-[4-(aminomethyl)phenyl]methanesulfonamide' RY4 
3 'ZINC ION'                                    ZN  
4 'DIMETHYL SULFOXIDE'                          DMS 
5 water                                         HOH 
# 
loop_
_entity_poly_seq.entity_id 
_entity_poly_seq.num 
_entity_poly_seq.mon_id 
_entity_poly_seq.hetero 
1 1   GLN n 
1 2   GLU n 
1 3   GLN n 
1 4   THR n 
1 5   GLY n 
1 6   GLY n 
1 7   SER n 
1 8   GLY n 
1 9   ALA n 
1 10  ILE n 
1 11  TYR n 
1 12  VAL n 
1 13  GLY n 
1 14  ASN n 
1 15  TYR n 
1 16  ARG n 
1 17  VAL n 
1 18  VAL n 
1 19  ASN n 
1 20  ARG n 
1 21  HIS n 
1 22  LEU n 
1 23  ALA n 
1 24  THR n 
1 25  HIS n 
1 26  ASN n 
1 27  ASP n 
1 28  TRP n 
1 29  ALA n 
1 30  ASN n 
1 31  LEU n 
1 32  VAL n 
1 33  TRP n 
1 34  GLU n 
1 35  ASP n 
1 36  SER n 
1 37  SER n 
1 38  ARG n 
1 39  ASP n 
1 40  LEU n 
1 41  LEU n 
1 42  VAL n 
1 43  SER n 
1 44  SER n 
1 45  THR n 
1 46  THR n 
1 47  ALA n 
1 48  GLN n 
1 49  GLY n 
1 50  CYS n 
1 51  ASP n 
1 52  THR n 
1 53  ILE n 
1 54  ALA n 
1 55  ARG n 
1 56  CYS n 
1 57  ASP n 
1 58  CYS n 
1 59  GLN n 
1 60  THR n 
1 61  GLY n 
1 62  VAL n 
1 63  TYR n 
1 64  TYR n 
1 65  CYS n 
1 66  SER n 
1 67  SER n 
1 68  ARG n 
1 69  ARG n 
1 70  LYS n 
1 71  HIS n 
1 72  TYR n 
1 73  PRO n 
1 74  VAL n 
1 75  SER n 
1 76  PHE n 
1 77  SER n 
1 78  LYS n 
1 79  PRO n 
1 80  SER n 
1 81  LEU n 
1 82  ILE n 
1 83  PHE n 
1 84  VAL n 
1 85  GLU n 
1 86  ALA n 
1 87  SER n 
1 88  GLU n 
1 89  TYR n 
1 90  TYR n 
1 91  PRO n 
1 92  ALA n 
1 93  ARG n 
1 94  TYR n 
1 95  GLN n 
1 96  SER n 
1 97  HIS n 
1 98  LEU n 
1 99  MET n 
1 100 LEU n 
1 101 ALA n 
1 102 VAL n 
1 103 GLY n 
1 104 HIS n 
1 105 SER n 
1 106 GLU n 
1 107 PRO n 
1 108 GLY n 
1 109 ASP n 
1 110 CYS n 
1 111 GLY n 
1 112 GLY n 
1 113 ILE n 
1 114 LEU n 
1 115 ARG n 
1 116 CYS n 
1 117 GLN n 
1 118 HIS n 
1 119 GLY n 
1 120 VAL n 
1 121 VAL n 
1 122 GLY n 
1 123 ILE n 
1 124 VAL n 
1 125 SER n 
1 126 THR n 
1 127 GLY n 
1 128 GLY n 
1 129 ASN n 
1 130 GLY n 
1 131 LEU n 
1 132 VAL n 
1 133 GLY n 
1 134 PHE n 
1 135 ALA n 
1 136 ASP n 
1 137 VAL n 
1 138 ARG n 
1 139 ASP n 
1 140 LEU n 
1 141 LEU n 
1 142 TRP n 
1 143 LEU n 
1 144 ASP n 
1 145 GLU n 
1 146 GLU n 
1 147 ALA n 
1 148 MET n 
1 149 GLU n 
1 150 GLN n 
# 
loop_
_entity_src_gen.entity_id 
_entity_src_gen.pdbx_src_id 
_entity_src_gen.pdbx_alt_source_flag 
_entity_src_gen.pdbx_seq_type 
_entity_src_gen.pdbx_beg_seq_num 
_entity_src_gen.pdbx_end_seq_num 
_entity_src_gen.gene_src_common_name 
_entity_src_gen.gene_src_genus 
_entity_src_gen.pdbx_gene_src_gene 
_entity_src_gen.gene_src_species 
_entity_src_gen.gene_src_strain 
_entity_src_gen.gene_src_tissue 
_entity_src_gen.gene_src_tissue_fraction 
_entity_src_gen.gene_src_details 
_entity_src_gen.pdbx_gene_src_fragment 
_entity_src_gen.pdbx_gene_src_scientific_name 
_entity_src_gen.pdbx_gene_src_ncbi_taxonomy_id 
_entity_src_gen.pdbx_gene_src_variant 
_entity_src_gen.pdbx_gene_src_cell_line 
_entity_src_gen.pdbx_gene_src_atcc 
_entity_src_gen.pdbx_gene_src_organ 
_entity_src_gen.pdbx_gene_src_organelle 
_entity_src_gen.pdbx_gene_src_cell 
_entity_src_gen.pdbx_gene_src_cellular_location 
_entity_src_gen.host_org_common_name 
_entity_src_gen.pdbx_host_org_scientific_name 
_entity_src_gen.pdbx_host_org_ncbi_taxonomy_id 
_entity_src_gen.host_org_genus 
_entity_src_gen.pdbx_host_org_gene 
_entity_src_gen.pdbx_host_org_organ 
_entity_src_gen.host_org_species 
_entity_src_gen.pdbx_host_org_tissue 
_entity_src_gen.pdbx_host_org_tissue_fraction 
_entity_src_gen.pdbx_host_org_strain 
_entity_src_gen.pdbx_host_org_variant 
_entity_src_gen.pdbx_host_org_cell_line 
_entity_src_gen.pdbx_host_org_atcc 
_entity_src_gen.pdbx_host_org_culture_collection 
_entity_src_gen.pdbx_host_org_cell 
_entity_src_gen.pdbx_host_org_organelle 
_entity_src_gen.pdbx_host_org_cellular_location 
_entity_src_gen.pdbx_host_org_vector_type 
_entity_src_gen.pdbx_host_org_vector 
_entity_src_gen.host_org_details 
_entity_src_gen.expression_system_id 
_entity_src_gen.plasmid_name 
_entity_src_gen.plasmid_details 
_entity_src_gen.pdbx_description 
1 1 sample 'Biological sequence' 1 150 ? ? ? ? ? ? ? ? ? 'Coxsackievirus A16' 31704 ? ? ? ? ? ? ? ? 'Escherichia coli' 562 ? ? ? ? 
? ? ? ? ? ? ? ? ? ? ? ? ? ? ? ? ? 
2 1 sample ?                     ? ?   ? ? ? ? ? ? ? ? ? 'Coxsackievirus A16' 31704 ? ? ? ? ? ? ? ? 'Escherichia coli' 562 ? ? ? ? 
? ? ? ? ? ? ? ? ? ? ? ? ? ? ? ? ? 
# 
loop_
_chem_comp.id 
_chem_comp.type 
_chem_comp.mon_nstd_flag 
_chem_comp.name 
_chem_comp.pdbx_synonyms 
_chem_comp.formula 
_chem_comp.formula_weight 
ALA 'L-peptide linking' y ALANINE                                       ? 'C3 H7 N O2'     89.093  
ARG 'L-peptide linking' y ARGININE                                      ? 'C6 H15 N4 O2 1' 175.209 
ASN 'L-peptide linking' y ASPARAGINE                                    ? 'C4 H8 N2 O3'    132.118 
ASP 'L-peptide linking' y 'ASPARTIC ACID'                               ? 'C4 H7 N O4'     133.103 
CYS 'L-peptide linking' y CYSTEINE                                      ? 'C3 H7 N O2 S'   121.158 
DMS non-polymer         . 'DIMETHYL SULFOXIDE'                          ? 'C2 H6 O S'      78.133  
GLN 'L-peptide linking' y GLUTAMINE                                     ? 'C5 H10 N2 O3'   146.144 
GLU 'L-peptide linking' y 'GLUTAMIC ACID'                               ? 'C5 H9 N O4'     147.129 
GLY 'peptide linking'   y GLYCINE                                       ? 'C2 H5 N O2'     75.067  
HIS 'L-peptide linking' y HISTIDINE                                     ? 'C6 H10 N3 O2 1' 156.162 
HOH non-polymer         . WATER                                         ? 'H2 O'           18.015  
ILE 'L-peptide linking' y ISOLEUCINE                                    ? 'C6 H13 N O2'    131.173 
LEU 'L-peptide linking' y LEUCINE                                       ? 'C6 H13 N O2'    131.173 
LYS 'L-peptide linking' y LYSINE                                        ? 'C6 H15 N2 O2 1' 147.195 
MET 'L-peptide linking' y METHIONINE                                    ? 'C5 H11 N O2 S'  149.211 
PHE 'L-peptide linking' y PHENYLALANINE                                 ? 'C9 H11 N O2'    165.189 
PRO 'L-peptide linking' y PROLINE                                       ? 'C5 H9 N O2'     115.130 
RY4 non-polymer         . 'N-[4-(aminomethyl)phenyl]methanesulfonamide' ? 'C8 H12 N2 O2 S' 200.258 
SER 'L-peptide linking' y SERINE                                        ? 'C3 H7 N O3'     105.093 
THR 'L-peptide linking' y THREONINE                                     ? 'C4 H9 N O3'     119.119 
TRP 'L-peptide linking' y TRYPTOPHAN                                    ? 'C11 H12 N2 O2'  204.225 
TYR 'L-peptide linking' y TYROSINE                                      ? 'C9 H11 N O3'    181.189 
VAL 'L-peptide linking' y VALINE                                        ? 'C5 H11 N O2'    117.146 
ZN  non-polymer         . 'ZINC ION'                                    ? 'Zn 2'           65.409  
# 
loop_
_pdbx_poly_seq_scheme.asym_id 
_pdbx_poly_seq_scheme.entity_id 
_pdbx_poly_seq_scheme.seq_id 
_pdbx_poly_seq_scheme.mon_id 
_pdbx_poly_seq_scheme.ndb_seq_num 
_pdbx_poly_seq_scheme.pdb_seq_num 
_pdbx_poly_seq_scheme.auth_seq_num 
_pdbx_poly_seq_scheme.pdb_mon_id 
_pdbx_poly_seq_scheme.auth_mon_id 
_pdbx_poly_seq_scheme.pdb_strand_id 
_pdbx_poly_seq_scheme.pdb_ins_code 
_pdbx_poly_seq_scheme.hetero 
A 1 1   GLN 1   1   ?   ?   ?   A . n 
A 1 2   GLU 2   2   ?   ?   ?   A . n 
A 1 3   GLN 3   3   ?   ?   ?   A . n 
A 1 4   THR 4   4   ?   ?   ?   A . n 
A 1 5   GLY 5   5   ?   ?   ?   A . n 
A 1 6   GLY 6   6   ?   ?   ?   A . n 
A 1 7   SER 7   7   7   SER SER A . n 
A 1 8   GLY 8   8   8   GLY GLY A . n 
A 1 9   ALA 9   9   9   ALA ALA A . n 
A 1 10  ILE 10  10  10  ILE ILE A . n 
A 1 11  TYR 11  11  11  TYR TYR A . n 
A 1 12  VAL 12  12  12  VAL VAL A . n 
A 1 13  GLY 13  13  13  GLY GLY A . n 
A 1 14  ASN 14  14  14  ASN ASN A . n 
A 1 15  TYR 15  15  15  TYR TYR A . n 
A 1 16  ARG 16  16  16  ARG ARG A . n 
A 1 17  VAL 17  17  17  VAL VAL A . n 
A 1 18  VAL 18  18  18  VAL VAL A . n 
A 1 19  ASN 19  19  19  ASN ASN A . n 
A 1 20  ARG 20  20  20  ARG ARG A . n 
A 1 21  HIS 21  21  21  HIS HIS A . n 
A 1 22  LEU 22  22  22  LEU LEU A . n 
A 1 23  ALA 23  23  23  ALA ALA A . n 
A 1 24  THR 24  24  24  THR THR A . n 
A 1 25  HIS 25  25  25  HIS HIS A . n 
A 1 26  ASN 26  26  26  ASN ASN A . n 
A 1 27  ASP 27  27  27  ASP ASP A . n 
A 1 28  TRP 28  28  28  TRP TRP A . n 
A 1 29  ALA 29  29  29  ALA ALA A . n 
A 1 30  ASN 30  30  30  ASN ASN A . n 
A 1 31  LEU 31  31  31  LEU LEU A . n 
A 1 32  VAL 32  32  32  VAL VAL A . n 
A 1 33  TRP 33  33  33  TRP TRP A . n 
A 1 34  GLU 34  34  34  GLU GLU A . n 
A 1 35  ASP 35  35  35  ASP ASP A . n 
A 1 36  SER 36  36  36  SER SER A . n 
A 1 37  SER 37  37  37  SER SER A . n 
A 1 38  ARG 38  38  38  ARG ARG A . n 
A 1 39  ASP 39  39  39  ASP ASP A . n 
A 1 40  LEU 40  40  40  LEU LEU A . n 
A 1 41  LEU 41  41  41  LEU LEU A . n 
A 1 42  VAL 42  42  42  VAL VAL A . n 
A 1 43  SER 43  43  43  SER SER A . n 
A 1 44  SER 44  44  44  SER SER A . n 
A 1 45  THR 45  45  45  THR THR A . n 
A 1 46  THR 46  46  46  THR THR A . n 
A 1 47  ALA 47  47  47  ALA ALA A . n 
A 1 48  GLN 48  48  48  GLN GLN A . n 
A 1 49  GLY 49  49  49  GLY GLY A . n 
A 1 50  CYS 50  50  50  CYS CYS A . n 
A 1 51  ASP 51  51  51  ASP ASP A . n 
A 1 52  THR 52  52  52  THR THR A . n 
A 1 53  ILE 53  53  53  ILE ILE A . n 
A 1 54  ALA 54  54  54  ALA ALA A . n 
A 1 55  ARG 55  55  55  ARG ARG A . n 
A 1 56  CYS 56  56  56  CYS CYS A . n 
A 1 57  ASP 57  57  57  ASP ASP A . n 
A 1 58  CYS 58  58  58  CYS CYS A . n 
A 1 59  GLN 59  59  59  GLN GLN A . n 
A 1 60  THR 60  60  60  THR THR A . n 
A 1 61  GLY 61  61  61  GLY GLY A . n 
A 1 62  VAL 62  62  62  VAL VAL A . n 
A 1 63  TYR 63  63  63  TYR TYR A . n 
A 1 64  TYR 64  64  64  TYR TYR A . n 
A 1 65  CYS 65  65  65  CYS CYS A . n 
A 1 66  SER 66  66  66  SER SER A . n 
A 1 67  SER 67  67  67  SER SER A . n 
A 1 68  ARG 68  68  68  ARG ARG A . n 
A 1 69  ARG 69  69  69  ARG ARG A . n 
A 1 70  LYS 70  70  70  LYS LYS A . n 
A 1 71  HIS 71  71  71  HIS HIS A . n 
A 1 72  TYR 72  72  72  TYR TYR A . n 
A 1 73  PRO 73  73  73  PRO PRO A . n 
A 1 74  VAL 74  74  74  VAL VAL A . n 
A 1 75  SER 75  75  75  SER SER A . n 
A 1 76  PHE 76  76  76  PHE PHE A . n 
A 1 77  SER 77  77  77  SER SER A . n 
A 1 78  LYS 78  78  78  LYS LYS A . n 
A 1 79  PRO 79  79  79  PRO PRO A . n 
A 1 80  SER 80  80  80  SER SER A . n 
A 1 81  LEU 81  81  81  LEU LEU A . n 
A 1 82  ILE 82  82  82  ILE ILE A . n 
A 1 83  PHE 83  83  83  PHE PHE A . n 
A 1 84  VAL 84  84  84  VAL VAL A . n 
A 1 85  GLU 85  85  85  GLU GLU A . n 
A 1 86  ALA 86  86  86  ALA ALA A . n 
A 1 87  SER 87  87  87  SER SER A . n 
A 1 88  GLU 88  88  88  GLU GLU A . n 
A 1 89  TYR 89  89  89  TYR TYR A . n 
A 1 90  TYR 90  90  90  TYR TYR A . n 
A 1 91  PRO 91  91  91  PRO PRO A . n 
A 1 92  ALA 92  92  92  ALA ALA A . n 
A 1 93  ARG 93  93  93  ARG ARG A . n 
A 1 94  TYR 94  94  94  TYR TYR A . n 
A 1 95  GLN 95  95  95  GLN GLN A . n 
A 1 96  SER 96  96  96  SER SER A . n 
A 1 97  HIS 97  97  97  HIS HIS A . n 
A 1 98  LEU 98  98  98  LEU LEU A . n 
A 1 99  MET 99  99  99  MET MET A . n 
A 1 100 LEU 100 100 100 LEU LEU A . n 
A 1 101 ALA 101 101 101 ALA ALA A . n 
A 1 102 VAL 102 102 102 VAL VAL A . n 
A 1 103 GLY 103 103 103 GLY GLY A . n 
A 1 104 HIS 104 104 104 HIS HIS A . n 
A 1 105 SER 105 105 105 SER SER A . n 
A 1 106 GLU 106 106 106 GLU GLU A . n 
A 1 107 PRO 107 107 107 PRO PRO A . n 
A 1 108 GLY 108 108 108 GLY GLY A . n 
A 1 109 ASP 109 109 109 ASP ASP A . n 
A 1 110 CYS 110 110 110 CYS CYS A . n 
A 1 111 GLY 111 111 111 GLY GLY A . n 
A 1 112 GLY 112 112 112 GLY GLY A . n 
A 1 113 ILE 113 113 113 ILE ILE A . n 
A 1 114 LEU 114 114 114 LEU LEU A . n 
A 1 115 ARG 115 115 115 ARG ARG A . n 
A 1 116 CYS 116 116 116 CYS CYS A . n 
A 1 117 GLN 117 117 117 GLN GLN A . n 
A 1 118 HIS 118 118 118 HIS HIS A . n 
A 1 119 GLY 119 119 119 GLY GLY A . n 
A 1 120 VAL 120 120 120 VAL VAL A . n 
A 1 121 VAL 121 121 121 VAL VAL A . n 
A 1 122 GLY 122 122 122 GLY GLY A . n 
A 1 123 ILE 123 123 123 ILE ILE A . n 
A 1 124 VAL 124 124 124 VAL VAL A . n 
A 1 125 SER 125 125 125 SER SER A . n 
A 1 126 THR 126 126 126 THR THR A . n 
A 1 127 GLY 127 127 127 GLY GLY A . n 
A 1 128 GLY 128 128 128 GLY GLY A . n 
A 1 129 ASN 129 129 129 ASN ASN A . n 
A 1 130 GLY 130 130 130 GLY GLY A . n 
A 1 131 LEU 131 131 131 LEU LEU A . n 
A 1 132 VAL 132 132 132 VAL VAL A . n 
A 1 133 GLY 133 133 133 GLY GLY A . n 
A 1 134 PHE 134 134 134 PHE PHE A . n 
A 1 135 ALA 135 135 135 ALA ALA A . n 
A 1 136 ASP 136 136 136 ASP ASP A . n 
A 1 137 VAL 137 137 137 VAL VAL A . n 
A 1 138 ARG 138 138 138 ARG ARG A . n 
A 1 139 ASP 139 139 139 ASP ASP A . n 
A 1 140 LEU 140 140 140 LEU LEU A . n 
A 1 141 LEU 141 141 141 LEU LEU A . n 
A 1 142 TRP 142 142 142 TRP TRP A . n 
A 1 143 LEU 143 143 143 LEU LEU A . n 
A 1 144 ASP 144 144 144 ASP ASP A . n 
A 1 145 GLU 145 145 145 GLU GLU A . n 
A 1 146 GLU 146 146 146 GLU GLU A . n 
A 1 147 ALA 147 147 ?   ?   ?   A . n 
A 1 148 MET 148 148 ?   ?   ?   A . n 
A 1 149 GLU 149 149 ?   ?   ?   A . n 
A 1 150 GLN 150 150 ?   ?   ?   A . n 
# 
loop_
_pdbx_nonpoly_scheme.asym_id 
_pdbx_nonpoly_scheme.entity_id 
_pdbx_nonpoly_scheme.mon_id 
_pdbx_nonpoly_scheme.ndb_seq_num 
_pdbx_nonpoly_scheme.pdb_seq_num 
_pdbx_nonpoly_scheme.auth_seq_num 
_pdbx_nonpoly_scheme.pdb_mon_id 
_pdbx_nonpoly_scheme.auth_mon_id 
_pdbx_nonpoly_scheme.pdb_strand_id 
_pdbx_nonpoly_scheme.pdb_ins_code 
B 2 RY4 1   201 147 RY4 LIG A . 
C 2 RY4 1   202 201 RY4 LIG A . 
D 3 ZN  1   203 1   ZN  ZN  A . 
E 4 DMS 1   204 -1  DMS DMS A . 
F 4 DMS 1   205 0   DMS DMS A . 
G 4 DMS 1   206 1   DMS DMS A . 
H 4 DMS 1   207 3   DMS DMS A . 
I 5 HOH 1   301 227 HOH HOH A . 
I 5 HOH 2   302 250 HOH HOH A . 
I 5 HOH 3   303 137 HOH HOH A . 
I 5 HOH 4   304 3   HOH HOH A . 
I 5 HOH 5   305 238 HOH HOH A . 
I 5 HOH 6   306 245 HOH HOH A . 
I 5 HOH 7   307 131 HOH HOH A . 
I 5 HOH 8   308 215 HOH HOH A . 
I 5 HOH 9   309 77  HOH HOH A . 
I 5 HOH 10  310 248 HOH HOH A . 
I 5 HOH 11  311 34  HOH HOH A . 
I 5 HOH 12  312 103 HOH HOH A . 
I 5 HOH 13  313 107 HOH HOH A . 
I 5 HOH 14  314 94  HOH HOH A . 
I 5 HOH 15  315 79  HOH HOH A . 
I 5 HOH 16  316 219 HOH HOH A . 
I 5 HOH 17  317 183 HOH HOH A . 
I 5 HOH 18  318 186 HOH HOH A . 
I 5 HOH 19  319 108 HOH HOH A . 
I 5 HOH 20  320 46  HOH HOH A . 
I 5 HOH 21  321 234 HOH HOH A . 
I 5 HOH 22  322 205 HOH HOH A . 
I 5 HOH 23  323 152 HOH HOH A . 
I 5 HOH 24  324 173 HOH HOH A . 
I 5 HOH 25  325 178 HOH HOH A . 
I 5 HOH 26  326 47  HOH HOH A . 
I 5 HOH 27  327 68  HOH HOH A . 
I 5 HOH 28  328 30  HOH HOH A . 
I 5 HOH 29  329 4   HOH HOH A . 
I 5 HOH 30  330 72  HOH HOH A . 
I 5 HOH 31  331 116 HOH HOH A . 
I 5 HOH 32  332 193 HOH HOH A . 
I 5 HOH 33  333 180 HOH HOH A . 
I 5 HOH 34  334 16  HOH HOH A . 
I 5 HOH 35  335 191 HOH HOH A . 
I 5 HOH 36  336 59  HOH HOH A . 
I 5 HOH 37  337 182 HOH HOH A . 
I 5 HOH 38  338 88  HOH HOH A . 
I 5 HOH 39  339 148 HOH HOH A . 
I 5 HOH 40  340 104 HOH HOH A . 
I 5 HOH 41  341 13  HOH HOH A . 
I 5 HOH 42  342 249 HOH HOH A . 
I 5 HOH 43  343 39  HOH HOH A . 
I 5 HOH 44  344 57  HOH HOH A . 
I 5 HOH 45  345 124 HOH HOH A . 
I 5 HOH 46  346 21  HOH HOH A . 
I 5 HOH 47  347 217 HOH HOH A . 
I 5 HOH 48  348 109 HOH HOH A . 
I 5 HOH 49  349 181 HOH HOH A . 
I 5 HOH 50  350 37  HOH HOH A . 
I 5 HOH 51  351 211 HOH HOH A . 
I 5 HOH 52  352 147 HOH HOH A . 
I 5 HOH 53  353 168 HOH HOH A . 
I 5 HOH 54  354 24  HOH HOH A . 
I 5 HOH 55  355 216 HOH HOH A . 
I 5 HOH 56  356 60  HOH HOH A . 
I 5 HOH 57  357 67  HOH HOH A . 
I 5 HOH 58  358 43  HOH HOH A . 
I 5 HOH 59  359 161 HOH HOH A . 
I 5 HOH 60  360 82  HOH HOH A . 
I 5 HOH 61  361 7   HOH HOH A . 
I 5 HOH 62  362 33  HOH HOH A . 
I 5 HOH 63  363 2   HOH HOH A . 
I 5 HOH 64  364 97  HOH HOH A . 
I 5 HOH 65  365 53  HOH HOH A . 
I 5 HOH 66  366 29  HOH HOH A . 
I 5 HOH 67  367 27  HOH HOH A . 
I 5 HOH 68  368 71  HOH HOH A . 
I 5 HOH 69  369 63  HOH HOH A . 
I 5 HOH 70  370 28  HOH HOH A . 
I 5 HOH 71  371 113 HOH HOH A . 
I 5 HOH 72  372 167 HOH HOH A . 
I 5 HOH 73  373 52  HOH HOH A . 
I 5 HOH 74  374 19  HOH HOH A . 
I 5 HOH 75  375 133 HOH HOH A . 
I 5 HOH 76  376 49  HOH HOH A . 
I 5 HOH 77  377 36  HOH HOH A . 
I 5 HOH 78  378 121 HOH HOH A . 
I 5 HOH 79  379 50  HOH HOH A . 
I 5 HOH 80  380 25  HOH HOH A . 
I 5 HOH 81  381 9   HOH HOH A . 
I 5 HOH 82  382 120 HOH HOH A . 
I 5 HOH 83  383 48  HOH HOH A . 
I 5 HOH 84  384 81  HOH HOH A . 
I 5 HOH 85  385 70  HOH HOH A . 
I 5 HOH 86  386 111 HOH HOH A . 
I 5 HOH 87  387 12  HOH HOH A . 
I 5 HOH 88  388 141 HOH HOH A . 
I 5 HOH 89  389 18  HOH HOH A . 
I 5 HOH 90  390 26  HOH HOH A . 
I 5 HOH 91  391 41  HOH HOH A . 
I 5 HOH 92  392 195 HOH HOH A . 
I 5 HOH 93  393 91  HOH HOH A . 
I 5 HOH 94  394 84  HOH HOH A . 
I 5 HOH 95  395 118 HOH HOH A . 
I 5 HOH 96  396 15  HOH HOH A . 
I 5 HOH 97  397 138 HOH HOH A . 
I 5 HOH 98  398 14  HOH HOH A . 
I 5 HOH 99  399 90  HOH HOH A . 
I 5 HOH 100 400 179 HOH HOH A . 
I 5 HOH 101 401 210 HOH HOH A . 
I 5 HOH 102 402 174 HOH HOH A . 
I 5 HOH 103 403 62  HOH HOH A . 
I 5 HOH 104 404 45  HOH HOH A . 
I 5 HOH 105 405 55  HOH HOH A . 
I 5 HOH 106 406 54  HOH HOH A . 
I 5 HOH 107 407 17  HOH HOH A . 
I 5 HOH 108 408 106 HOH HOH A . 
I 5 HOH 109 409 146 HOH HOH A . 
I 5 HOH 110 410 144 HOH HOH A . 
I 5 HOH 111 411 42  HOH HOH A . 
I 5 HOH 112 412 126 HOH HOH A . 
I 5 HOH 113 413 177 HOH HOH A . 
I 5 HOH 114 414 169 HOH HOH A . 
I 5 HOH 115 415 112 HOH HOH A . 
I 5 HOH 116 416 96  HOH HOH A . 
I 5 HOH 117 417 40  HOH HOH A . 
I 5 HOH 118 418 20  HOH HOH A . 
I 5 HOH 119 419 105 HOH HOH A . 
I 5 HOH 120 420 204 HOH HOH A . 
I 5 HOH 121 421 156 HOH HOH A . 
I 5 HOH 122 422 78  HOH HOH A . 
I 5 HOH 123 423 66  HOH HOH A . 
I 5 HOH 124 424 102 HOH HOH A . 
I 5 HOH 125 425 95  HOH HOH A . 
I 5 HOH 126 426 155 HOH HOH A . 
I 5 HOH 127 427 5   HOH HOH A . 
I 5 HOH 128 428 38  HOH HOH A . 
I 5 HOH 129 429 246 HOH HOH A . 
I 5 HOH 130 430 212 HOH HOH A . 
I 5 HOH 131 431 214 HOH HOH A . 
I 5 HOH 132 432 80  HOH HOH A . 
I 5 HOH 133 433 170 HOH HOH A . 
I 5 HOH 134 434 100 HOH HOH A . 
I 5 HOH 135 435 203 HOH HOH A . 
I 5 HOH 136 436 11  HOH HOH A . 
I 5 HOH 137 437 64  HOH HOH A . 
I 5 HOH 138 438 35  HOH HOH A . 
I 5 HOH 139 439 198 HOH HOH A . 
I 5 HOH 140 440 119 HOH HOH A . 
I 5 HOH 141 441 224 HOH HOH A . 
I 5 HOH 142 442 31  HOH HOH A . 
I 5 HOH 143 443 51  HOH HOH A . 
I 5 HOH 144 444 10  HOH HOH A . 
I 5 HOH 145 445 176 HOH HOH A . 
I 5 HOH 146 446 58  HOH HOH A . 
I 5 HOH 147 447 110 HOH HOH A . 
I 5 HOH 148 448 23  HOH HOH A . 
I 5 HOH 149 449 69  HOH HOH A . 
I 5 HOH 150 450 76  HOH HOH A . 
I 5 HOH 151 451 132 HOH HOH A . 
I 5 HOH 152 452 136 HOH HOH A . 
I 5 HOH 153 453 89  HOH HOH A . 
I 5 HOH 154 454 220 HOH HOH A . 
I 5 HOH 155 455 6   HOH HOH A . 
I 5 HOH 156 456 237 HOH HOH A . 
I 5 HOH 157 457 123 HOH HOH A . 
I 5 HOH 158 458 192 HOH HOH A . 
I 5 HOH 159 459 74  HOH HOH A . 
I 5 HOH 160 460 101 HOH HOH A . 
I 5 HOH 161 461 135 HOH HOH A . 
I 5 HOH 162 462 61  HOH HOH A . 
I 5 HOH 163 463 213 HOH HOH A . 
I 5 HOH 164 464 159 HOH HOH A . 
I 5 HOH 165 465 230 HOH HOH A . 
I 5 HOH 166 466 218 HOH HOH A . 
I 5 HOH 167 467 93  HOH HOH A . 
I 5 HOH 168 468 163 HOH HOH A . 
I 5 HOH 169 469 98  HOH HOH A . 
I 5 HOH 170 470 197 HOH HOH A . 
I 5 HOH 171 471 233 HOH HOH A . 
I 5 HOH 172 472 22  HOH HOH A . 
I 5 HOH 173 473 200 HOH HOH A . 
I 5 HOH 174 474 117 HOH HOH A . 
I 5 HOH 175 475 154 HOH HOH A . 
I 5 HOH 176 476 171 HOH HOH A . 
I 5 HOH 177 477 158 HOH HOH A . 
I 5 HOH 178 478 151 HOH HOH A . 
I 5 HOH 179 479 247 HOH HOH A . 
I 5 HOH 180 480 231 HOH HOH A . 
I 5 HOH 181 481 162 HOH HOH A . 
I 5 HOH 182 482 87  HOH HOH A . 
I 5 HOH 183 483 207 HOH HOH A . 
I 5 HOH 184 484 201 HOH HOH A . 
I 5 HOH 185 485 228 HOH HOH A . 
I 5 HOH 186 486 175 HOH HOH A . 
I 5 HOH 187 487 65  HOH HOH A . 
I 5 HOH 188 488 157 HOH HOH A . 
I 5 HOH 189 489 99  HOH HOH A . 
I 5 HOH 190 490 225 HOH HOH A . 
I 5 HOH 191 491 134 HOH HOH A . 
I 5 HOH 192 492 190 HOH HOH A . 
I 5 HOH 193 493 232 HOH HOH A . 
I 5 HOH 194 494 239 HOH HOH A . 
I 5 HOH 195 495 240 HOH HOH A . 
I 5 HOH 196 496 127 HOH HOH A . 
I 5 HOH 197 497 73  HOH HOH A . 
I 5 HOH 198 498 83  HOH HOH A . 
I 5 HOH 199 499 86  HOH HOH A . 
I 5 HOH 200 500 172 HOH HOH A . 
I 5 HOH 201 501 122 HOH HOH A . 
I 5 HOH 202 502 229 HOH HOH A . 
I 5 HOH 203 503 189 HOH HOH A . 
I 5 HOH 204 504 209 HOH HOH A . 
I 5 HOH 205 505 185 HOH HOH A . 
I 5 HOH 206 506 202 HOH HOH A . 
I 5 HOH 207 507 85  HOH HOH A . 
I 5 HOH 208 508 32  HOH HOH A . 
I 5 HOH 209 509 187 HOH HOH A . 
I 5 HOH 210 510 56  HOH HOH A . 
I 5 HOH 211 511 223 HOH HOH A . 
I 5 HOH 212 512 221 HOH HOH A . 
I 5 HOH 213 513 129 HOH HOH A . 
I 5 HOH 214 514 236 HOH HOH A . 
I 5 HOH 215 515 75  HOH HOH A . 
I 5 HOH 216 516 208 HOH HOH A . 
I 5 HOH 217 517 142 HOH HOH A . 
I 5 HOH 218 518 165 HOH HOH A . 
I 5 HOH 219 519 235 HOH HOH A . 
I 5 HOH 220 520 199 HOH HOH A . 
I 5 HOH 221 521 114 HOH HOH A . 
I 5 HOH 222 522 226 HOH HOH A . 
I 5 HOH 223 523 206 HOH HOH A . 
I 5 HOH 224 524 153 HOH HOH A . 
I 5 HOH 225 525 241 HOH HOH A . 
I 5 HOH 226 526 222 HOH HOH A . 
I 5 HOH 227 527 92  HOH HOH A . 
I 5 HOH 228 528 243 HOH HOH A . 
I 5 HOH 229 529 125 HOH HOH A . 
I 5 HOH 230 530 242 HOH HOH A . 
I 5 HOH 231 531 164 HOH HOH A . 
I 5 HOH 232 532 160 HOH HOH A . 
I 5 HOH 233 533 244 HOH HOH A . 
# 
loop_
_software.classification 
_software.name 
_software.version 
_software.citation_id 
_software.pdbx_ordinal 
refinement       REFMAC  5.8.0267 ? 1 
refinement       REFMAC5 .        ? 2 
'data scaling'   Aimless .        ? 3 
phasing          PHASER  .        ? 4 
'data reduction' XDS     .        ? 5 
# 
_cell.entry_id           7H2Z 
_cell.length_a           86.048 
_cell.length_b           56.476 
_cell.length_c           32.459 
_cell.angle_alpha        90.00 
_cell.angle_beta         95.51 
_cell.angle_gamma        90.00 
_cell.Z_PDB              4 
_cell.pdbx_unique_axis   ? 
# 
_symmetry.entry_id                         7H2Z 
_symmetry.space_group_name_H-M             'C 1 2 1' 
_symmetry.pdbx_full_space_group_name_H-M   ? 
_symmetry.cell_setting                     ? 
_symmetry.Int_Tables_number                5 
# 
_exptl.entry_id          7H2Z 
_exptl.method            'X-RAY DIFFRACTION' 
_exptl.crystals_number   1 
# 
_exptl_crystal.id                    1 
_exptl_crystal.density_meas          ? 
_exptl_crystal.density_Matthews      2.38 
_exptl_crystal.density_percent_sol   48.32 
_exptl_crystal.description           ? 
# 
_exptl_crystal_grow.crystal_id      1 
_exptl_crystal_grow.method          'VAPOR DIFFUSION, SITTING DROP' 
_exptl_crystal_grow.pH              6.05 
_exptl_crystal_grow.temp            293.15 
_exptl_crystal_grow.pdbx_details    '0.1 M MES, pH 6.05, 16 % PEG 20,000' 
_exptl_crystal_grow.temp_details    ? 
_exptl_crystal_grow.pdbx_pH_range   ? 
# 
_diffrn.id                     1 
_diffrn.ambient_temp           100 
_diffrn.crystal_id             1 
_diffrn.ambient_temp_details   ? 
# 
_diffrn_detector.detector               PIXEL 
_diffrn_detector.type                   'DECTRIS EIGER2 XE 16M' 
_diffrn_detector.pdbx_collection_date   2023-10-10 
_diffrn_detector.diffrn_id              1 
_diffrn_detector.details                ? 
# 
_diffrn_radiation.diffrn_id                        1 
_diffrn_radiation.wavelength_id                    1 
_diffrn_radiation.pdbx_diffrn_protocol             'SINGLE WAVELENGTH' 
_diffrn_radiation.pdbx_monochromatic_or_laue_m_l   ? 
_diffrn_radiation.monochromator                    ? 
_diffrn_radiation.pdbx_scattering_type             x-ray 
# 
_diffrn_radiation_wavelength.id           1 
_diffrn_radiation_wavelength.wavelength   0.94056 
_diffrn_radiation_wavelength.wt           1.0 
# 
_diffrn_source.diffrn_id                   1 
_diffrn_source.source                      SYNCHROTRON 
_diffrn_source.type                        'DIAMOND BEAMLINE I03' 
_diffrn_source.pdbx_wavelength_list        0.94056 
_diffrn_source.pdbx_synchrotron_site       Diamond 
_diffrn_source.pdbx_synchrotron_beamline   I03 
_diffrn_source.pdbx_wavelength             ? 
# 
_reflns.entry_id                     7H2Z 
_reflns.pdbx_diffrn_id               1 
_reflns.pdbx_ordinal                 1 
_reflns.d_resolution_low             47.16 
_reflns.d_resolution_high            1.04 
_reflns.number_obs                   60035 
_reflns.percent_possible_obs         81.2 
_reflns.pdbx_Rmerge_I_obs            0.074 
_reflns.pdbx_netI_over_sigmaI        16.4 
_reflns.pdbx_redundancy              6.9 
_reflns.pdbx_Rrim_I_all              0.080 
_reflns.pdbx_Rpim_I_all              0.030 
_reflns.pdbx_CC_half                 0.997 
_reflns.pdbx_number_measured_all     414429 
_reflns.pdbx_chi_squared             0.81 
_reflns.observed_criterion_sigma_I   ? 
_reflns.observed_criterion_sigma_F   ? 
_reflns.number_all                   ? 
_reflns.pdbx_Rsym_value              ? 
_reflns.B_iso_Wilson_estimate        ? 
# 
_reflns_shell.pdbx_diffrn_id              1 
_reflns_shell.pdbx_ordinal                1 
_reflns_shell.d_res_high                  1.04 
_reflns_shell.d_res_low                   1.06 
_reflns_shell.number_measured_all         4447 
_reflns_shell.number_unique_obs           939 
_reflns_shell.Rmerge_I_obs                2.372 
_reflns_shell.pdbx_chi_squared            0.30 
_reflns_shell.pdbx_redundancy             4.7 
_reflns_shell.percent_possible_obs        25.8 
_reflns_shell.pdbx_netI_over_sigmaI_obs   0.6 
_reflns_shell.pdbx_Rrim_I_all             2.653 
_reflns_shell.pdbx_Rpim_I_all             1.163 
_reflns_shell.pdbx_CC_half                0.236 
_reflns_shell.percent_possible_all        ? 
_reflns_shell.pdbx_Rsym_value             ? 
_reflns_shell.meanI_over_sigI_obs         ? 
# 
_refine.pdbx_refine_id                           'X-RAY DIFFRACTION' 
_refine.entry_id                                 7H2Z 
_refine.pdbx_diffrn_id                           1 
_refine.pdbx_TLS_residual_ADP_flag               ? 
_refine.ls_number_reflns_obs                     56915 
_refine.ls_number_reflns_all                     ? 
_refine.pdbx_ls_sigma_I                          ? 
_refine.pdbx_ls_sigma_F                          ? 
_refine.pdbx_data_cutoff_high_absF               ? 
_refine.pdbx_data_cutoff_low_absF                ? 
_refine.pdbx_data_cutoff_high_rms_absF           ? 
_refine.ls_d_res_low                             47.15 
_refine.ls_d_res_high                            1.04 
_refine.ls_percent_reflns_obs                    80.74 
_refine.ls_R_factor_obs                          0.17107 
_refine.ls_R_factor_all                          ? 
_refine.ls_R_factor_R_work                       0.17061 
_refine.ls_R_factor_R_free                       0.17961 
_refine.ls_R_factor_R_free_error                 ? 
_refine.ls_R_factor_R_free_error_details         ? 
_refine.ls_percent_reflns_R_free                 4.9 
_refine.ls_number_reflns_R_free                  2911 
_refine.ls_number_parameters                     ? 
_refine.ls_number_restraints                     ? 
_refine.occupancy_min                            ? 
_refine.occupancy_max                            ? 
_refine.correlation_coeff_Fo_to_Fc               0.975 
_refine.correlation_coeff_Fo_to_Fc_free          0.971 
_refine.B_iso_mean                               14.747 
_refine.aniso_B[1][1]                            -0.18 
_refine.aniso_B[2][2]                            0.26 
_refine.aniso_B[3][3]                            -0.04 
_refine.aniso_B[1][2]                            0.00 
_refine.aniso_B[1][3]                            -0.21 
_refine.aniso_B[2][3]                            0.00 
_refine.solvent_model_details                    MASK 
_refine.solvent_model_param_ksol                 ? 
_refine.solvent_model_param_bsol                 ? 
_refine.pdbx_solvent_vdw_probe_radii             1.20 
_refine.pdbx_solvent_ion_probe_radii             0.80 
_refine.pdbx_solvent_shrinkage_radii             0.80 
_refine.pdbx_ls_cross_valid_method               THROUGHOUT 
_refine.details                                  'HYDROGENS HAVE BEEN ADDED IN THE RIDING POSITIONS' 
_refine.pdbx_starting_model                      ? 
_refine.pdbx_method_to_determine_struct          'MOLECULAR REPLACEMENT' 
_refine.pdbx_isotropic_thermal_model             ? 
_refine.pdbx_stereochemistry_target_values       'MAXIMUM LIKELIHOOD' 
_refine.pdbx_stereochem_target_val_spec_case     ? 
_refine.pdbx_R_Free_selection_details            RANDOM 
_refine.pdbx_overall_ESU_R                       0.033 
_refine.pdbx_overall_ESU_R_Free                  0.033 
_refine.overall_SU_ML                            ? 
_refine.pdbx_overall_phase_error                 ? 
_refine.overall_SU_B                             ? 
_refine.overall_SU_R_Cruickshank_DPI             ? 
_refine.pdbx_overall_SU_R_free_Cruickshank_DPI   ? 
_refine.pdbx_overall_SU_R_Blow_DPI               ? 
_refine.pdbx_overall_SU_R_free_Blow_DPI          ? 
# 
_refine_hist.pdbx_refine_id                   'X-RAY DIFFRACTION' 
_refine_hist.cycle_id                         1 
_refine_hist.pdbx_number_atoms_protein        1083 
_refine_hist.pdbx_number_atoms_nucleic_acid   0 
_refine_hist.pdbx_number_atoms_ligand         43 
_refine_hist.number_atoms_solvent             233 
_refine_hist.number_atoms_total               1359 
_refine_hist.d_res_high                       1.04 
_refine_hist.d_res_low                        47.15 
# 
loop_
_refine_ls_restr.type 
_refine_ls_restr.dev_ideal 
_refine_ls_restr.dev_ideal_target 
_refine_ls_restr.weight 
_refine_ls_restr.number 
_refine_ls_restr.pdbx_refine_id 
_refine_ls_restr.pdbx_restraint_function 
r_bond_refined_d             0.015  0.013  ? 1342 'X-RAY DIFFRACTION' ? 
r_bond_other_d               0.035  0.015  ? 1121 'X-RAY DIFFRACTION' ? 
r_angle_refined_deg          1.963  1.612  ? 1718 'X-RAY DIFFRACTION' ? 
r_angle_other_deg            2.584  1.633  ? 2535 'X-RAY DIFFRACTION' ? 
r_dihedral_angle_1_deg       6.576  5.000  ? 157  'X-RAY DIFFRACTION' ? 
r_dihedral_angle_2_deg       33.260 21.385 ? 65   'X-RAY DIFFRACTION' ? 
r_dihedral_angle_3_deg       12.778 15.000 ? 175  'X-RAY DIFFRACTION' ? 
r_dihedral_angle_4_deg       22.526 15.000 ? 9    'X-RAY DIFFRACTION' ? 
r_chiral_restr               0.096  0.200  ? 150  'X-RAY DIFFRACTION' ? 
r_gen_planes_refined         0.013  0.020  ? 1613 'X-RAY DIFFRACTION' ? 
r_gen_planes_other           0.022  0.020  ? 313  'X-RAY DIFFRACTION' ? 
r_nbd_refined                ?      ?      ? ?    'X-RAY DIFFRACTION' ? 
r_nbd_other                  ?      ?      ? ?    'X-RAY DIFFRACTION' ? 
r_nbtor_refined              ?      ?      ? ?    'X-RAY DIFFRACTION' ? 
r_nbtor_other                ?      ?      ? ?    'X-RAY DIFFRACTION' ? 
r_xyhbond_nbd_refined        ?      ?      ? ?    'X-RAY DIFFRACTION' ? 
r_xyhbond_nbd_other          ?      ?      ? ?    'X-RAY DIFFRACTION' ? 
r_metal_ion_refined          ?      ?      ? ?    'X-RAY DIFFRACTION' ? 
r_metal_ion_other            ?      ?      ? ?    'X-RAY DIFFRACTION' ? 
r_symmetry_vdw_refined       ?      ?      ? ?    'X-RAY DIFFRACTION' ? 
r_symmetry_vdw_other         ?      ?      ? ?    'X-RAY DIFFRACTION' ? 
r_symmetry_hbond_refined     ?      ?      ? ?    'X-RAY DIFFRACTION' ? 
r_symmetry_hbond_other       ?      ?      ? ?    'X-RAY DIFFRACTION' ? 
r_symmetry_metal_ion_refined ?      ?      ? ?    'X-RAY DIFFRACTION' ? 
r_symmetry_metal_ion_other   ?      ?      ? ?    'X-RAY DIFFRACTION' ? 
r_mcbond_it                  1.348  1.239  ? 644  'X-RAY DIFFRACTION' ? 
r_mcbond_other               1.354  1.212  ? 638  'X-RAY DIFFRACTION' ? 
r_mcangle_it                 1.954  1.825  ? 781  'X-RAY DIFFRACTION' ? 
r_mcangle_other              1.972  1.816  ? 770  'X-RAY DIFFRACTION' ? 
r_scbond_it                  2.014  1.629  ? 698  'X-RAY DIFFRACTION' ? 
r_scbond_other               2.020  1.593  ? 686  'X-RAY DIFFRACTION' ? 
r_scangle_it                 ?      ?      ? ?    'X-RAY DIFFRACTION' ? 
r_scangle_other              2.957  2.231  ? 926  'X-RAY DIFFRACTION' ? 
r_long_range_B_refined       5.950  17.461 ? 1459 'X-RAY DIFFRACTION' ? 
r_long_range_B_other         5.959  17.502 ? 1460 'X-RAY DIFFRACTION' ? 
r_rigid_bond_restr           ?      ?      ? ?    'X-RAY DIFFRACTION' ? 
r_sphericity_free            ?      ?      ? ?    'X-RAY DIFFRACTION' ? 
r_sphericity_bonded          ?      ?      ? ?    'X-RAY DIFFRACTION' ? 
# 
_refine_ls_shell.pdbx_refine_id                   'X-RAY DIFFRACTION' 
_refine_ls_shell.pdbx_total_number_of_bins_used   20 
_refine_ls_shell.d_res_high                       1.040 
_refine_ls_shell.d_res_low                        1.067 
_refine_ls_shell.number_reflns_R_work             1376 
_refine_ls_shell.R_factor_R_work                  0.358 
_refine_ls_shell.percent_reflns_obs               26.48 
_refine_ls_shell.R_factor_R_free                  0.327 
_refine_ls_shell.R_factor_R_free_error            ? 
_refine_ls_shell.percent_reflns_R_free            ? 
_refine_ls_shell.number_reflns_R_free             76 
_refine_ls_shell.number_reflns_all                ? 
_refine_ls_shell.R_factor_all                     ? 
# 
_struct.entry_id                  7H2Z 
_struct.title                     
;Group deposition for crystallographic fragment screening of Coxsackievirus A16 (G-10) 2A protease -- Crystal structure of Coxsackievirus A16 (G-10) 2A protease in complex with Z426041412 (A71EV2A-x0229)
;
_struct.pdbx_model_details        ? 
_struct.pdbx_CASP_flag            ? 
_struct.pdbx_model_type_details   ? 
# 
_struct_keywords.entry_id        7H2Z 
_struct_keywords.pdbx_keywords   HYDROLASE 
_struct_keywords.text            
;Diamond Light Source, I03, ASAP, Coxsackievirus A16, crystallographic fragment screening, PanDDA, Pandda2, XChemExplorer, viral protein, HYDROLASE
;
# 
loop_
_struct_asym.id 
_struct_asym.pdbx_blank_PDB_chainid_flag 
_struct_asym.pdbx_modified 
_struct_asym.entity_id 
_struct_asym.details 
A N N 1 ? 
B N N 2 ? 
C N N 2 ? 
D N N 3 ? 
E N N 4 ? 
F N N 4 ? 
G N N 4 ? 
H N N 4 ? 
I N N 5 ? 
# 
_struct_ref.id                         1 
_struct_ref.db_name                    UNP 
_struct_ref.db_code                    POLG_CX16G 
_struct_ref.pdbx_db_accession          Q65900 
_struct_ref.pdbx_db_isoform            ? 
_struct_ref.entity_id                  1 
_struct_ref.pdbx_seq_one_letter_code   
;SGAIYVGNYRVVNRHLATHNDWANLVWEDSSRDLLVSSTTAQGCDTIARCDCQTGVYYCSSRRKHYPVSFSKPSLIFVEA
SEYYPARYQSHLMLAVGHSEPGDCGGILRCQHGVVGIVSTGGNGLVGFADVRDLLWLDEEAMEQ
;
_struct_ref.pdbx_align_begin           869 
# 
_struct_ref_seq.align_id                      1 
_struct_ref_seq.ref_id                        1 
_struct_ref_seq.pdbx_PDB_id_code              7H2Z 
_struct_ref_seq.pdbx_strand_id                A 
_struct_ref_seq.seq_align_beg                 7 
_struct_ref_seq.pdbx_seq_align_beg_ins_code   ? 
_struct_ref_seq.seq_align_end                 150 
_struct_ref_seq.pdbx_seq_align_end_ins_code   ? 
_struct_ref_seq.pdbx_db_accession             Q65900 
_struct_ref_seq.db_align_beg                  869 
_struct_ref_seq.pdbx_db_align_beg_ins_code    ? 
_struct_ref_seq.db_align_end                  1012 
_struct_ref_seq.pdbx_db_align_end_ins_code    ? 
_struct_ref_seq.pdbx_auth_seq_align_beg       7 
_struct_ref_seq.pdbx_auth_seq_align_end       150 
# 
loop_
_struct_ref_seq_dif.align_id 
_struct_ref_seq_dif.pdbx_pdb_id_code 
_struct_ref_seq_dif.mon_id 
_struct_ref_seq_dif.pdbx_pdb_strand_id 
_struct_ref_seq_dif.seq_num 
_struct_ref_seq_dif.pdbx_pdb_ins_code 
_struct_ref_seq_dif.pdbx_seq_db_name 
_struct_ref_seq_dif.pdbx_seq_db_accession_code 
_struct_ref_seq_dif.db_mon_id 
_struct_ref_seq_dif.pdbx_seq_db_seq_num 
_struct_ref_seq_dif.details 
_struct_ref_seq_dif.pdbx_auth_seq_num 
_struct_ref_seq_dif.pdbx_ordinal 
1 7H2Z GLN A 1 ? UNP Q65900 ? ? 'expression tag' 1 1 
1 7H2Z GLU A 2 ? UNP Q65900 ? ? 'expression tag' 2 2 
1 7H2Z GLN A 3 ? UNP Q65900 ? ? 'expression tag' 3 3 
1 7H2Z THR A 4 ? UNP Q65900 ? ? 'expression tag' 4 4 
1 7H2Z GLY A 5 ? UNP Q65900 ? ? 'expression tag' 5 5 
1 7H2Z GLY A 6 ? UNP Q65900 ? ? 'expression tag' 6 6 
# 
_pdbx_struct_assembly.id                   1 
_pdbx_struct_assembly.details              author_and_software_defined_assembly 
_pdbx_struct_assembly.method_details       PISA 
_pdbx_struct_assembly.oligomeric_details   monomeric 
_pdbx_struct_assembly.oligomeric_count     1 
# 
loop_
_pdbx_struct_assembly_prop.biol_id 
_pdbx_struct_assembly_prop.type 
_pdbx_struct_assembly_prop.value 
_pdbx_struct_assembly_prop.details 
1 'ABSA (A^2)' 570  ? 
1 MORE         2    ? 
1 'SSA (A^2)'  7530 ? 
# 
_pdbx_struct_assembly_gen.assembly_id       1 
_pdbx_struct_assembly_gen.oper_expression   1 
_pdbx_struct_assembly_gen.asym_id_list      A,B,C,D,E,F,G,H,I 
# 
_pdbx_struct_oper_list.id                   1 
_pdbx_struct_oper_list.type                 'identity operation' 
_pdbx_struct_oper_list.name                 1_555 
_pdbx_struct_oper_list.symmetry_operation   x,y,z 
_pdbx_struct_oper_list.matrix[1][1]         1.0000000000 
_pdbx_struct_oper_list.matrix[1][2]         0.0000000000 
_pdbx_struct_oper_list.matrix[1][3]         0.0000000000 
_pdbx_struct_oper_list.vector[1]            0.0000000000 
_pdbx_struct_oper_list.matrix[2][1]         0.0000000000 
_pdbx_struct_oper_list.matrix[2][2]         1.0000000000 
_pdbx_struct_oper_list.matrix[2][3]         0.0000000000 
_pdbx_struct_oper_list.vector[2]            0.0000000000 
_pdbx_struct_oper_list.matrix[3][1]         0.0000000000 
_pdbx_struct_oper_list.matrix[3][2]         0.0000000000 
_pdbx_struct_oper_list.matrix[3][3]         1.0000000000 
_pdbx_struct_oper_list.vector[3]            0.0000000000 
# 
loop_
_struct_conf.conf_type_id 
_struct_conf.id 
_struct_conf.pdbx_PDB_helix_id 
_struct_conf.beg_label_comp_id 
_struct_conf.beg_label_asym_id 
_struct_conf.beg_label_seq_id 
_struct_conf.pdbx_beg_PDB_ins_code 
_struct_conf.end_label_comp_id 
_struct_conf.end_label_asym_id 
_struct_conf.end_label_seq_id 
_struct_conf.pdbx_end_PDB_ins_code 
_struct_conf.beg_auth_comp_id 
_struct_conf.beg_auth_asym_id 
_struct_conf.beg_auth_seq_id 
_struct_conf.end_auth_comp_id 
_struct_conf.end_auth_asym_id 
_struct_conf.end_auth_seq_id 
_struct_conf.pdbx_PDB_helix_class 
_struct_conf.details 
_struct_conf.pdbx_PDB_helix_length 
HELX_P HELX_P1 AA1 HIS A 21  ? ALA A 23  ? HIS A 21  ALA A 23  5 ? 3 
HELX_P HELX_P2 AA2 THR A 24  ? ASN A 30  ? THR A 24  ASN A 30  1 ? 7 
HELX_P HELX_P3 AA3 SER A 36  ? ARG A 38  ? SER A 36  ARG A 38  5 ? 3 
HELX_P HELX_P4 AA4 SER A 66  ? ARG A 69  ? SER A 66  ARG A 69  5 ? 4 
HELX_P HELX_P5 AA5 GLU A 106 ? CYS A 110 ? GLU A 106 CYS A 110 5 ? 5 
HELX_P HELX_P6 AA6 LEU A 140 ? GLU A 145 ? LEU A 140 GLU A 145 5 ? 6 
# 
_struct_conf_type.id          HELX_P 
_struct_conf_type.criteria    ? 
_struct_conf_type.reference   ? 
# 
loop_
_struct_conn.id 
_struct_conn.conn_type_id 
_struct_conn.pdbx_leaving_atom_flag 
_struct_conn.pdbx_PDB_id 
_struct_conn.ptnr1_label_asym_id 
_struct_conn.ptnr1_label_comp_id 
_struct_conn.ptnr1_label_seq_id 
_struct_conn.ptnr1_label_atom_id 
_struct_conn.pdbx_ptnr1_label_alt_id 
_struct_conn.pdbx_ptnr1_PDB_ins_code 
_struct_conn.pdbx_ptnr1_standard_comp_id 
_struct_conn.ptnr1_symmetry 
_struct_conn.ptnr2_label_asym_id 
_struct_conn.ptnr2_label_comp_id 
_struct_conn.ptnr2_label_seq_id 
_struct_conn.ptnr2_label_atom_id 
_struct_conn.pdbx_ptnr2_label_alt_id 
_struct_conn.pdbx_ptnr2_PDB_ins_code 
_struct_conn.ptnr1_auth_asym_id 
_struct_conn.ptnr1_auth_comp_id 
_struct_conn.ptnr1_auth_seq_id 
_struct_conn.ptnr2_auth_asym_id 
_struct_conn.ptnr2_auth_comp_id 
_struct_conn.ptnr2_auth_seq_id 
_struct_conn.ptnr2_symmetry 
_struct_conn.pdbx_ptnr3_label_atom_id 
_struct_conn.pdbx_ptnr3_label_seq_id 
_struct_conn.pdbx_ptnr3_label_comp_id 
_struct_conn.pdbx_ptnr3_label_asym_id 
_struct_conn.pdbx_ptnr3_label_alt_id 
_struct_conn.pdbx_ptnr3_PDB_ins_code 
_struct_conn.details 
_struct_conn.pdbx_dist_value 
_struct_conn.pdbx_value_order 
_struct_conn.pdbx_role 
metalc1 metalc ? ? A CYS 56  SG  ? ? ? 1_555 D ZN . ZN ? ? A CYS 56  A ZN 203 1_555 ? ? ? ? ? ? ? 2.330 ? ? 
metalc2 metalc ? ? A CYS 58  SG  ? ? ? 1_555 D ZN . ZN ? ? A CYS 58  A ZN 203 1_555 ? ? ? ? ? ? ? 2.309 ? ? 
metalc3 metalc ? ? A CYS 116 SG  ? ? ? 1_555 D ZN . ZN ? ? A CYS 116 A ZN 203 1_555 ? ? ? ? ? ? ? 2.295 ? ? 
metalc4 metalc ? ? A HIS 118 ND1 ? ? ? 1_555 D ZN . ZN ? ? A HIS 118 A ZN 203 1_555 ? ? ? ? ? ? ? 2.041 ? ? 
# 
_struct_conn_type.id          metalc 
_struct_conn_type.criteria    ? 
_struct_conn_type.reference   ? 
# 
loop_
_pdbx_struct_conn_angle.id 
_pdbx_struct_conn_angle.ptnr1_label_atom_id 
_pdbx_struct_conn_angle.ptnr1_label_alt_id 
_pdbx_struct_conn_angle.ptnr1_label_asym_id 
_pdbx_struct_conn_angle.ptnr1_label_comp_id 
_pdbx_struct_conn_angle.ptnr1_label_seq_id 
_pdbx_struct_conn_angle.ptnr1_auth_atom_id 
_pdbx_struct_conn_angle.ptnr1_auth_asym_id 
_pdbx_struct_conn_angle.ptnr1_auth_comp_id 
_pdbx_struct_conn_angle.ptnr1_auth_seq_id 
_pdbx_struct_conn_angle.ptnr1_PDB_ins_code 
_pdbx_struct_conn_angle.ptnr1_symmetry 
_pdbx_struct_conn_angle.ptnr2_label_atom_id 
_pdbx_struct_conn_angle.ptnr2_label_alt_id 
_pdbx_struct_conn_angle.ptnr2_label_asym_id 
_pdbx_struct_conn_angle.ptnr2_label_comp_id 
_pdbx_struct_conn_angle.ptnr2_label_seq_id 
_pdbx_struct_conn_angle.ptnr2_auth_atom_id 
_pdbx_struct_conn_angle.ptnr2_auth_asym_id 
_pdbx_struct_conn_angle.ptnr2_auth_comp_id 
_pdbx_struct_conn_angle.ptnr2_auth_seq_id 
_pdbx_struct_conn_angle.ptnr2_PDB_ins_code 
_pdbx_struct_conn_angle.ptnr2_symmetry 
_pdbx_struct_conn_angle.ptnr3_label_atom_id 
_pdbx_struct_conn_angle.ptnr3_label_alt_id 
_pdbx_struct_conn_angle.ptnr3_label_asym_id 
_pdbx_struct_conn_angle.ptnr3_label_comp_id 
_pdbx_struct_conn_angle.ptnr3_label_seq_id 
_pdbx_struct_conn_angle.ptnr3_auth_atom_id 
_pdbx_struct_conn_angle.ptnr3_auth_asym_id 
_pdbx_struct_conn_angle.ptnr3_auth_comp_id 
_pdbx_struct_conn_angle.ptnr3_auth_seq_id 
_pdbx_struct_conn_angle.ptnr3_PDB_ins_code 
_pdbx_struct_conn_angle.ptnr3_symmetry 
_pdbx_struct_conn_angle.value 
_pdbx_struct_conn_angle.value_esd 
1 SG ? A CYS 56  ? A CYS 56  ? 1_555 ZN ? D ZN . ? A ZN 203 ? 1_555 SG  ? A CYS 58  ? A CYS 58  ? 1_555 109.6 ? 
2 SG ? A CYS 56  ? A CYS 56  ? 1_555 ZN ? D ZN . ? A ZN 203 ? 1_555 SG  ? A CYS 116 ? A CYS 116 ? 1_555 106.1 ? 
3 SG ? A CYS 58  ? A CYS 58  ? 1_555 ZN ? D ZN . ? A ZN 203 ? 1_555 SG  ? A CYS 116 ? A CYS 116 ? 1_555 117.5 ? 
4 SG ? A CYS 56  ? A CYS 56  ? 1_555 ZN ? D ZN . ? A ZN 203 ? 1_555 ND1 ? A HIS 118 ? A HIS 118 ? 1_555 106.2 ? 
5 SG ? A CYS 58  ? A CYS 58  ? 1_555 ZN ? D ZN . ? A ZN 203 ? 1_555 ND1 ? A HIS 118 ? A HIS 118 ? 1_555 101.7 ? 
6 SG ? A CYS 116 ? A CYS 116 ? 1_555 ZN ? D ZN . ? A ZN 203 ? 1_555 ND1 ? A HIS 118 ? A HIS 118 ? 1_555 115.2 ? 
# 
loop_
_struct_sheet.id 
_struct_sheet.type 
_struct_sheet.number_strands 
_struct_sheet.details 
AA1 ? 3 ? 
AA2 ? 7 ? 
# 
loop_
_struct_sheet_order.sheet_id 
_struct_sheet_order.range_id_1 
_struct_sheet_order.range_id_2 
_struct_sheet_order.offset 
_struct_sheet_order.sense 
AA1 1 2 ? anti-parallel 
AA1 2 3 ? anti-parallel 
AA2 1 2 ? anti-parallel 
AA2 2 3 ? anti-parallel 
AA2 3 4 ? anti-parallel 
AA2 4 5 ? anti-parallel 
AA2 5 6 ? anti-parallel 
AA2 6 7 ? anti-parallel 
# 
loop_
_struct_sheet_range.sheet_id 
_struct_sheet_range.id 
_struct_sheet_range.beg_label_comp_id 
_struct_sheet_range.beg_label_asym_id 
_struct_sheet_range.beg_label_seq_id 
_struct_sheet_range.pdbx_beg_PDB_ins_code 
_struct_sheet_range.end_label_comp_id 
_struct_sheet_range.end_label_asym_id 
_struct_sheet_range.end_label_seq_id 
_struct_sheet_range.pdbx_end_PDB_ins_code 
_struct_sheet_range.beg_auth_comp_id 
_struct_sheet_range.beg_auth_asym_id 
_struct_sheet_range.beg_auth_seq_id 
_struct_sheet_range.end_auth_comp_id 
_struct_sheet_range.end_auth_asym_id 
_struct_sheet_range.end_auth_seq_id 
AA1 1 LEU A 31  ? ASP A 35  ? LEU A 31  ASP A 35  
AA1 2 LEU A 40  ? CYS A 50  ? LEU A 40  CYS A 50  
AA1 3 ILE A 10  ? ASN A 19  ? ILE A 10  ASN A 19  
AA2 1 LYS A 70  ? SER A 75  ? LYS A 70  SER A 75  
AA2 2 THR A 60  ? CYS A 65  ? THR A 60  CYS A 65  
AA2 3 ILE A 113 ? CYS A 116 ? ILE A 113 CYS A 116 
AA2 4 GLY A 119 ? THR A 126 ? GLY A 119 THR A 126 
AA2 5 LEU A 131 ? ASP A 136 ? LEU A 131 ASP A 136 
AA2 6 ARG A 93  ? VAL A 102 ? ARG A 93  VAL A 102 
AA2 7 SER A 80  ? VAL A 84  ? SER A 80  VAL A 84  
# 
loop_
_pdbx_struct_sheet_hbond.sheet_id 
_pdbx_struct_sheet_hbond.range_id_1 
_pdbx_struct_sheet_hbond.range_id_2 
_pdbx_struct_sheet_hbond.range_1_label_atom_id 
_pdbx_struct_sheet_hbond.range_1_label_comp_id 
_pdbx_struct_sheet_hbond.range_1_label_asym_id 
_pdbx_struct_sheet_hbond.range_1_label_seq_id 
_pdbx_struct_sheet_hbond.range_1_PDB_ins_code 
_pdbx_struct_sheet_hbond.range_1_auth_atom_id 
_pdbx_struct_sheet_hbond.range_1_auth_comp_id 
_pdbx_struct_sheet_hbond.range_1_auth_asym_id 
_pdbx_struct_sheet_hbond.range_1_auth_seq_id 
_pdbx_struct_sheet_hbond.range_2_label_atom_id 
_pdbx_struct_sheet_hbond.range_2_label_comp_id 
_pdbx_struct_sheet_hbond.range_2_label_asym_id 
_pdbx_struct_sheet_hbond.range_2_label_seq_id 
_pdbx_struct_sheet_hbond.range_2_PDB_ins_code 
_pdbx_struct_sheet_hbond.range_2_auth_atom_id 
_pdbx_struct_sheet_hbond.range_2_auth_comp_id 
_pdbx_struct_sheet_hbond.range_2_auth_asym_id 
_pdbx_struct_sheet_hbond.range_2_auth_seq_id 
AA1 1 2 N TRP A 33  ? N TRP A 33  O VAL A 42  ? O VAL A 42  
AA1 2 3 N LEU A 41  ? N LEU A 41  O VAL A 18  ? O VAL A 18  
AA2 1 2 O LYS A 70  ? O LYS A 70  N CYS A 65  ? N CYS A 65  
AA2 2 3 N VAL A 62  ? N VAL A 62  O ARG A 115 ? O ARG A 115 
AA2 3 4 N LEU A 114 ? N LEU A 114 O VAL A 121 ? O VAL A 121 
AA2 4 5 N SER A 125 ? N SER A 125 O GLY A 133 ? O GLY A 133 
AA2 5 6 O PHE A 134 ? O PHE A 134 N MET A 99  ? N MET A 99  
AA2 6 7 O ARG A 93  ? O ARG A 93  N VAL A 84  ? N VAL A 84  
# 
_pdbx_entry_details.entry_id                   7H2Z 
_pdbx_entry_details.compound_details           ? 
_pdbx_entry_details.source_details             ? 
_pdbx_entry_details.nonpolymer_details         ? 
_pdbx_entry_details.sequence_details           ? 
_pdbx_entry_details.has_ligand_of_interest     ? 
_pdbx_entry_details.has_protein_modification   N 
# 
loop_
_pdbx_validate_close_contact.id 
_pdbx_validate_close_contact.PDB_model_num 
_pdbx_validate_close_contact.auth_atom_id_1 
_pdbx_validate_close_contact.auth_asym_id_1 
_pdbx_validate_close_contact.auth_comp_id_1 
_pdbx_validate_close_contact.auth_seq_id_1 
_pdbx_validate_close_contact.PDB_ins_code_1 
_pdbx_validate_close_contact.label_alt_id_1 
_pdbx_validate_close_contact.auth_atom_id_2 
_pdbx_validate_close_contact.auth_asym_id_2 
_pdbx_validate_close_contact.auth_comp_id_2 
_pdbx_validate_close_contact.auth_seq_id_2 
_pdbx_validate_close_contact.PDB_ins_code_2 
_pdbx_validate_close_contact.label_alt_id_2 
_pdbx_validate_close_contact.dist 
1 1 O  A HOH 310 ? ? O A HOH 421 ? ? 1.90 
2 1 O  A HOH 456 ? ? O A HOH 482 ? ? 2.05 
3 1 O  A HOH 335 ? ? O A HOH 342 ? ? 2.11 
4 1 OH A TYR 94  ? ? O A HOH 301 ? ? 2.13 
# 
loop_
_pdbx_validate_rmsd_angle.id 
_pdbx_validate_rmsd_angle.PDB_model_num 
_pdbx_validate_rmsd_angle.auth_atom_id_1 
_pdbx_validate_rmsd_angle.auth_asym_id_1 
_pdbx_validate_rmsd_angle.auth_comp_id_1 
_pdbx_validate_rmsd_angle.auth_seq_id_1 
_pdbx_validate_rmsd_angle.PDB_ins_code_1 
_pdbx_validate_rmsd_angle.label_alt_id_1 
_pdbx_validate_rmsd_angle.auth_atom_id_2 
_pdbx_validate_rmsd_angle.auth_asym_id_2 
_pdbx_validate_rmsd_angle.auth_comp_id_2 
_pdbx_validate_rmsd_angle.auth_seq_id_2 
_pdbx_validate_rmsd_angle.PDB_ins_code_2 
_pdbx_validate_rmsd_angle.label_alt_id_2 
_pdbx_validate_rmsd_angle.auth_atom_id_3 
_pdbx_validate_rmsd_angle.auth_asym_id_3 
_pdbx_validate_rmsd_angle.auth_comp_id_3 
_pdbx_validate_rmsd_angle.auth_seq_id_3 
_pdbx_validate_rmsd_angle.PDB_ins_code_3 
_pdbx_validate_rmsd_angle.label_alt_id_3 
_pdbx_validate_rmsd_angle.angle_value 
_pdbx_validate_rmsd_angle.angle_target_value 
_pdbx_validate_rmsd_angle.angle_deviation 
_pdbx_validate_rmsd_angle.angle_standard_deviation 
_pdbx_validate_rmsd_angle.linker_flag 
1 1 NE A ARG 20 ? ? CZ A ARG 20 ? ? NH1 A ARG 20 ? ? 123.55 120.30 3.25  0.50 N 
2 1 CB A TYR 94 ? ? CG A TYR 94 ? ? CD2 A TYR 94 ? ? 124.73 121.00 3.73  0.60 N 
3 1 CB A TYR 94 ? ? CG A TYR 94 ? ? CD1 A TYR 94 ? ? 116.82 121.00 -4.18 0.60 N 
# 
_pdbx_distant_solvent_atoms.id                                1 
_pdbx_distant_solvent_atoms.PDB_model_num                     1 
_pdbx_distant_solvent_atoms.auth_atom_id                      O 
_pdbx_distant_solvent_atoms.label_alt_id                      ? 
_pdbx_distant_solvent_atoms.auth_asym_id                      A 
_pdbx_distant_solvent_atoms.auth_comp_id                      HOH 
_pdbx_distant_solvent_atoms.auth_seq_id                       533 
_pdbx_distant_solvent_atoms.PDB_ins_code                      ? 
_pdbx_distant_solvent_atoms.neighbor_macromolecule_distance   8.04 
_pdbx_distant_solvent_atoms.neighbor_ligand_distance          . 
# 
loop_
_pdbx_unobs_or_zero_occ_residues.id 
_pdbx_unobs_or_zero_occ_residues.PDB_model_num 
_pdbx_unobs_or_zero_occ_residues.polymer_flag 
_pdbx_unobs_or_zero_occ_residues.occupancy_flag 
_pdbx_unobs_or_zero_occ_residues.auth_asym_id 
_pdbx_unobs_or_zero_occ_residues.auth_comp_id 
_pdbx_unobs_or_zero_occ_residues.auth_seq_id 
_pdbx_unobs_or_zero_occ_residues.PDB_ins_code 
_pdbx_unobs_or_zero_occ_residues.label_asym_id 
_pdbx_unobs_or_zero_occ_residues.label_comp_id 
_pdbx_unobs_or_zero_occ_residues.label_seq_id 
1  1 Y 1 A GLN 1   ? A GLN 1   
2  1 Y 1 A GLU 2   ? A GLU 2   
3  1 Y 1 A GLN 3   ? A GLN 3   
4  1 Y 1 A THR 4   ? A THR 4   
5  1 Y 1 A GLY 5   ? A GLY 5   
6  1 Y 1 A GLY 6   ? A GLY 6   
7  1 Y 1 A ALA 147 ? A ALA 147 
8  1 Y 1 A MET 148 ? A MET 148 
9  1 Y 1 A GLU 149 ? A GLU 149 
10 1 Y 1 A GLN 150 ? A GLN 150 
# 
loop_
_chem_comp_atom.comp_id 
_chem_comp_atom.atom_id 
_chem_comp_atom.type_symbol 
_chem_comp_atom.pdbx_aromatic_flag 
_chem_comp_atom.pdbx_stereo_config 
_chem_comp_atom.pdbx_ordinal 
ALA N    N  N N 1   
ALA CA   C  N S 2   
ALA C    C  N N 3   
ALA O    O  N N 4   
ALA CB   C  N N 5   
ALA OXT  O  N N 6   
ALA H    H  N N 7   
ALA H2   H  N N 8   
ALA HA   H  N N 9   
ALA HB1  H  N N 10  
ALA HB2  H  N N 11  
ALA HB3  H  N N 12  
ALA HXT  H  N N 13  
ARG N    N  N N 14  
ARG CA   C  N S 15  
ARG C    C  N N 16  
ARG O    O  N N 17  
ARG CB   C  N N 18  
ARG CG   C  N N 19  
ARG CD   C  N N 20  
ARG NE   N  N N 21  
ARG CZ   C  N N 22  
ARG NH1  N  N N 23  
ARG NH2  N  N N 24  
ARG OXT  O  N N 25  
ARG H    H  N N 26  
ARG H2   H  N N 27  
ARG HA   H  N N 28  
ARG HB2  H  N N 29  
ARG HB3  H  N N 30  
ARG HG2  H  N N 31  
ARG HG3  H  N N 32  
ARG HD2  H  N N 33  
ARG HD3  H  N N 34  
ARG HE   H  N N 35  
ARG HH11 H  N N 36  
ARG HH12 H  N N 37  
ARG HH21 H  N N 38  
ARG HH22 H  N N 39  
ARG HXT  H  N N 40  
ASN N    N  N N 41  
ASN CA   C  N S 42  
ASN C    C  N N 43  
ASN O    O  N N 44  
ASN CB   C  N N 45  
ASN CG   C  N N 46  
ASN OD1  O  N N 47  
ASN ND2  N  N N 48  
ASN OXT  O  N N 49  
ASN H    H  N N 50  
ASN H2   H  N N 51  
ASN HA   H  N N 52  
ASN HB2  H  N N 53  
ASN HB3  H  N N 54  
ASN HD21 H  N N 55  
ASN HD22 H  N N 56  
ASN HXT  H  N N 57  
ASP N    N  N N 58  
ASP CA   C  N S 59  
ASP C    C  N N 60  
ASP O    O  N N 61  
ASP CB   C  N N 62  
ASP CG   C  N N 63  
ASP OD1  O  N N 64  
ASP OD2  O  N N 65  
ASP OXT  O  N N 66  
ASP H    H  N N 67  
ASP H2   H  N N 68  
ASP HA   H  N N 69  
ASP HB2  H  N N 70  
ASP HB3  H  N N 71  
ASP HD2  H  N N 72  
ASP HXT  H  N N 73  
CYS N    N  N N 74  
CYS CA   C  N R 75  
CYS C    C  N N 76  
CYS O    O  N N 77  
CYS CB   C  N N 78  
CYS SG   S  N N 79  
CYS OXT  O  N N 80  
CYS H    H  N N 81  
CYS H2   H  N N 82  
CYS HA   H  N N 83  
CYS HB2  H  N N 84  
CYS HB3  H  N N 85  
CYS HG   H  N N 86  
CYS HXT  H  N N 87  
DMS S    S  N N 88  
DMS O    O  N N 89  
DMS C1   C  N N 90  
DMS C2   C  N N 91  
DMS H11  H  N N 92  
DMS H12  H  N N 93  
DMS H13  H  N N 94  
DMS H21  H  N N 95  
DMS H22  H  N N 96  
DMS H23  H  N N 97  
GLN N    N  N N 98  
GLN CA   C  N S 99  
GLN C    C  N N 100 
GLN O    O  N N 101 
GLN CB   C  N N 102 
GLN CG   C  N N 103 
GLN CD   C  N N 104 
GLN OE1  O  N N 105 
GLN NE2  N  N N 106 
GLN OXT  O  N N 107 
GLN H    H  N N 108 
GLN H2   H  N N 109 
GLN HA   H  N N 110 
GLN HB2  H  N N 111 
GLN HB3  H  N N 112 
GLN HG2  H  N N 113 
GLN HG3  H  N N 114 
GLN HE21 H  N N 115 
GLN HE22 H  N N 116 
GLN HXT  H  N N 117 
GLU N    N  N N 118 
GLU CA   C  N S 119 
GLU C    C  N N 120 
GLU O    O  N N 121 
GLU CB   C  N N 122 
GLU CG   C  N N 123 
GLU CD   C  N N 124 
GLU OE1  O  N N 125 
GLU OE2  O  N N 126 
GLU OXT  O  N N 127 
GLU H    H  N N 128 
GLU H2   H  N N 129 
GLU HA   H  N N 130 
GLU HB2  H  N N 131 
GLU HB3  H  N N 132 
GLU HG2  H  N N 133 
GLU HG3  H  N N 134 
GLU HE2  H  N N 135 
GLU HXT  H  N N 136 
GLY N    N  N N 137 
GLY CA   C  N N 138 
GLY C    C  N N 139 
GLY O    O  N N 140 
GLY OXT  O  N N 141 
GLY H    H  N N 142 
GLY H2   H  N N 143 
GLY HA2  H  N N 144 
GLY HA3  H  N N 145 
GLY HXT  H  N N 146 
HIS N    N  N N 147 
HIS CA   C  N S 148 
HIS C    C  N N 149 
HIS O    O  N N 150 
HIS CB   C  N N 151 
HIS CG   C  Y N 152 
HIS ND1  N  Y N 153 
HIS CD2  C  Y N 154 
HIS CE1  C  Y N 155 
HIS NE2  N  Y N 156 
HIS OXT  O  N N 157 
HIS H    H  N N 158 
HIS H2   H  N N 159 
HIS HA   H  N N 160 
HIS HB2  H  N N 161 
HIS HB3  H  N N 162 
HIS HD1  H  N N 163 
HIS HD2  H  N N 164 
HIS HE1  H  N N 165 
HIS HE2  H  N N 166 
HIS HXT  H  N N 167 
HOH O    O  N N 168 
HOH H1   H  N N 169 
HOH H2   H  N N 170 
ILE N    N  N N 171 
ILE CA   C  N S 172 
ILE C    C  N N 173 
ILE O    O  N N 174 
ILE CB   C  N S 175 
ILE CG1  C  N N 176 
ILE CG2  C  N N 177 
ILE CD1  C  N N 178 
ILE OXT  O  N N 179 
ILE H    H  N N 180 
ILE H2   H  N N 181 
ILE HA   H  N N 182 
ILE HB   H  N N 183 
ILE HG12 H  N N 184 
ILE HG13 H  N N 185 
ILE HG21 H  N N 186 
ILE HG22 H  N N 187 
ILE HG23 H  N N 188 
ILE HD11 H  N N 189 
ILE HD12 H  N N 190 
ILE HD13 H  N N 191 
ILE HXT  H  N N 192 
LEU N    N  N N 193 
LEU CA   C  N S 194 
LEU C    C  N N 195 
LEU O    O  N N 196 
LEU CB   C  N N 197 
LEU CG   C  N N 198 
LEU CD1  C  N N 199 
LEU CD2  C  N N 200 
LEU OXT  O  N N 201 
LEU H    H  N N 202 
LEU H2   H  N N 203 
LEU HA   H  N N 204 
LEU HB2  H  N N 205 
LEU HB3  H  N N 206 
LEU HG   H  N N 207 
LEU HD11 H  N N 208 
LEU HD12 H  N N 209 
LEU HD13 H  N N 210 
LEU HD21 H  N N 211 
LEU HD22 H  N N 212 
LEU HD23 H  N N 213 
LEU HXT  H  N N 214 
LYS N    N  N N 215 
LYS CA   C  N S 216 
LYS C    C  N N 217 
LYS O    O  N N 218 
LYS CB   C  N N 219 
LYS CG   C  N N 220 
LYS CD   C  N N 221 
LYS CE   C  N N 222 
LYS NZ   N  N N 223 
LYS OXT  O  N N 224 
LYS H    H  N N 225 
LYS H2   H  N N 226 
LYS HA   H  N N 227 
LYS HB2  H  N N 228 
LYS HB3  H  N N 229 
LYS HG2  H  N N 230 
LYS HG3  H  N N 231 
LYS HD2  H  N N 232 
LYS HD3  H  N N 233 
LYS HE2  H  N N 234 
LYS HE3  H  N N 235 
LYS HZ1  H  N N 236 
LYS HZ2  H  N N 237 
LYS HZ3  H  N N 238 
LYS HXT  H  N N 239 
MET N    N  N N 240 
MET CA   C  N S 241 
MET C    C  N N 242 
MET O    O  N N 243 
MET CB   C  N N 244 
MET CG   C  N N 245 
MET SD   S  N N 246 
MET CE   C  N N 247 
MET OXT  O  N N 248 
MET H    H  N N 249 
MET H2   H  N N 250 
MET HA   H  N N 251 
MET HB2  H  N N 252 
MET HB3  H  N N 253 
MET HG2  H  N N 254 
MET HG3  H  N N 255 
MET HE1  H  N N 256 
MET HE2  H  N N 257 
MET HE3  H  N N 258 
MET HXT  H  N N 259 
PHE N    N  N N 260 
PHE CA   C  N S 261 
PHE C    C  N N 262 
PHE O    O  N N 263 
PHE CB   C  N N 264 
PHE CG   C  Y N 265 
PHE CD1  C  Y N 266 
PHE CD2  C  Y N 267 
PHE CE1  C  Y N 268 
PHE CE2  C  Y N 269 
PHE CZ   C  Y N 270 
PHE OXT  O  N N 271 
PHE H    H  N N 272 
PHE H2   H  N N 273 
PHE HA   H  N N 274 
PHE HB2  H  N N 275 
PHE HB3  H  N N 276 
PHE HD1  H  N N 277 
PHE HD2  H  N N 278 
PHE HE1  H  N N 279 
PHE HE2  H  N N 280 
PHE HZ   H  N N 281 
PHE HXT  H  N N 282 
PRO N    N  N N 283 
PRO CA   C  N S 284 
PRO C    C  N N 285 
PRO O    O  N N 286 
PRO CB   C  N N 287 
PRO CG   C  N N 288 
PRO CD   C  N N 289 
PRO OXT  O  N N 290 
PRO H    H  N N 291 
PRO HA   H  N N 292 
PRO HB2  H  N N 293 
PRO HB3  H  N N 294 
PRO HG2  H  N N 295 
PRO HG3  H  N N 296 
PRO HD2  H  N N 297 
PRO HD3  H  N N 298 
PRO HXT  H  N N 299 
RY4 N1   N  N N 300 
RY4 C4   C  Y N 301 
RY4 C5   C  Y N 302 
RY4 C6   C  Y N 303 
RY4 C7   C  Y N 304 
RY4 C8   C  N N 305 
RY4 C1   C  N N 306 
RY4 C2   C  Y N 307 
RY4 C3   C  Y N 308 
RY4 N2   N  N N 309 
RY4 O1   O  N N 310 
RY4 O2   O  N N 311 
RY4 S1   S  N N 312 
RY4 H1   H  N N 313 
RY4 H2   H  N N 314 
RY4 H3   H  N N 315 
RY4 H4   H  N N 316 
RY4 H5   H  N N 317 
RY4 H6   H  N N 318 
RY4 H7   H  N N 319 
RY4 H8   H  N N 320 
RY4 H9   H  N N 321 
RY4 H10  H  N N 322 
RY4 H11  H  N N 323 
RY4 H12  H  N N 324 
SER N    N  N N 325 
SER CA   C  N S 326 
SER C    C  N N 327 
SER O    O  N N 328 
SER CB   C  N N 329 
SER OG   O  N N 330 
SER OXT  O  N N 331 
SER H    H  N N 332 
SER H2   H  N N 333 
SER HA   H  N N 334 
SER HB2  H  N N 335 
SER HB3  H  N N 336 
SER HG   H  N N 337 
SER HXT  H  N N 338 
THR N    N  N N 339 
THR CA   C  N S 340 
THR C    C  N N 341 
THR O    O  N N 342 
THR CB   C  N R 343 
THR OG1  O  N N 344 
THR CG2  C  N N 345 
THR OXT  O  N N 346 
THR H    H  N N 347 
THR H2   H  N N 348 
THR HA   H  N N 349 
THR HB   H  N N 350 
THR HG1  H  N N 351 
THR HG21 H  N N 352 
THR HG22 H  N N 353 
THR HG23 H  N N 354 
THR HXT  H  N N 355 
TRP N    N  N N 356 
TRP CA   C  N S 357 
TRP C    C  N N 358 
TRP O    O  N N 359 
TRP CB   C  N N 360 
TRP CG   C  Y N 361 
TRP CD1  C  Y N 362 
TRP CD2  C  Y N 363 
TRP NE1  N  Y N 364 
TRP CE2  C  Y N 365 
TRP CE3  C  Y N 366 
TRP CZ2  C  Y N 367 
TRP CZ3  C  Y N 368 
TRP CH2  C  Y N 369 
TRP OXT  O  N N 370 
TRP H    H  N N 371 
TRP H2   H  N N 372 
TRP HA   H  N N 373 
TRP HB2  H  N N 374 
TRP HB3  H  N N 375 
TRP HD1  H  N N 376 
TRP HE1  H  N N 377 
TRP HE3  H  N N 378 
TRP HZ2  H  N N 379 
TRP HZ3  H  N N 380 
TRP HH2  H  N N 381 
TRP HXT  H  N N 382 
TYR N    N  N N 383 
TYR CA   C  N S 384 
TYR C    C  N N 385 
TYR O    O  N N 386 
TYR CB   C  N N 387 
TYR CG   C  Y N 388 
TYR CD1  C  Y N 389 
TYR CD2  C  Y N 390 
TYR CE1  C  Y N 391 
TYR CE2  C  Y N 392 
TYR CZ   C  Y N 393 
TYR OH   O  N N 394 
TYR OXT  O  N N 395 
TYR H    H  N N 396 
TYR H2   H  N N 397 
TYR HA   H  N N 398 
TYR HB2  H  N N 399 
TYR HB3  H  N N 400 
TYR HD1  H  N N 401 
TYR HD2  H  N N 402 
TYR HE1  H  N N 403 
TYR HE2  H  N N 404 
TYR HH   H  N N 405 
TYR HXT  H  N N 406 
VAL N    N  N N 407 
VAL CA   C  N S 408 
VAL C    C  N N 409 
VAL O    O  N N 410 
VAL CB   C  N N 411 
VAL CG1  C  N N 412 
VAL CG2  C  N N 413 
VAL OXT  O  N N 414 
VAL H    H  N N 415 
VAL H2   H  N N 416 
VAL HA   H  N N 417 
VAL HB   H  N N 418 
VAL HG11 H  N N 419 
VAL HG12 H  N N 420 
VAL HG13 H  N N 421 
VAL HG21 H  N N 422 
VAL HG22 H  N N 423 
VAL HG23 H  N N 424 
VAL HXT  H  N N 425 
ZN  ZN   ZN N N 426 
# 
loop_
_chem_comp_bond.comp_id 
_chem_comp_bond.atom_id_1 
_chem_comp_bond.atom_id_2 
_chem_comp_bond.value_order 
_chem_comp_bond.pdbx_aromatic_flag 
_chem_comp_bond.pdbx_stereo_config 
_chem_comp_bond.pdbx_ordinal 
ALA N   CA   sing N N 1   
ALA N   H    sing N N 2   
ALA N   H2   sing N N 3   
ALA CA  C    sing N N 4   
ALA CA  CB   sing N N 5   
ALA CA  HA   sing N N 6   
ALA C   O    doub N N 7   
ALA C   OXT  sing N N 8   
ALA CB  HB1  sing N N 9   
ALA CB  HB2  sing N N 10  
ALA CB  HB3  sing N N 11  
ALA OXT HXT  sing N N 12  
ARG N   CA   sing N N 13  
ARG N   H    sing N N 14  
ARG N   H2   sing N N 15  
ARG CA  C    sing N N 16  
ARG CA  CB   sing N N 17  
ARG CA  HA   sing N N 18  
ARG C   O    doub N N 19  
ARG C   OXT  sing N N 20  
ARG CB  CG   sing N N 21  
ARG CB  HB2  sing N N 22  
ARG CB  HB3  sing N N 23  
ARG CG  CD   sing N N 24  
ARG CG  HG2  sing N N 25  
ARG CG  HG3  sing N N 26  
ARG CD  NE   sing N N 27  
ARG CD  HD2  sing N N 28  
ARG CD  HD3  sing N N 29  
ARG NE  CZ   sing N N 30  
ARG NE  HE   sing N N 31  
ARG CZ  NH1  sing N N 32  
ARG CZ  NH2  doub N N 33  
ARG NH1 HH11 sing N N 34  
ARG NH1 HH12 sing N N 35  
ARG NH2 HH21 sing N N 36  
ARG NH2 HH22 sing N N 37  
ARG OXT HXT  sing N N 38  
ASN N   CA   sing N N 39  
ASN N   H    sing N N 40  
ASN N   H2   sing N N 41  
ASN CA  C    sing N N 42  
ASN CA  CB   sing N N 43  
ASN CA  HA   sing N N 44  
ASN C   O    doub N N 45  
ASN C   OXT  sing N N 46  
ASN CB  CG   sing N N 47  
ASN CB  HB2  sing N N 48  
ASN CB  HB3  sing N N 49  
ASN CG  OD1  doub N N 50  
ASN CG  ND2  sing N N 51  
ASN ND2 HD21 sing N N 52  
ASN ND2 HD22 sing N N 53  
ASN OXT HXT  sing N N 54  
ASP N   CA   sing N N 55  
ASP N   H    sing N N 56  
ASP N   H2   sing N N 57  
ASP CA  C    sing N N 58  
ASP CA  CB   sing N N 59  
ASP CA  HA   sing N N 60  
ASP C   O    doub N N 61  
ASP C   OXT  sing N N 62  
ASP CB  CG   sing N N 63  
ASP CB  HB2  sing N N 64  
ASP CB  HB3  sing N N 65  
ASP CG  OD1  doub N N 66  
ASP CG  OD2  sing N N 67  
ASP OD2 HD2  sing N N 68  
ASP OXT HXT  sing N N 69  
CYS N   CA   sing N N 70  
CYS N   H    sing N N 71  
CYS N   H2   sing N N 72  
CYS CA  C    sing N N 73  
CYS CA  CB   sing N N 74  
CYS CA  HA   sing N N 75  
CYS C   O    doub N N 76  
CYS C   OXT  sing N N 77  
CYS CB  SG   sing N N 78  
CYS CB  HB2  sing N N 79  
CYS CB  HB3  sing N N 80  
CYS SG  HG   sing N N 81  
CYS OXT HXT  sing N N 82  
DMS S   O    doub N N 83  
DMS S   C1   sing N N 84  
DMS S   C2   sing N N 85  
DMS C1  H11  sing N N 86  
DMS C1  H12  sing N N 87  
DMS C1  H13  sing N N 88  
DMS C2  H21  sing N N 89  
DMS C2  H22  sing N N 90  
DMS C2  H23  sing N N 91  
GLN N   CA   sing N N 92  
GLN N   H    sing N N 93  
GLN N   H2   sing N N 94  
GLN CA  C    sing N N 95  
GLN CA  CB   sing N N 96  
GLN CA  HA   sing N N 97  
GLN C   O    doub N N 98  
GLN C   OXT  sing N N 99  
GLN CB  CG   sing N N 100 
GLN CB  HB2  sing N N 101 
GLN CB  HB3  sing N N 102 
GLN CG  CD   sing N N 103 
GLN CG  HG2  sing N N 104 
GLN CG  HG3  sing N N 105 
GLN CD  OE1  doub N N 106 
GLN CD  NE2  sing N N 107 
GLN NE2 HE21 sing N N 108 
GLN NE2 HE22 sing N N 109 
GLN OXT HXT  sing N N 110 
GLU N   CA   sing N N 111 
GLU N   H    sing N N 112 
GLU N   H2   sing N N 113 
GLU CA  C    sing N N 114 
GLU CA  CB   sing N N 115 
GLU CA  HA   sing N N 116 
GLU C   O    doub N N 117 
GLU C   OXT  sing N N 118 
GLU CB  CG   sing N N 119 
GLU CB  HB2  sing N N 120 
GLU CB  HB3  sing N N 121 
GLU CG  CD   sing N N 122 
GLU CG  HG2  sing N N 123 
GLU CG  HG3  sing N N 124 
GLU CD  OE1  doub N N 125 
GLU CD  OE2  sing N N 126 
GLU OE2 HE2  sing N N 127 
GLU OXT HXT  sing N N 128 
GLY N   CA   sing N N 129 
GLY N   H    sing N N 130 
GLY N   H2   sing N N 131 
GLY CA  C    sing N N 132 
GLY CA  HA2  sing N N 133 
GLY CA  HA3  sing N N 134 
GLY C   O    doub N N 135 
GLY C   OXT  sing N N 136 
GLY OXT HXT  sing N N 137 
HIS N   CA   sing N N 138 
HIS N   H    sing N N 139 
HIS N   H2   sing N N 140 
HIS CA  C    sing N N 141 
HIS CA  CB   sing N N 142 
HIS CA  HA   sing N N 143 
HIS C   O    doub N N 144 
HIS C   OXT  sing N N 145 
HIS CB  CG   sing N N 146 
HIS CB  HB2  sing N N 147 
HIS CB  HB3  sing N N 148 
HIS CG  ND1  sing Y N 149 
HIS CG  CD2  doub Y N 150 
HIS ND1 CE1  doub Y N 151 
HIS ND1 HD1  sing N N 152 
HIS CD2 NE2  sing Y N 153 
HIS CD2 HD2  sing N N 154 
HIS CE1 NE2  sing Y N 155 
HIS CE1 HE1  sing N N 156 
HIS NE2 HE2  sing N N 157 
HIS OXT HXT  sing N N 158 
HOH O   H1   sing N N 159 
HOH O   H2   sing N N 160 
ILE N   CA   sing N N 161 
ILE N   H    sing N N 162 
ILE N   H2   sing N N 163 
ILE CA  C    sing N N 164 
ILE CA  CB   sing N N 165 
ILE CA  HA   sing N N 166 
ILE C   O    doub N N 167 
ILE C   OXT  sing N N 168 
ILE CB  CG1  sing N N 169 
ILE CB  CG2  sing N N 170 
ILE CB  HB   sing N N 171 
ILE CG1 CD1  sing N N 172 
ILE CG1 HG12 sing N N 173 
ILE CG1 HG13 sing N N 174 
ILE CG2 HG21 sing N N 175 
ILE CG2 HG22 sing N N 176 
ILE CG2 HG23 sing N N 177 
ILE CD1 HD11 sing N N 178 
ILE CD1 HD12 sing N N 179 
ILE CD1 HD13 sing N N 180 
ILE OXT HXT  sing N N 181 
LEU N   CA   sing N N 182 
LEU N   H    sing N N 183 
LEU N   H2   sing N N 184 
LEU CA  C    sing N N 185 
LEU CA  CB   sing N N 186 
LEU CA  HA   sing N N 187 
LEU C   O    doub N N 188 
LEU C   OXT  sing N N 189 
LEU CB  CG   sing N N 190 
LEU CB  HB2  sing N N 191 
LEU CB  HB3  sing N N 192 
LEU CG  CD1  sing N N 193 
LEU CG  CD2  sing N N 194 
LEU CG  HG   sing N N 195 
LEU CD1 HD11 sing N N 196 
LEU CD1 HD12 sing N N 197 
LEU CD1 HD13 sing N N 198 
LEU CD2 HD21 sing N N 199 
LEU CD2 HD22 sing N N 200 
LEU CD2 HD23 sing N N 201 
LEU OXT HXT  sing N N 202 
LYS N   CA   sing N N 203 
LYS N   H    sing N N 204 
LYS N   H2   sing N N 205 
LYS CA  C    sing N N 206 
LYS CA  CB   sing N N 207 
LYS CA  HA   sing N N 208 
LYS C   O    doub N N 209 
LYS C   OXT  sing N N 210 
LYS CB  CG   sing N N 211 
LYS CB  HB2  sing N N 212 
LYS CB  HB3  sing N N 213 
LYS CG  CD   sing N N 214 
LYS CG  HG2  sing N N 215 
LYS CG  HG3  sing N N 216 
LYS CD  CE   sing N N 217 
LYS CD  HD2  sing N N 218 
LYS CD  HD3  sing N N 219 
LYS CE  NZ   sing N N 220 
LYS CE  HE2  sing N N 221 
LYS CE  HE3  sing N N 222 
LYS NZ  HZ1  sing N N 223 
LYS NZ  HZ2  sing N N 224 
LYS NZ  HZ3  sing N N 225 
LYS OXT HXT  sing N N 226 
MET N   CA   sing N N 227 
MET N   H    sing N N 228 
MET N   H2   sing N N 229 
MET CA  C    sing N N 230 
MET CA  CB   sing N N 231 
MET CA  HA   sing N N 232 
MET C   O    doub N N 233 
MET C   OXT  sing N N 234 
MET CB  CG   sing N N 235 
MET CB  HB2  sing N N 236 
MET CB  HB3  sing N N 237 
MET CG  SD   sing N N 238 
MET CG  HG2  sing N N 239 
MET CG  HG3  sing N N 240 
MET SD  CE   sing N N 241 
MET CE  HE1  sing N N 242 
MET CE  HE2  sing N N 243 
MET CE  HE3  sing N N 244 
MET OXT HXT  sing N N 245 
PHE N   CA   sing N N 246 
PHE N   H    sing N N 247 
PHE N   H2   sing N N 248 
PHE CA  C    sing N N 249 
PHE CA  CB   sing N N 250 
PHE CA  HA   sing N N 251 
PHE C   O    doub N N 252 
PHE C   OXT  sing N N 253 
PHE CB  CG   sing N N 254 
PHE CB  HB2  sing N N 255 
PHE CB  HB3  sing N N 256 
PHE CG  CD1  doub Y N 257 
PHE CG  CD2  sing Y N 258 
PHE CD1 CE1  sing Y N 259 
PHE CD1 HD1  sing N N 260 
PHE CD2 CE2  doub Y N 261 
PHE CD2 HD2  sing N N 262 
PHE CE1 CZ   doub Y N 263 
PHE CE1 HE1  sing N N 264 
PHE CE2 CZ   sing Y N 265 
PHE CE2 HE2  sing N N 266 
PHE CZ  HZ   sing N N 267 
PHE OXT HXT  sing N N 268 
PRO N   CA   sing N N 269 
PRO N   CD   sing N N 270 
PRO N   H    sing N N 271 
PRO CA  C    sing N N 272 
PRO CA  CB   sing N N 273 
PRO CA  HA   sing N N 274 
PRO C   O    doub N N 275 
PRO C   OXT  sing N N 276 
PRO CB  CG   sing N N 277 
PRO CB  HB2  sing N N 278 
PRO CB  HB3  sing N N 279 
PRO CG  CD   sing N N 280 
PRO CG  HG2  sing N N 281 
PRO CG  HG3  sing N N 282 
PRO CD  HD2  sing N N 283 
PRO CD  HD3  sing N N 284 
PRO OXT HXT  sing N N 285 
RY4 C1  S1   sing N N 286 
RY4 N1  S1   sing N N 287 
RY4 N1  C2   sing N N 288 
RY4 S1  O1   doub N N 289 
RY4 S1  O2   doub N N 290 
RY4 C7  C2   doub Y N 291 
RY4 C7  C6   sing Y N 292 
RY4 C2  C3   sing Y N 293 
RY4 C6  C5   doub Y N 294 
RY4 C3  C4   doub Y N 295 
RY4 C5  C4   sing Y N 296 
RY4 C5  C8   sing N N 297 
RY4 N2  C8   sing N N 298 
RY4 N1  H1   sing N N 299 
RY4 C4  H2   sing N N 300 
RY4 C6  H3   sing N N 301 
RY4 C7  H4   sing N N 302 
RY4 C8  H5   sing N N 303 
RY4 C8  H6   sing N N 304 
RY4 C1  H7   sing N N 305 
RY4 C1  H8   sing N N 306 
RY4 C1  H9   sing N N 307 
RY4 C3  H10  sing N N 308 
RY4 N2  H11  sing N N 309 
RY4 N2  H12  sing N N 310 
SER N   CA   sing N N 311 
SER N   H    sing N N 312 
SER N   H2   sing N N 313 
SER CA  C    sing N N 314 
SER CA  CB   sing N N 315 
SER CA  HA   sing N N 316 
SER C   O    doub N N 317 
SER C   OXT  sing N N 318 
SER CB  OG   sing N N 319 
SER CB  HB2  sing N N 320 
SER CB  HB3  sing N N 321 
SER OG  HG   sing N N 322 
SER OXT HXT  sing N N 323 
THR N   CA   sing N N 324 
THR N   H    sing N N 325 
THR N   H2   sing N N 326 
THR CA  C    sing N N 327 
THR CA  CB   sing N N 328 
THR CA  HA   sing N N 329 
THR C   O    doub N N 330 
THR C   OXT  sing N N 331 
THR CB  OG1  sing N N 332 
THR CB  CG2  sing N N 333 
THR CB  HB   sing N N 334 
THR OG1 HG1  sing N N 335 
THR CG2 HG21 sing N N 336 
THR CG2 HG22 sing N N 337 
THR CG2 HG23 sing N N 338 
THR OXT HXT  sing N N 339 
TRP N   CA   sing N N 340 
TRP N   H    sing N N 341 
TRP N   H2   sing N N 342 
TRP CA  C    sing N N 343 
TRP CA  CB   sing N N 344 
TRP CA  HA   sing N N 345 
TRP C   O    doub N N 346 
TRP C   OXT  sing N N 347 
TRP CB  CG   sing N N 348 
TRP CB  HB2  sing N N 349 
TRP CB  HB3  sing N N 350 
TRP CG  CD1  doub Y N 351 
TRP CG  CD2  sing Y N 352 
TRP CD1 NE1  sing Y N 353 
TRP CD1 HD1  sing N N 354 
TRP CD2 CE2  doub Y N 355 
TRP CD2 CE3  sing Y N 356 
TRP NE1 CE2  sing Y N 357 
TRP NE1 HE1  sing N N 358 
TRP CE2 CZ2  sing Y N 359 
TRP CE3 CZ3  doub Y N 360 
TRP CE3 HE3  sing N N 361 
TRP CZ2 CH2  doub Y N 362 
TRP CZ2 HZ2  sing N N 363 
TRP CZ3 CH2  sing Y N 364 
TRP CZ3 HZ3  sing N N 365 
TRP CH2 HH2  sing N N 366 
TRP OXT HXT  sing N N 367 
TYR N   CA   sing N N 368 
TYR N   H    sing N N 369 
TYR N   H2   sing N N 370 
TYR CA  C    sing N N 371 
TYR CA  CB   sing N N 372 
TYR CA  HA   sing N N 373 
TYR C   O    doub N N 374 
TYR C   OXT  sing N N 375 
TYR CB  CG   sing N N 376 
TYR CB  HB2  sing N N 377 
TYR CB  HB3  sing N N 378 
TYR CG  CD1  doub Y N 379 
TYR CG  CD2  sing Y N 380 
TYR CD1 CE1  sing Y N 381 
TYR CD1 HD1  sing N N 382 
TYR CD2 CE2  doub Y N 383 
TYR CD2 HD2  sing N N 384 
TYR CE1 CZ   doub Y N 385 
TYR CE1 HE1  sing N N 386 
TYR CE2 CZ   sing Y N 387 
TYR CE2 HE2  sing N N 388 
TYR CZ  OH   sing N N 389 
TYR OH  HH   sing N N 390 
TYR OXT HXT  sing N N 391 
VAL N   CA   sing N N 392 
VAL N   H    sing N N 393 
VAL N   H2   sing N N 394 
VAL CA  C    sing N N 395 
VAL CA  CB   sing N N 396 
VAL CA  HA   sing N N 397 
VAL C   O    doub N N 398 
VAL C   OXT  sing N N 399 
VAL CB  CG1  sing N N 400 
VAL CB  CG2  sing N N 401 
VAL CB  HB   sing N N 402 
VAL CG1 HG11 sing N N 403 
VAL CG1 HG12 sing N N 404 
VAL CG1 HG13 sing N N 405 
VAL CG2 HG21 sing N N 406 
VAL CG2 HG22 sing N N 407 
VAL CG2 HG23 sing N N 408 
VAL OXT HXT  sing N N 409 
# 
_pdbx_audit_support.funding_organization   
'National Institutes of Health/National Institute Of Allergy and Infectious Diseases (NIH/NIAID)' 
_pdbx_audit_support.country                'United States' 
_pdbx_audit_support.grant_number           U19AI171399 
_pdbx_audit_support.ordinal                1 
# 
_pdbx_deposit_group.group_id            G_1002288 
_pdbx_deposit_group.group_description   'Crystallographic fragment screening of Coxsackievirus A16 (G-10) 2A protease' 
_pdbx_deposit_group.group_title         
'Group deposition for crystallographic fragment screening of Coxsackievirus A16 (G-10) 2A protease' 
_pdbx_deposit_group.group_type          'changed state' 
# 
_atom_sites.entry_id                    7H2Z 
_atom_sites.fract_transf_matrix[1][1]   -0.00314645 
_atom_sites.fract_transf_matrix[1][2]   -0.01028220 
_atom_sites.fract_transf_matrix[1][3]   -0.00454758 
_atom_sites.fract_transf_matrix[2][1]   0.00932083 
_atom_sites.fract_transf_matrix[2][2]   0.00361186 
_atom_sites.fract_transf_matrix[2][3]   -0.01461555 
_atom_sites.fract_transf_matrix[3][1]   0.02404259 
_atom_sites.fract_transf_matrix[3][2]   -0.01578745 
_atom_sites.fract_transf_matrix[3][3]   0.01143130 
_atom_sites.fract_transf_vector[1]      0.185830 
_atom_sites.fract_transf_vector[2]      0.124135 
_atom_sites.fract_transf_vector[3]      0.450062 
# 
loop_
_atom_type.symbol 
C  
N  
O  
S  
ZN 
# 
loop_
_atom_site.group_PDB 
_atom_site.id 
_atom_site.type_symbol 
_atom_site.label_atom_id 
_atom_site.label_alt_id 
_atom_site.label_comp_id 
_atom_site.label_asym_id 
_atom_site.label_entity_id 
_atom_site.label_seq_id 
_atom_site.pdbx_PDB_ins_code 
_atom_site.Cartn_x 
_atom_site.Cartn_y 
_atom_site.Cartn_z 
_atom_site.occupancy 
_atom_site.B_iso_or_equiv 
_atom_site.pdbx_formal_charge 
_atom_site.auth_seq_id 
_atom_site.auth_comp_id 
_atom_site.auth_asym_id 
_atom_site.auth_atom_id 
_atom_site.pdbx_PDB_model_num 
ATOM   1    N  N   . SER A 1 7   ? 6.459   -8.083  2.754   1.00 12.97  ? 7   SER A N   1 
ATOM   2    C  CA  . SER A 1 7   ? 5.513   -8.680  1.856   1.00 13.28  ? 7   SER A CA  1 
ATOM   3    C  C   . SER A 1 7   ? 4.100   -8.440  2.372   1.00 12.82  ? 7   SER A C   1 
ATOM   4    O  O   . SER A 1 7   ? 3.889   -8.141  3.554   1.00 14.28  ? 7   SER A O   1 
ATOM   5    C  CB  . SER A 1 7   ? 5.812   -10.168 1.666   1.00 15.76  ? 7   SER A CB  1 
ATOM   6    O  OG  . SER A 1 7   ? 5.621   -10.820 2.883   1.00 19.56  ? 7   SER A OG  1 
ATOM   7    N  N   . GLY A 1 8   ? 3.148   -8.579  1.496   1.00 11.96  ? 8   GLY A N   1 
ATOM   8    C  CA  . GLY A 1 8   ? 1.741   -8.517  1.869   1.00 11.83  ? 8   GLY A CA  1 
ATOM   9    C  C   . GLY A 1 8   ? 0.877   -8.018  0.753   1.00 10.44  ? 8   GLY A C   1 
ATOM   10   O  O   . GLY A 1 8   ? 1.383   -7.345  -0.121  1.00 12.64  ? 8   GLY A O   1 
ATOM   11   N  N   . ALA A 1 9   ? -0.426  -8.287  0.798   1.00 11.35  ? 9   ALA A N   1 
ATOM   12   C  CA  . ALA A 1 9   ? -1.365  -7.858  -0.218  1.00 11.26  ? 9   ALA A CA  1 
ATOM   13   C  C   . ALA A 1 9   ? -2.687  -7.496  0.425   1.00 10.27  ? 9   ALA A C   1 
ATOM   14   O  O   . ALA A 1 9   ? -2.965  -7.908  1.587   1.00 12.36  ? 9   ALA A O   1 
ATOM   15   C  CB  . ALA A 1 9   ? -1.587  -8.953  -1.230  1.00 12.52  ? 9   ALA A CB  1 
ATOM   16   N  N   . ILE A 1 10  ? -3.483  -6.802  -0.322  1.00 10.54  ? 10  ILE A N   1 
ATOM   17   C  CA  . ILE A 1 10  ? -4.906  -6.578  -0.034  1.00 11.52  ? 10  ILE A CA  1 
ATOM   18   C  C   . ILE A 1 10  ? -5.689  -7.518  -0.924  1.00 12.76  ? 10  ILE A C   1 
ATOM   19   O  O   . ILE A 1 10  ? -5.436  -7.545  -2.126  1.00 12.77  ? 10  ILE A O   1 
ATOM   20   C  CB  . ILE A 1 10  ? -5.344  -5.116  -0.259  1.00 10.18  ? 10  ILE A CB  1 
ATOM   21   C  CG1 . ILE A 1 10  ? -4.405  -4.114  0.414   1.00 11.19  ? 10  ILE A CG1 1 
ATOM   22   C  CG2 . ILE A 1 10  ? -6.765  -4.927  0.246   1.00 12.50  ? 10  ILE A CG2 1 
ATOM   23   C  CD1 . ILE A 1 10  ? -4.578  -2.717  -0.076  1.00 10.87  ? 10  ILE A CD1 1 
ATOM   24   N  N   . TYR A 1 11  ? -6.700  -8.175  -0.343  1.00 14.25  ? 11  TYR A N   1 
ATOM   25   C  CA  . TYR A 1 11  ? -7.601  -9.113  -1.053  1.00 16.03  ? 11  TYR A CA  1 
ATOM   26   C  C   . TYR A 1 11  ? -9.010  -8.584  -0.912  1.00 15.68  ? 11  TYR A C   1 
ATOM   27   O  O   . TYR A 1 11  ? -9.577  -8.747  0.182   1.00 16.71  ? 11  TYR A O   1 
ATOM   28   C  CB  . TYR A 1 11  ? -7.483  -10.535 -0.513  1.00 16.39  ? 11  TYR A CB  1 
ATOM   29   C  CG  . TYR A 1 11  ? -6.126  -11.102 -0.825  1.00 15.93  ? 11  TYR A CG  1 
ATOM   30   C  CD1 . TYR A 1 11  ? -5.789  -11.634 -2.068  1.00 16.53  ? 11  TYR A CD1 1 
ATOM   31   C  CD2 . TYR A 1 11  ? -5.171  -11.108 0.145   1.00 17.62  ? 11  TYR A CD2 1 
ATOM   32   C  CE1 . TYR A 1 11  ? -4.516  -12.119 -2.321  1.00 15.16  ? 11  TYR A CE1 1 
ATOM   33   C  CE2 . TYR A 1 11  ? -3.889  -11.614 -0.075  1.00 18.02  ? 11  TYR A CE2 1 
ATOM   34   C  CZ  . TYR A 1 11  ? -3.571  -12.106 -1.333  1.00 17.30  ? 11  TYR A CZ  1 
ATOM   35   O  OH  . TYR A 1 11  ? -2.321  -12.616 -1.609  1.00 17.21  ? 11  TYR A OH  1 
ATOM   36   N  N   . VAL A 1 12  ? -9.472  -7.969  -1.945  1.00 14.35  ? 12  VAL A N   1 
ATOM   37   C  CA  . VAL A 1 12  ? -10.814 -7.314  -2.018  1.00 16.48  ? 12  VAL A CA  1 
ATOM   38   C  C   . VAL A 1 12  ? -11.533 -7.815  -3.251  1.00 17.46  ? 12  VAL A C   1 
ATOM   39   O  O   . VAL A 1 12  ? -11.033 -7.723  -4.407  1.00 17.21  ? 12  VAL A O   1 
ATOM   40   C  CB  . VAL A 1 12  ? -10.766 -5.767  -1.984  1.00 16.61  ? 12  VAL A CB  1 
ATOM   41   C  CG1 . VAL A 1 12  ? -9.940  -5.134  -3.083  1.00 16.24  ? 12  VAL A CG1 1 
ATOM   42   C  CG2 . VAL A 1 12  ? -12.175 -5.197  -2.004  1.00 16.73  ? 12  VAL A CG2 1 
ATOM   43   N  N   . GLY A 1 13  ? -12.728 -8.366  -3.020  1.00 18.42  ? 13  GLY A N   1 
ATOM   44   C  CA  . GLY A 1 13  ? -13.405 -9.004  -4.137  1.00 18.78  ? 13  GLY A CA  1 
ATOM   45   C  C   . GLY A 1 13  ? -12.529 -10.094 -4.781  1.00 14.68  ? 13  GLY A C   1 
ATOM   46   O  O   . GLY A 1 13  ? -11.992 -10.880 -4.053  1.00 17.38  ? 13  GLY A O   1 
ATOM   47   N  N   . ASN A 1 14  ? -12.453 -9.967  -6.074  1.00 18.28  ? 14  ASN A N   1 
ATOM   48   C  CA  . ASN A 1 14  ? -11.595 -10.845 -6.924  1.00 19.15  ? 14  ASN A CA  1 
ATOM   49   C  C   . ASN A 1 14  ? -10.352 -10.084 -7.413  1.00 20.00  ? 14  ASN A C   1 
ATOM   50   O  O   . ASN A 1 14  ? -9.898  -10.254 -8.579  1.00 20.40  ? 14  ASN A O   1 
ATOM   51   C  CB  . ASN A 1 14  ? -12.413 -11.569 -7.993  1.00 22.35  ? 14  ASN A CB  1 
ATOM   52   C  CG  . ASN A 1 14  ? -13.304 -12.663 -7.412  1.00 22.12  ? 14  ASN A CG  1 
ATOM   53   O  OD1 . ASN A 1 14  ? -12.929 -13.829 -7.329  1.00 28.41  ? 14  ASN A OD1 1 
ATOM   54   N  ND2 . ASN A 1 14  ? -14.494 -12.279 -6.997  1.00 21.96  ? 14  ASN A ND2 1 
ATOM   55   N  N   . TYR A 1 15  ? -9.828  -9.222  -6.534  1.00 16.12  ? 15  TYR A N   1 
ATOM   56   C  CA  . TYR A 1 15  ? -8.595  -8.442  -6.788  1.00 14.77  ? 15  TYR A CA  1 
ATOM   57   C  C   . TYR A 1 15  ? -7.603  -8.754  -5.688  1.00 14.79  ? 15  TYR A C   1 
ATOM   58   O  O   . TYR A 1 15  ? -7.891  -8.963  -4.504  1.00 14.63  ? 15  TYR A O   1 
ATOM   59   C  CB  . TYR A 1 15  ? -8.891  -6.940  -6.858  1.00 15.86  ? 15  TYR A CB  1 
ATOM   60   C  CG  . TYR A 1 15  ? -9.838  -6.530  -7.922  1.00 16.68  ? 15  TYR A CG  1 
ATOM   61   C  CD1 . TYR A 1 15  ? -9.584  -6.807  -9.255  1.00 18.34  ? 15  TYR A CD1 1 
ATOM   62   C  CD2 . TYR A 1 15  ? -11.006 -5.853  -7.597  1.00 17.29  ? 15  TYR A CD2 1 
ATOM   63   C  CE1 . TYR A 1 15  ? -10.452 -6.416  -10.248 1.00 20.66  ? 15  TYR A CE1 1 
ATOM   64   C  CE2 . TYR A 1 15  ? -11.857 -5.405  -8.587  1.00 19.09  ? 15  TYR A CE2 1 
ATOM   65   C  CZ  . TYR A 1 15  ? -11.588 -5.695  -9.916  1.00 22.03  ? 15  TYR A CZ  1 
ATOM   66   O  OH  . TYR A 1 15  ? -12.446 -5.307  -10.892 1.00 27.38  ? 15  TYR A OH  1 
ATOM   67   N  N   . ARG A 1 16  ? -6.323  -8.738  -6.109  1.00 13.75  ? 16  ARG A N   1 
ATOM   68   C  CA  . ARG A 1 16  ? -5.151  -8.807  -5.249  1.00 12.61  ? 16  ARG A CA  1 
ATOM   69   C  C   . ARG A 1 16  ? -4.347  -7.549  -5.519  1.00 12.28  ? 16  ARG A C   1 
ATOM   70   O  O   . ARG A 1 16  ? -3.965  -7.283  -6.671  1.00 12.74  ? 16  ARG A O   1 
ATOM   71   C  CB  . ARG A 1 16  ? -4.345  -10.069 -5.548  1.00 12.78  ? 16  ARG A CB  1 
ATOM   72   C  CG  . ARG A 1 16  ? -2.930  -10.081 -5.010  1.00 13.31  ? 16  ARG A CG  1 
ATOM   73   C  CD  . ARG A 1 16  ? -2.266  -11.435 -5.276  1.00 13.04  ? 16  ARG A CD  1 
ATOM   74   N  NE  . ARG A 1 16  ? -0.821  -11.356 -5.514  1.00 12.79  ? 16  ARG A NE  1 
ATOM   75   C  CZ  . ARG A 1 16  ? 0.122   -11.425 -4.647  1.00 13.10  ? 16  ARG A CZ  1 
ATOM   76   N  NH1 . ARG A 1 16  ? -0.128  -11.558 -3.352  1.00 15.41  ? 16  ARG A NH1 1 
ATOM   77   N  NH2 . ARG A 1 16  ? 1.377   -11.320 -5.048  1.00 13.43  ? 16  ARG A NH2 1 
ATOM   78   N  N   . VAL A 1 17  ? -4.119  -6.760  -4.468  1.00 10.75  ? 17  VAL A N   1 
ATOM   79   C  CA  . VAL A 1 17  ? -3.398  -5.473  -4.584  1.00 9.88   ? 17  VAL A CA  1 
ATOM   80   C  C   . VAL A 1 17  ? -2.056  -5.678  -3.905  1.00 10.72  ? 17  VAL A C   1 
ATOM   81   O  O   . VAL A 1 17  ? -2.000  -6.014  -2.709  1.00 10.16  ? 17  VAL A O   1 
ATOM   82   C  CB  . VAL A 1 17  ? -4.147  -4.328  -3.887  1.00 10.08  ? 17  VAL A CB  1 
ATOM   83   C  CG1 . VAL A 1 17  ? -3.375  -3.028  -4.177  1.00 10.36  ? 17  VAL A CG1 1 
ATOM   84   C  CG2 . VAL A 1 17  ? -5.605  -4.298  -4.286  1.00 11.59  ? 17  VAL A CG2 1 
ATOM   85   N  N   . VAL A 1 18  ? -0.965  -5.478  -4.635  1.00 9.74   ? 18  VAL A N   1 
ATOM   86   C  CA  . VAL A 1 18  ? 0.393   -5.684  -4.151  1.00 10.12  ? 18  VAL A CA  1 
ATOM   87   C  C   . VAL A 1 18  ? 1.238   -4.487  -4.521  1.00 9.30   ? 18  VAL A C   1 
ATOM   88   O  O   . VAL A 1 18  ? 0.906   -3.708  -5.403  1.00 9.57   ? 18  VAL A O   1 
ATOM   89   C  CB  . VAL A 1 18  ? 1.011   -6.960  -4.719  1.00 10.90  ? 18  VAL A CB  1 
ATOM   90   C  CG1 . VAL A 1 18  ? 0.352   -8.148  -4.075  1.00 13.57  ? 18  VAL A CG1 1 
ATOM   91   C  CG2 . VAL A 1 18  ? 1.076   -7.037  -6.241  1.00 10.86  ? 18  VAL A CG2 1 
ATOM   92   N  N   . ASN A 1 19  ? 2.356   -4.380  -3.806  1.00 9.44   ? 19  ASN A N   1 
ATOM   93   C  CA  . ASN A 1 19  ? 3.364   -3.426  -4.288  1.00 9.05   ? 19  ASN A CA  1 
ATOM   94   C  C   . ASN A 1 19  ? 3.801   -3.847  -5.687  1.00 9.01   ? 19  ASN A C   1 
ATOM   95   O  O   . ASN A 1 19  ? 4.154   -5.017  -5.921  1.00 9.47   ? 19  ASN A O   1 
ATOM   96   C  CB  . ASN A 1 19  ? 4.595   -3.428  -3.388  1.00 9.13   ? 19  ASN A CB  1 
ATOM   97   C  CG  . ASN A 1 19  ? 4.308   -2.984  -1.974  1.00 8.64   ? 19  ASN A CG  1 
ATOM   98   O  OD1 . ASN A 1 19  ? 4.054   -3.812  -1.111  1.00 9.69   ? 19  ASN A OD1 1 
ATOM   99   N  ND2 . ASN A 1 19  ? 4.336   -1.686  -1.763  1.00 9.90   ? 19  ASN A ND2 1 
ATOM   100  N  N   . ARG A 1 20  ? 3.862   -2.903  -6.608  1.00 8.44   ? 20  ARG A N   1 
ATOM   101  C  CA  . ARG A 1 20  ? 4.293   -3.221  -7.988  1.00 9.18   ? 20  ARG A CA  1 
ATOM   102  C  C   . ARG A 1 20  ? 5.644   -3.911  -7.991  1.00 9.50   ? 20  ARG A C   1 
ATOM   103  O  O   . ARG A 1 20  ? 5.839   -4.886  -8.767  1.00 9.77   ? 20  ARG A O   1 
ATOM   104  C  CB  . ARG A 1 20  ? 4.307   -1.975  -8.868  1.00 9.59   ? 20  ARG A CB  1 
ATOM   105  C  CG  . ARG A 1 20  ? 4.462   -2.282  -10.356 1.00 10.81  ? 20  ARG A CG  1 
ATOM   106  C  CD  . ARG A 1 20  ? 4.457   -0.989  -11.109 1.00 11.97  ? 20  ARG A CD  1 
ATOM   107  N  NE  . ARG A 1 20  ? 4.619   -1.118  -12.571 1.00 13.29  ? 20  ARG A NE  1 
ATOM   108  C  CZ  . ARG A 1 20  ? 5.751   -1.300  -13.178 1.00 14.21  ? 20  ARG A CZ  1 
ATOM   109  N  NH1 . ARG A 1 20  ? 6.894   -1.444  -12.552 1.00 16.15  ? 20  ARG A NH1 1 
ATOM   110  N  NH2 . ARG A 1 20  ? 5.768   -1.301  -14.514 1.00 16.58  ? 20  ARG A NH2 1 
ATOM   111  N  N   . HIS A 1 21  ? 6.548   -3.446  -7.133  1.00 9.76   ? 21  HIS A N   1 
ATOM   112  C  CA  . HIS A 1 21  ? 7.916   -3.983  -7.152  1.00 10.02  ? 21  HIS A CA  1 
ATOM   113  C  C   . HIS A 1 21  ? 7.952   -5.391  -6.608  1.00 10.18  ? 21  HIS A C   1 
ATOM   114  O  O   . HIS A 1 21  ? 8.997   -6.049  -6.795  1.00 11.42  ? 21  HIS A O   1 
ATOM   115  C  CB  . HIS A 1 21  ? 8.934   -3.067  -6.472  1.00 10.59  ? 21  HIS A CB  1 
ATOM   116  C  CG  . HIS A 1 21  ? 8.820   -3.020  -4.978  1.00 10.58  ? 21  HIS A CG  1 
ATOM   117  N  ND1 . HIS A 1 21  ? 7.942   -2.151  -4.328  1.00 10.21  ? 21  HIS A ND1 1 
ATOM   118  C  CD2 . HIS A 1 21  ? 9.455   -3.739  -4.024  1.00 10.82  ? 21  HIS A CD2 1 
ATOM   119  C  CE1 . HIS A 1 21  ? 8.107   -2.349  -3.021  1.00 10.63  ? 21  HIS A CE1 1 
ATOM   120  N  NE2 . HIS A 1 21  ? 8.973   -3.298  -2.789  1.00 11.28  ? 21  HIS A NE2 1 
ATOM   121  N  N   . LEU A 1 22  ? 6.924   -5.906  -5.983  1.00 9.70   ? 22  LEU A N   1 
ATOM   122  C  CA  . LEU A 1 22  ? 6.889   -7.280  -5.447  1.00 9.73   ? 22  LEU A CA  1 
ATOM   123  C  C   . LEU A 1 22  ? 5.918   -8.148  -6.261  1.00 9.81   ? 22  LEU A C   1 
ATOM   124  O  O   . LEU A 1 22  ? 5.749   -9.313  -5.887  1.00 11.28  ? 22  LEU A O   1 
ATOM   125  C  CB  . LEU A 1 22  ? 6.465   -7.261  -3.978  1.00 10.64  ? 22  LEU A CB  1 
ATOM   126  C  CG  . LEU A 1 22  ? 7.429   -6.539  -3.044  1.00 10.88  ? 22  LEU A CG  1 
ATOM   127  C  CD1 . LEU A 1 22  ? 6.932   -6.568  -1.607  1.00 11.63  ? 22  LEU A CD1 1 
ATOM   128  C  CD2 . LEU A 1 22  ? 8.840   -7.145  -3.134  1.00 11.75  ? 22  LEU A CD2 1 
ATOM   129  N  N   . ALA A 1 23  ? 5.307   -7.625  -7.310  1.00 9.48   ? 23  ALA A N   1 
ATOM   130  C  CA  . ALA A 1 23  ? 4.369   -8.430  -8.130  1.00 10.04  ? 23  ALA A CA  1 
ATOM   131  C  C   . ALA A 1 23  ? 5.096   -9.624  -8.752  1.00 10.67  ? 23  ALA A C   1 
ATOM   132  O  O   . ALA A 1 23  ? 6.283   -9.489  -9.157  1.00 11.88  ? 23  ALA A O   1 
ATOM   133  C  CB  . ALA A 1 23  ? 3.783   -7.556  -9.205  1.00 10.81  ? 23  ALA A CB  1 
ATOM   134  N  N   . THR A 1 24  ? 4.415   -10.724 -8.818  1.00 11.17  ? 24  THR A N   1 
ATOM   135  C  CA  . THR A 1 24  ? 4.995   -11.962 -9.373  1.00 12.46  ? 24  THR A CA  1 
ATOM   136  C  C   . THR A 1 24  ? 4.677   -12.080 -10.855 1.00 11.19  ? 24  THR A C   1 
ATOM   137  O  O   . THR A 1 24  ? 3.930   -11.321 -11.420 1.00 10.91  ? 24  THR A O   1 
ATOM   138  C  CB  . THR A 1 24  ? 4.392   -13.168 -8.634  1.00 12.99  ? 24  THR A CB  1 
ATOM   139  O  OG1 . THR A 1 24  ? 3.009   -13.235 -8.921  1.00 13.75  ? 24  THR A OG1 1 
ATOM   140  C  CG2 . THR A 1 24  ? 4.638   -13.124 -7.138  1.00 14.34  ? 24  THR A CG2 1 
ATOM   141  N  N   . HIS A 1 25  ? 5.298   -13.087 -11.498 1.00 12.51  ? 25  HIS A N   1 
ATOM   142  C  CA  . HIS A 1 25  ? 4.909   -13.370 -12.889 1.00 13.10  ? 25  HIS A CA  1 
ATOM   143  C  C   . HIS A 1 25  ? 3.403   -13.664 -12.995 1.00 11.41  ? 25  HIS A C   1 
ATOM   144  O  O   . HIS A 1 25  ? 2.771   -13.169 -13.889 1.00 12.04  ? 25  HIS A O   1 
ATOM   145  C  CB  . HIS A 1 25  ? 5.722   -14.545 -13.473 1.00 14.52  ? 25  HIS A CB  1 
ATOM   146  C  CG  . HIS A 1 25  ? 5.097   -15.115 -14.723 1.00 15.76  ? 25  HIS A CG  1 
ATOM   147  N  ND1 . HIS A 1 25  ? 5.190   -14.520 -15.958 1.00 17.19  ? 25  HIS A ND1 1 
ATOM   148  C  CD2 . HIS A 1 25  ? 4.251   -16.171 -14.907 1.00 19.13  ? 25  HIS A CD2 1 
ATOM   149  C  CE1 . HIS A 1 25  ? 4.564   -15.227 -16.866 1.00 17.34  ? 25  HIS A CE1 1 
ATOM   150  N  NE2 . HIS A 1 25  ? 3.914   -16.215 -16.240 1.00 19.82  ? 25  HIS A NE2 1 
ATOM   151  N  N   . ASN A 1 26  ? 2.854   -14.428 -12.043 1.00 13.39  ? 26  ASN A N   1 
ATOM   152  C  CA  . ASN A 1 26  ? 1.415   -14.760 -12.061 1.00 14.08  ? 26  ASN A CA  1 
ATOM   153  C  C   . ASN A 1 26  ? 0.586   -13.468 -11.957 1.00 12.54  ? 26  ASN A C   1 
ATOM   154  O  O   . ASN A 1 26  ? -0.410  -13.311 -12.596 1.00 13.15  ? 26  ASN A O   1 
ATOM   155  C  CB  . ASN A 1 26  ? 1.030   -15.720 -10.939 1.00 16.29  ? 26  ASN A CB  1 
ATOM   156  C  CG  . ASN A 1 26  ? -0.405  -16.159 -11.106 1.00 20.85  ? 26  ASN A CG  1 
ATOM   157  O  OD1 . ASN A 1 26  ? -0.693  -16.968 -11.994 1.00 25.53  ? 26  ASN A OD1 1 
ATOM   158  N  ND2 . ASN A 1 26  ? -1.312  -15.585 -10.341 1.00 22.81  ? 26  ASN A ND2 1 
ATOM   159  N  N   . ASP A 1 27  ? 1.054   -12.513 -11.134 1.00 12.28  ? 27  ASP A N   1 
ATOM   160  C  CA  . ASP A 1 27  ? 0.343   -11.213 -11.082 1.00 11.12  ? 27  ASP A CA  1 
ATOM   161  C  C   . ASP A 1 27  ? 0.300   -10.559 -12.455 1.00 10.22  ? 27  ASP A C   1 
ATOM   162  O  O   . ASP A 1 27  ? -0.714  -10.047 -12.878 1.00 11.50  ? 27  ASP A O   1 
ATOM   163  C  CB  . ASP A 1 27  ? 0.953   -10.246 -10.061 1.00 11.33  ? 27  ASP A CB  1 
ATOM   164  C  CG  . ASP A 1 27  ? 0.764   -10.644 -8.604  1.00 12.05  ? 27  ASP A CG  1 
ATOM   165  O  OD1 . ASP A 1 27  ? -0.362  -11.106 -8.265  1.00 13.28  ? 27  ASP A OD1 1 
ATOM   166  O  OD2 . ASP A 1 27  ? 1.699   -10.549 -7.789  1.00 11.89  ? 27  ASP A OD2 1 
ATOM   167  N  N   . TRP A 1 28  ? 1.489   -10.422 -13.091 1.00 10.57  ? 28  TRP A N   1 
ATOM   168  C  CA  . TRP A 1 28  ? 1.591   -9.763  -14.397 1.00 10.91  ? 28  TRP A CA  1 
ATOM   169  C  C   . TRP A 1 28  ? 0.770   -10.521 -15.457 1.00 9.75   ? 28  TRP A C   1 
ATOM   170  O  O   . TRP A 1 28  ? 0.268   -9.893  -16.309 1.00 11.93  ? 28  TRP A O   1 
ATOM   171  C  CB  . TRP A 1 28  ? 3.052   -9.641  -14.823 1.00 10.27  ? 28  TRP A CB  1 
ATOM   172  C  CG  . TRP A 1 28  ? 3.788   -8.525  -14.121 1.00 9.98   ? 28  TRP A CG  1 
ATOM   173  C  CD1 . TRP A 1 28  ? 4.652   -8.574  -13.083 1.00 11.17  ? 28  TRP A CD1 1 
ATOM   174  C  CD2 . TRP A 1 28  ? 3.678   -7.152  -14.497 1.00 9.98   ? 28  TRP A CD2 1 
ATOM   175  N  NE1 . TRP A 1 28  ? 5.093   -7.300  -12.809 1.00 10.49  ? 28  TRP A NE1 1 
ATOM   176  C  CE2 . TRP A 1 28  ? 4.527   -6.408  -13.646 1.00 9.66   ? 28  TRP A CE2 1 
ATOM   177  C  CE3 . TRP A 1 28  ? 2.959   -6.479  -15.492 1.00 11.05  ? 28  TRP A CE3 1 
ATOM   178  C  CZ2 . TRP A 1 28  ? 4.672   -5.035  -13.802 1.00 11.30  ? 28  TRP A CZ2 1 
ATOM   179  C  CZ3 . TRP A 1 28  ? 3.090   -5.128  -15.634 1.00 11.54  ? 28  TRP A CZ3 1 
ATOM   180  C  CH2 . TRP A 1 28  ? 3.934   -4.418  -14.776 1.00 11.44  ? 28  TRP A CH2 1 
ATOM   181  N  N   . ALA A 1 29  ? 0.705   -11.852 -15.350 1.00 10.93  ? 29  ALA A N   1 
ATOM   182  C  CA  . ALA A 1 29  ? -0.034  -12.699 -16.315 1.00 12.32  ? 29  ALA A CA  1 
ATOM   183  C  C   . ALA A 1 29  ? -1.534  -12.583 -16.090 1.00 13.26  ? 29  ALA A C   1 
ATOM   184  O  O   . ALA A 1 29  ? -2.307  -13.009 -16.995 1.00 14.85  ? 29  ALA A O   1 
ATOM   185  C  CB  . ALA A 1 29  ? 0.432   -14.141 -16.213 1.00 12.73  ? 29  ALA A CB  1 
ATOM   186  N  N   . ASN A 1 30  ? -1.972  -12.058 -14.933 1.00 13.74  ? 30  ASN A N   1 
ATOM   187  C  CA  . ASN A 1 30  ? -3.408  -11.873 -14.589 1.00 14.19  ? 30  ASN A CA  1 
ATOM   188  C  C   . ASN A 1 30  ? -3.638  -10.398 -14.263 1.00 13.77  ? 30  ASN A C   1 
ATOM   189  O  O   . ASN A 1 30  ? -4.387  -10.073 -13.300 1.00 14.91  ? 30  ASN A O   1 
ATOM   190  C  CB  . ASN A 1 30  ? -3.729  -12.803 -13.435 1.00 15.31  ? 30  ASN A CB  1 
ATOM   191  C  CG  . ASN A 1 30  ? -3.689  -14.245 -13.908 1.00 17.14  ? 30  ASN A CG  1 
ATOM   192  O  OD1 . ASN A 1 30  ? -4.630  -14.709 -14.558 1.00 20.39  ? 30  ASN A OD1 1 
ATOM   193  N  ND2 . ASN A 1 30  ? -2.632  -14.941 -13.611 1.00 18.46  ? 30  ASN A ND2 1 
ATOM   194  N  N   . LEU A 1 31  ? -2.991  -9.506  -14.974 1.00 13.90  ? 31  LEU A N   1 
ATOM   195  C  CA  . LEU A 1 31  ? -2.958  -8.078  -14.622 1.00 13.64  ? 31  LEU A CA  1 
ATOM   196  C  C   . LEU A 1 31  ? -4.328  -7.441  -14.808 1.00 14.74  ? 31  LEU A C   1 
ATOM   197  O  O   . LEU A 1 31  ? -5.002  -7.669  -15.848 1.00 15.65  ? 31  LEU A O   1 
ATOM   198  C  CB  . LEU A 1 31  ? -1.964  -7.382  -15.526 1.00 14.03  ? 31  LEU A CB  1 
ATOM   199  C  CG  . LEU A 1 31  ? -1.766  -5.894  -15.233 1.00 13.32  ? 31  LEU A CG  1 
ATOM   200  C  CD1 . LEU A 1 31  ? -1.228  -5.631  -13.847 1.00 14.44  ? 31  LEU A CD1 1 
ATOM   201  C  CD2 . LEU A 1 31  ? -0.862  -5.306  -16.288 1.00 14.41  ? 31  LEU A CD2 1 
ATOM   202  N  N   . VAL A 1 32  ? -4.732  -6.616  -13.838 1.00 13.89  ? 32  VAL A N   1 
ATOM   203  C  CA  . VAL A 1 32  ? -5.903  -5.714  -13.962 1.00 14.27  ? 32  VAL A CA  1 
ATOM   204  C  C   . VAL A 1 32  ? -5.440  -4.296  -14.225 1.00 15.15  ? 32  VAL A C   1 
ATOM   205  O  O   . VAL A 1 32  ? -5.923  -3.622  -15.118 1.00 16.91  ? 32  VAL A O   1 
ATOM   206  C  CB  . VAL A 1 32  ? -6.800  -5.823  -12.718 1.00 15.33  ? 32  VAL A CB  1 
ATOM   207  C  CG1 . VAL A 1 32  ? -7.960  -4.844  -12.711 1.00 16.43  ? 32  VAL A CG1 1 
ATOM   208  C  CG2 . VAL A 1 32  ? -7.312  -7.231  -12.584 1.00 16.64  ? 32  VAL A CG2 1 
ATOM   209  N  N   . TRP A 1 33  ? -4.499  -3.809  -13.421 1.00 12.86  ? 33  TRP A N   1 
ATOM   210  C  CA  . TRP A 1 33  ? -4.090  -2.395  -13.456 1.00 13.88  ? 33  TRP A CA  1 
ATOM   211  C  C   . TRP A 1 33  ? -2.739  -2.272  -12.750 1.00 11.76  ? 33  TRP A C   1 
ATOM   212  O  O   . TRP A 1 33  ? -2.518  -2.987  -11.774 1.00 12.43  ? 33  TRP A O   1 
ATOM   213  C  CB  . TRP A 1 33  ? -5.174  -1.537  -12.782 1.00 14.84  ? 33  TRP A CB  1 
ATOM   214  C  CG  . TRP A 1 33  ? -4.799  -0.117  -12.527 1.00 15.10  ? 33  TRP A CG  1 
ATOM   215  C  CD1 . TRP A 1 33  ? -4.852  0.918   -13.407 1.00 17.92  ? 33  TRP A CD1 1 
ATOM   216  C  CD2 . TRP A 1 33  ? -4.236  0.429   -11.318 1.00 13.64  ? 33  TRP A CD2 1 
ATOM   217  N  NE1 . TRP A 1 33  ? -4.406  2.075   -12.820 1.00 17.99  ? 33  TRP A NE1 1 
ATOM   218  C  CE2 . TRP A 1 33  ? -4.040  1.801   -11.525 1.00 15.47  ? 33  TRP A CE2 1 
ATOM   219  C  CE3 . TRP A 1 33  ? -3.938  -0.113  -10.084 1.00 13.23  ? 33  TRP A CE3 1 
ATOM   220  C  CZ2 . TRP A 1 33  ? -3.596  2.651   -10.505 1.00 14.53  ? 33  TRP A CZ2 1 
ATOM   221  C  CZ3 . TRP A 1 33  ? -3.489  0.723   -9.083  1.00 13.64  ? 33  TRP A CZ3 1 
ATOM   222  C  CH2 . TRP A 1 33  ? -3.300  2.075   -9.306  1.00 14.32  ? 33  TRP A CH2 1 
ATOM   223  N  N   . GLU A 1 34  ? -1.873  -1.421  -13.243 1.00 12.02  ? 34  GLU A N   1 
ATOM   224  C  CA  . GLU A 1 34  ? -0.610  -1.146  -12.520 1.00 12.05  ? 34  GLU A CA  1 
ATOM   225  C  C   . GLU A 1 34  ? -0.169  0.274   -12.753 1.00 12.49  ? 34  GLU A C   1 
ATOM   226  O  O   . GLU A 1 34  ? -0.517  0.857   -13.806 1.00 13.22  ? 34  GLU A O   1 
ATOM   227  C  CB  . GLU A 1 34  ? 0.485   -2.115  -12.922 1.00 11.82  ? 34  GLU A CB  1 
ATOM   228  C  CG  . GLU A 1 34  ? 0.716   -2.178  -14.440 1.00 13.19  ? 34  GLU A CG  1 
ATOM   229  C  CD  . GLU A 1 34  ? 1.690   -1.129  -14.988 1.00 14.07  ? 34  GLU A CD  1 
ATOM   230  O  OE1 . GLU A 1 34  ? 1.648   -0.898  -16.206 1.00 16.11  ? 34  GLU A OE1 1 
ATOM   231  O  OE2 . GLU A 1 34  ? 2.490   -0.544  -14.260 1.00 14.40  ? 34  GLU A OE2 1 
ATOM   232  N  N   . ASP A 1 35  ? 0.539   0.828   -11.790 1.00 12.09  ? 35  ASP A N   1 
ATOM   233  C  CA  . ASP A 1 35  ? 0.995   2.221   -11.895 1.00 13.25  ? 35  ASP A CA  1 
ATOM   234  C  C   . ASP A 1 35  ? 2.334   2.295   -11.153 1.00 12.92  ? 35  ASP A C   1 
ATOM   235  O  O   . ASP A 1 35  ? 2.380   2.192   -9.928  1.00 11.65  ? 35  ASP A O   1 
ATOM   236  C  CB  . ASP A 1 35  ? -0.057  3.153   -11.304 1.00 15.08  ? 35  ASP A CB  1 
ATOM   237  C  CG  . ASP A 1 35  ? 0.272   4.629   -11.346 1.00 15.12  ? 35  ASP A CG  1 
ATOM   238  O  OD1 . ASP A 1 35  ? 1.405   4.979   -11.122 1.00 16.13  ? 35  ASP A OD1 1 
ATOM   239  O  OD2 . ASP A 1 35  ? -0.708  5.419   -11.555 1.00 19.66  ? 35  ASP A OD2 1 
ATOM   240  N  N   A SER A 1 36  ? 3.447   2.447   -11.870 0.25 13.29  ? 36  SER A N   1 
ATOM   241  N  N   B SER A 1 36  ? 3.447   2.447   -11.870 0.25 13.29  ? 36  SER A N   1 
ATOM   242  C  CA  A SER A 1 36  ? 4.810   2.513   -11.295 0.25 13.05  ? 36  SER A CA  1 
ATOM   243  C  CA  B SER A 1 36  ? 4.807   2.508   -11.293 0.25 14.43  ? 36  SER A CA  1 
ATOM   244  C  C   A SER A 1 36  ? 4.954   3.723   -10.369 0.25 12.59  ? 36  SER A C   1 
ATOM   245  C  C   B SER A 1 36  ? 4.954   3.723   -10.369 0.25 12.59  ? 36  SER A C   1 
ATOM   246  O  O   A SER A 1 36  ? 5.564   3.588   -9.331  0.25 14.24  ? 36  SER A O   1 
ATOM   247  O  O   B SER A 1 36  ? 5.564   3.588   -9.331  0.25 14.24  ? 36  SER A O   1 
ATOM   248  C  CB  A SER A 1 36  ? 5.872   2.607   -12.365 0.25 13.57  ? 36  SER A CB  1 
ATOM   249  C  CB  B SER A 1 36  ? 5.830   2.573   -12.391 0.25 16.82  ? 36  SER A CB  1 
ATOM   250  O  OG  A SER A 1 36  ? 7.153   2.818   -11.780 0.25 12.72  ? 36  SER A OG  1 
ATOM   251  O  OG  B SER A 1 36  ? 5.317   3.304   -13.487 0.25 20.79  ? 36  SER A OG  1 
ATOM   252  N  N   . SER A 1 37  ? 4.377   4.841   -10.780 1.00 13.89  ? 37  SER A N   1 
ATOM   253  C  CA  . SER A 1 37  ? 4.492   6.065   -9.948  1.00 13.39  ? 37  SER A CA  1 
ATOM   254  C  C   . SER A 1 37  ? 3.891   5.839   -8.557  1.00 12.53  ? 37  SER A C   1 
ATOM   255  O  O   . SER A 1 37  ? 4.355   6.473   -7.617  1.00 13.92  ? 37  SER A O   1 
ATOM   256  C  CB  . SER A 1 37  ? 3.890   7.280   -10.585 1.00 15.55  ? 37  SER A CB  1 
ATOM   257  O  OG  . SER A 1 37  ? 2.510   7.254   -10.563 1.00 19.28  ? 37  SER A OG  1 
ATOM   258  N  N   . ARG A 1 38  ? 2.892   4.978   -8.435  1.00 10.84  ? 38  ARG A N   1 
ATOM   259  C  CA  . ARG A 1 38  ? 2.213   4.677   -7.140  1.00 9.86   ? 38  ARG A CA  1 
ATOM   260  C  C   . ARG A 1 38  ? 2.811   3.447   -6.445  1.00 10.02  ? 38  ARG A C   1 
ATOM   261  O  O   . ARG A 1 38  ? 2.405   3.142   -5.307  1.00 9.99   ? 38  ARG A O   1 
ATOM   262  C  CB  . ARG A 1 38  ? 0.705   4.451   -7.372  1.00 10.82  ? 38  ARG A CB  1 
ATOM   263  C  CG  . ARG A 1 38  ? -0.014  5.663   -7.928  1.00 11.55  ? 38  ARG A CG  1 
ATOM   264  C  CD  . ARG A 1 38  ? -1.475  5.431   -8.113  1.00 11.59  ? 38  ARG A CD  1 
ATOM   265  N  NE  . ARG A 1 38  ? -2.179  5.179   -6.877  1.00 10.56  ? 38  ARG A NE  1 
ATOM   266  C  CZ  . ARG A 1 38  ? -3.432  5.539   -6.639  1.00 10.96  ? 38  ARG A CZ  1 
ATOM   267  N  NH1 . ARG A 1 38  ? -4.169  6.088   -7.613  1.00 11.84  ? 38  ARG A NH1 1 
ATOM   268  N  NH2 . ARG A 1 38  ? -3.955  5.354   -5.423  1.00 11.32  ? 38  ARG A NH2 1 
ATOM   269  N  N   . ASP A 1 39  ? 3.666   2.687   -7.125  1.00 9.86   ? 39  ASP A N   1 
ATOM   270  C  CA  . ASP A 1 39  ? 4.135   1.383   -6.605  1.00 9.29   ? 39  ASP A CA  1 
ATOM   271  C  C   . ASP A 1 39  ? 2.985   0.414   -6.376  1.00 8.99   ? 39  ASP A C   1 
ATOM   272  O  O   . ASP A 1 39  ? 3.034   -0.324  -5.426  1.00 9.81   ? 39  ASP A O   1 
ATOM   273  C  CB  . ASP A 1 39  ? 5.027   1.532   -5.360  1.00 9.53   ? 39  ASP A CB  1 
ATOM   274  C  CG  . ASP A 1 39  ? 5.613   0.230   -4.862  1.00 10.16  ? 39  ASP A CG  1 
ATOM   275  O  OD1 . ASP A 1 39  ? 6.051   -0.593  -5.749  1.00 10.68  ? 39  ASP A OD1 1 
ATOM   276  O  OD2 . ASP A 1 39  ? 5.727   0.009   -3.650  1.00 10.41  ? 39  ASP A OD2 1 
ATOM   277  N  N   . LEU A 1 40  ? 1.975   0.418   -7.259  1.00 9.81   ? 40  LEU A N   1 
ATOM   278  C  CA  . LEU A 1 40  ? 0.856   -0.500  -7.096  1.00 9.45   ? 40  LEU A CA  1 
ATOM   279  C  C   . LEU A 1 40  ? 0.666   -1.365  -8.332  1.00 8.54   ? 40  LEU A C   1 
ATOM   280  O  O   . LEU A 1 40  ? 0.810   -0.912  -9.456  1.00 9.80   ? 40  LEU A O   1 
ATOM   281  C  CB  . LEU A 1 40  ? -0.438  0.241   -6.805  1.00 9.73   ? 40  LEU A CB  1 
ATOM   282  C  CG  . LEU A 1 40  ? -0.591  0.914   -5.449  1.00 10.11  ? 40  LEU A CG  1 
ATOM   283  C  CD1 . LEU A 1 40  ? -1.968  1.595   -5.394  1.00 11.20  ? 40  LEU A CD1 1 
ATOM   284  C  CD2 . LEU A 1 40  ? -0.490  -0.094  -4.333  1.00 10.30  ? 40  LEU A CD2 1 
ATOM   285  N  N   . LEU A 1 41  ? 0.187   -2.567  -8.061  1.00 9.08   ? 41  LEU A N   1 
ATOM   286  C  CA  . LEU A 1 41  ? -0.267  -3.483  -9.112  1.00 8.89   ? 41  LEU A CA  1 
ATOM   287  C  C   . LEU A 1 41  ? -1.450  -4.263  -8.560  1.00 9.66   ? 41  LEU A C   1 
ATOM   288  O  O   . LEU A 1 41  ? -1.415  -4.688  -7.400  1.00 9.78   ? 41  LEU A O   1 
ATOM   289  C  CB  . LEU A 1 41  ? 0.887   -4.381  -9.569  1.00 9.41   ? 41  LEU A CB  1 
ATOM   290  C  CG  . LEU A 1 41  ? 0.525   -5.360  -10.693 1.00 9.48   ? 41  LEU A CG  1 
ATOM   291  C  CD1 . LEU A 1 41  ? 1.729   -5.580  -11.619 1.00 9.89   ? 41  LEU A CD1 1 
ATOM   292  C  CD2 . LEU A 1 41  ? 0.048   -6.677  -10.132 1.00 10.19  ? 41  LEU A CD2 1 
ATOM   293  N  N   . VAL A 1 42  ? -2.436  -4.452  -9.432  1.00 10.43  ? 42  VAL A N   1 
ATOM   294  C  CA  . VAL A 1 42  ? -3.634  -5.235  -9.088  1.00 10.53  ? 42  VAL A CA  1 
ATOM   295  C  C   . VAL A 1 42  ? -3.739  -6.360  -10.107 1.00 10.90  ? 42  VAL A C   1 
ATOM   296  O  O   . VAL A 1 42  ? -3.724  -6.091  -11.298 1.00 12.23  ? 42  VAL A O   1 
ATOM   297  C  CB  . VAL A 1 42  ? -4.888  -4.364  -9.080  1.00 11.30  ? 42  VAL A CB  1 
ATOM   298  C  CG1 . VAL A 1 42  ? -6.114  -5.197  -8.742  1.00 12.12  ? 42  VAL A CG1 1 
ATOM   299  C  CG2 . VAL A 1 42  ? -4.727  -3.207  -8.093  1.00 11.15  ? 42  VAL A CG2 1 
ATOM   300  N  N   . SER A 1 43  ? -3.929  -7.530  -9.598  1.00 11.12  ? 43  SER A N   1 
ATOM   301  C  CA  . SER A 1 43  ? -4.148  -8.762  -10.411 1.00 12.04  ? 43  SER A CA  1 
ATOM   302  C  C   . SER A 1 43  ? -5.505  -9.380  -10.035 1.00 14.67  ? 43  SER A C   1 
ATOM   303  O  O   . SER A 1 43  ? -6.101  -9.070  -8.940  1.00 13.98  ? 43  SER A O   1 
ATOM   304  C  CB  . SER A 1 43  ? -3.021  -9.758  -10.242 1.00 12.46  ? 43  SER A CB  1 
ATOM   305  O  OG  . SER A 1 43  ? -2.856  -10.187 -8.906  1.00 12.91  ? 43  SER A OG  1 
ATOM   306  N  N   . SER A 1 44  ? -6.000  -10.288 -10.872 1.00 14.77  ? 44  SER A N   1 
ATOM   307  C  CA  . SER A 1 44  ? -7.292  -10.987 -10.641 1.00 16.71  ? 44  SER A CA  1 
ATOM   308  C  C   . SER A 1 44  ? -7.097  -12.246 -9.796  1.00 16.48  ? 44  SER A C   1 
ATOM   309  O  O   . SER A 1 44  ? -6.043  -12.920 -9.937  1.00 18.73  ? 44  SER A O   1 
ATOM   310  C  CB  . SER A 1 44  ? -7.916  -11.281 -11.960 1.00 18.09  ? 44  SER A CB  1 
ATOM   311  O  OG  . SER A 1 44  ? -7.119  -12.231 -12.660 1.00 21.67  ? 44  SER A OG  1 
ATOM   312  N  N   . THR A 1 45  ? -8.075  -12.640 -8.961  1.00 19.09  ? 45  THR A N   1 
ATOM   313  C  CA  . THR A 1 45  ? -8.010  -13.836 -8.075  1.00 21.33  ? 45  THR A CA  1 
ATOM   314  C  C   . THR A 1 45  ? -9.181  -14.805 -8.359  1.00 23.63  ? 45  THR A C   1 
ATOM   315  O  O   . THR A 1 45  ? -10.180 -14.347 -8.876  1.00 23.78  ? 45  THR A O   1 
ATOM   316  C  CB  . THR A 1 45  ? -8.080  -13.469 -6.586  1.00 20.50  ? 45  THR A CB  1 
ATOM   317  O  OG1 . THR A 1 45  ? -9.385  -12.925 -6.369  1.00 23.08  ? 45  THR A OG1 1 
ATOM   318  C  CG2 . THR A 1 45  ? -7.043  -12.437 -6.214  1.00 21.89  ? 45  THR A CG2 1 
ATOM   319  N  N   . THR A 1 46  ? -9.050  -16.068 -7.975  1.00 26.81  ? 46  THR A N   1 
ATOM   320  C  CA  . THR A 1 46  ? -10.169 -17.032 -8.132  1.00 27.38  ? 46  THR A CA  1 
ATOM   321  C  C   . THR A 1 46  ? -11.073 -16.951 -6.886  1.00 26.14  ? 46  THR A C   1 
ATOM   322  O  O   . THR A 1 46  ? -12.279 -16.897 -7.082  1.00 30.74  ? 46  THR A O   1 
ATOM   323  C  CB  . THR A 1 46  ? -9.611  -18.399 -8.531  1.00 28.52  ? 46  THR A CB  1 
ATOM   324  O  OG1 . THR A 1 46  ? -8.690  -18.847 -7.543  1.00 32.89  ? 46  THR A OG1 1 
ATOM   325  C  CG2 . THR A 1 46  ? -8.847  -18.355 -9.833  1.00 32.91  ? 46  THR A CG2 1 
ATOM   326  N  N   . ALA A 1 47  ? -10.526 -16.939 -5.663  1.00 26.36  ? 47  ALA A N   1 
ATOM   327  C  CA  . ALA A 1 47  ? -11.308 -16.863 -4.395  1.00 23.93  ? 47  ALA A CA  1 
ATOM   328  C  C   . ALA A 1 47  ? -11.568 -15.397 -4.023  1.00 24.10  ? 47  ALA A C   1 
ATOM   329  O  O   . ALA A 1 47  ? -10.656 -14.554 -4.247  1.00 23.00  ? 47  ALA A O   1 
ATOM   330  C  CB  . ALA A 1 47  ? -10.599 -17.599 -3.296  1.00 28.28  ? 47  ALA A CB  1 
ATOM   331  N  N   . GLN A 1 48  ? -12.763 -15.083 -3.502  1.00 21.74  ? 48  GLN A N   1 
ATOM   332  C  CA  . GLN A 1 48  ? -13.096 -13.756 -2.907  1.00 21.21  ? 48  GLN A CA  1 
ATOM   333  C  C   . GLN A 1 48  ? -12.321 -13.517 -1.594  1.00 14.99  ? 48  GLN A C   1 
ATOM   334  O  O   . GLN A 1 48  ? -11.950 -14.428 -0.866  1.00 21.68  ? 48  GLN A O   1 
ATOM   335  C  CB  . GLN A 1 48  ? -14.595 -13.629 -2.664  1.00 23.33  ? 48  GLN A CB  1 
ATOM   336  C  CG  . GLN A 1 48  ? -15.417 -13.523 -3.934  1.00 30.70  ? 48  GLN A CG  1 
ATOM   337  C  CD  . GLN A 1 48  ? -16.753 -12.935 -3.586  1.00 41.49  ? 48  GLN A CD  1 
ATOM   338  O  OE1 . GLN A 1 48  ? -17.652 -13.641 -3.136  1.00 47.73  ? 48  GLN A OE1 1 
ATOM   339  N  NE2 . GLN A 1 48  ? -16.855 -11.622 -3.715  1.00 49.59  ? 48  GLN A NE2 1 
ATOM   340  N  N   . GLY A 1 49  ? -11.851 -12.261 -1.471  1.00 21.12  ? 49  GLY A N   1 
ATOM   341  C  CA  . GLY A 1 49  ? -10.993 -11.839 -0.357  1.00 18.92  ? 49  GLY A CA  1 
ATOM   342  C  C   . GLY A 1 49  ? -11.753 -11.184 0.771   1.00 16.97  ? 49  GLY A C   1 
ATOM   343  O  O   . GLY A 1 49  ? -12.965 -10.811 0.581   1.00 19.75  ? 49  GLY A O   1 
ATOM   344  N  N   . CYS A 1 50  ? -11.084 -11.118 1.908   1.00 17.70  ? 50  CYS A N   1 
ATOM   345  C  CA  . CYS A 1 50  ? -11.670 -10.802 3.202   1.00 17.63  ? 50  CYS A CA  1 
ATOM   346  C  C   . CYS A 1 50  ? -11.621 -9.289  3.418   1.00 16.77  ? 50  CYS A C   1 
ATOM   347  O  O   . CYS A 1 50  ? -12.268 -8.909  4.352   1.00 18.12  ? 50  CYS A O   1 
ATOM   348  C  CB  . CYS A 1 50  ? -10.962 -11.494 4.378   1.00 20.14  ? 50  CYS A CB  1 
ATOM   349  S  SG  . CYS A 1 50  ? -11.206 -13.285 4.565   1.00 20.97  ? 50  CYS A SG  1 
ATOM   350  N  N   . ASP A 1 51  ? -10.914 -8.464  2.622   1.00 15.69  ? 51  ASP A N   1 
ATOM   351  C  CA  . ASP A 1 51  ? -10.680 -7.045  3.011   1.00 13.15  ? 51  ASP A CA  1 
ATOM   352  C  C   . ASP A 1 51  ? -11.747 -6.128  2.445   1.00 13.58  ? 51  ASP A C   1 
ATOM   353  O  O   . ASP A 1 51  ? -12.306 -6.383  1.375   1.00 15.86  ? 51  ASP A O   1 
ATOM   354  C  CB  . ASP A 1 51  ? -9.271  -6.590  2.604   1.00 14.06  ? 51  ASP A CB  1 
ATOM   355  C  CG  . ASP A 1 51  ? -8.178  -7.415  3.200   1.00 14.17  ? 51  ASP A CG  1 
ATOM   356  O  OD1 . ASP A 1 51  ? -8.210  -7.702  4.366   1.00 18.13  ? 51  ASP A OD1 1 
ATOM   357  O  OD2 . ASP A 1 51  ? -7.178  -7.699  2.464   1.00 15.62  ? 51  ASP A OD2 1 
ATOM   358  N  N   . THR A 1 52  ? -11.984 -5.063  3.196   1.00 12.55  ? 52  THR A N   1 
ATOM   359  C  CA  . THR A 1 52  ? -12.842 -3.933  2.828   1.00 12.63  ? 52  THR A CA  1 
ATOM   360  C  C   . THR A 1 52  ? -11.951 -2.711  2.658   1.00 10.08  ? 52  THR A C   1 
ATOM   361  O  O   . THR A 1 52  ? -11.110 -2.464  3.548   1.00 12.11  ? 52  THR A O   1 
ATOM   362  C  CB  . THR A 1 52  ? -13.881 -3.667  3.919   1.00 13.76  ? 52  THR A CB  1 
ATOM   363  O  OG1 . THR A 1 52  ? -14.730 -4.823  4.042   1.00 16.28  ? 52  THR A OG1 1 
ATOM   364  C  CG2 . THR A 1 52  ? -14.741 -2.457  3.648   1.00 15.69  ? 52  THR A CG2 1 
ATOM   365  N  N   . ILE A 1 53  ? -12.124 -1.981  1.574   1.00 10.88  ? 53  ILE A N   1 
ATOM   366  C  CA  . ILE A 1 53  ? -11.354 -0.745  1.346   1.00 10.07  ? 53  ILE A CA  1 
ATOM   367  C  C   . ILE A 1 53  ? -12.056 0.393   2.051   1.00 9.68   ? 53  ILE A C   1 
ATOM   368  O  O   . ILE A 1 53  ? -13.273 0.599   1.896   1.00 10.77  ? 53  ILE A O   1 
ATOM   369  C  CB  . ILE A 1 53  ? -11.148 -0.485  -0.154  1.00 11.01  ? 53  ILE A CB  1 
ATOM   370  C  CG1 . ILE A 1 53  ? -10.599 -1.712  -0.913  1.00 11.10  ? 53  ILE A CG1 1 
ATOM   371  C  CG2 . ILE A 1 53  ? -10.247 0.715   -0.340  1.00 10.29  ? 53  ILE A CG2 1 
ATOM   372  C  CD1 . ILE A 1 53  ? -9.292  -2.250  -0.366  1.00 11.95  ? 53  ILE A CD1 1 
ATOM   373  N  N   . ALA A 1 54  ? -11.292 1.180   2.801   1.00 9.45   ? 54  ALA A N   1 
ATOM   374  C  CA  . ALA A 1 54  ? -11.799 2.414   3.405   1.00 9.14   ? 54  ALA A CA  1 
ATOM   375  C  C   . ALA A 1 54  ? -12.205 3.411   2.314   1.00 9.16   ? 54  ALA A C   1 
ATOM   376  O  O   . ALA A 1 54  ? -11.511 3.561   1.303   1.00 9.75   ? 54  ALA A O   1 
ATOM   377  C  CB  . ALA A 1 54  ? -10.696 2.991   4.264   1.00 9.02   ? 54  ALA A CB  1 
ATOM   378  N  N   . ARG A 1 55  ? -13.301 4.138   2.558   1.00 9.67   ? 55  ARG A N   1 
ATOM   379  C  CA  . ARG A 1 55  ? -13.716 5.246   1.675   1.00 10.44  ? 55  ARG A CA  1 
ATOM   380  C  C   . ARG A 1 55  ? -13.904 6.446   2.580   1.00 9.45   ? 55  ARG A C   1 
ATOM   381  O  O   . ARG A 1 55  ? -14.951 6.575   3.187   1.00 11.00  ? 55  ARG A O   1 
ATOM   382  C  CB  . ARG A 1 55  ? -14.948 4.881   0.851   1.00 12.85  ? 55  ARG A CB  1 
ATOM   383  C  CG  . ARG A 1 55  ? -14.791 3.642   -0.025  1.00 13.64  ? 55  ARG A CG  1 
ATOM   384  C  CD  . ARG A 1 55  ? -13.738 3.734   -1.143  1.00 13.81  ? 55  ARG A CD  1 
ATOM   385  N  NE  . ARG A 1 55  ? -13.623 2.430   -1.863  1.00 15.03  ? 55  ARG A NE  1 
ATOM   386  C  CZ  . ARG A 1 55  ? -12.574 2.074   -2.620  1.00 14.94  ? 55  ARG A CZ  1 
ATOM   387  N  NH1 . ARG A 1 55  ? -11.617 2.920   -2.876  1.00 13.94  ? 55  ARG A NH1 1 
ATOM   388  N  NH2 . ARG A 1 55  ? -12.538 0.881   -3.195  1.00 14.92  ? 55  ARG A NH2 1 
ATOM   389  N  N   . CYS A 1 56  ? -12.892 7.272   2.669   1.00 9.46   ? 56  CYS A N   1 
ATOM   390  C  CA  . CYS A 1 56  ? -12.774 8.261   3.741   1.00 8.71   ? 56  CYS A CA  1 
ATOM   391  C  C   . CYS A 1 56  ? -11.546 9.103   3.500   1.00 8.96   ? 56  CYS A C   1 
ATOM   392  O  O   . CYS A 1 56  ? -10.729 8.835   2.610   1.00 9.86   ? 56  CYS A O   1 
ATOM   393  C  CB  . CYS A 1 56  ? -12.646 7.554   5.088   1.00 9.08   ? 56  CYS A CB  1 
ATOM   394  S  SG  . CYS A 1 56  ? -11.041 6.729   5.284   1.00 9.32   ? 56  CYS A SG  1 
ATOM   395  N  N   A ASP A 1 57  ? -11.372 10.167  4.300   0.25 9.48   ? 57  ASP A N   1 
ATOM   396  N  N   B ASP A 1 57  ? -11.445 10.072  4.417   0.25 10.53  ? 57  ASP A N   1 
ATOM   397  C  CA  A ASP A 1 57  ? -10.103 10.947  4.375   0.25 9.52   ? 57  ASP A CA  1 
ATOM   398  C  CA  B ASP A 1 57  ? -10.392 11.114  4.513   0.25 11.67  ? 57  ASP A CA  1 
ATOM   399  C  C   A ASP A 1 57  ? -9.541  10.893  5.800   0.25 9.66   ? 57  ASP A C   1 
ATOM   400  C  C   B ASP A 1 57  ? -9.562  10.921  5.798   0.25 10.75  ? 57  ASP A C   1 
ATOM   401  O  O   A ASP A 1 57  ? -9.000  11.871  6.273   0.25 10.12  ? 57  ASP A O   1 
ATOM   402  O  O   B ASP A 1 57  ? -8.805  11.849  6.126   0.25 10.98  ? 57  ASP A O   1 
ATOM   403  C  CB  A ASP A 1 57  ? -10.310 12.395  3.930   0.25 10.69  ? 57  ASP A CB  1 
ATOM   404  C  CB  B ASP A 1 57  ? -11.111 12.473  4.430   0.25 14.00  ? 57  ASP A CB  1 
ATOM   405  C  CG  A ASP A 1 57  ? -11.250 13.202  4.813   0.25 11.95  ? 57  ASP A CG  1 
ATOM   406  C  CG  B ASP A 1 57  ? -10.278 13.684  4.088   0.25 17.25  ? 57  ASP A CG  1 
ATOM   407  O  OD1 A ASP A 1 57  ? -11.801 12.670  5.766   0.25 12.41  ? 57  ASP A OD1 1 
ATOM   408  O  OD1 B ASP A 1 57  ? -9.316  13.540  3.335   0.25 19.92  ? 57  ASP A OD1 1 
ATOM   409  O  OD2 A ASP A 1 57  ? -11.474 14.397  4.454   0.25 16.19  ? 57  ASP A OD2 1 
ATOM   410  O  OD2 B ASP A 1 57  ? -10.586 14.776  4.617   0.25 19.75  ? 57  ASP A OD2 1 
ATOM   411  N  N   . CYS A 1 58  ? -9.627  9.762   6.466   1.00 9.69   ? 58  CYS A N   1 
ATOM   412  C  CA  . CYS A 1 58  ? -8.933  9.606   7.751   1.00 9.38   ? 58  CYS A CA  1 
ATOM   413  C  C   . CYS A 1 58  ? -7.444  9.900   7.560   1.00 8.72   ? 58  CYS A C   1 
ATOM   414  O  O   . CYS A 1 58  ? -6.837  9.590   6.529   1.00 9.79   ? 58  CYS A O   1 
ATOM   415  C  CB  . CYS A 1 58  ? -9.074  8.196   8.266   1.00 9.64   ? 58  CYS A CB  1 
ATOM   416  S  SG  . CYS A 1 58  ? -10.707 7.761   8.916   1.00 10.57  ? 58  CYS A SG  1 
ATOM   417  N  N   . GLN A 1 59  ? -6.875  10.392  8.660   1.00 9.15   ? 59  GLN A N   1 
ATOM   418  C  CA  . GLN A 1 59  ? -5.423  10.593  8.806   1.00 9.80   ? 59  GLN A CA  1 
ATOM   419  C  C   . GLN A 1 59  ? -4.943  9.938   10.077  1.00 8.64   ? 59  GLN A C   1 
ATOM   420  O  O   . GLN A 1 59  ? -3.804  10.253  10.495  1.00 9.67   ? 59  GLN A O   1 
ATOM   421  C  CB  . GLN A 1 59  ? -5.025  12.083  8.797   1.00 10.61  ? 59  GLN A CB  1 
ATOM   422  C  CG  . GLN A 1 59  ? -5.138  12.732  7.439   1.00 12.50  ? 59  GLN A CG  1 
ATOM   423  C  CD  . GLN A 1 59  ? -4.560  14.130  7.474   1.00 12.25  ? 59  GLN A CD  1 
ATOM   424  O  OE1 . GLN A 1 59  ? -5.315  15.130  7.505   1.00 13.83  ? 59  GLN A OE1 1 
ATOM   425  N  NE2 . GLN A 1 59  ? -3.253  14.273  7.549   1.00 12.72  ? 59  GLN A NE2 1 
ATOM   426  N  N   . THR A 1 60  ? -5.690  9.041   10.650  1.00 8.98   ? 60  THR A N   1 
ATOM   427  C  CA  . THR A 1 60  ? -5.212  8.216   11.753  1.00 10.04  ? 60  THR A CA  1 
ATOM   428  C  C   . THR A 1 60  ? -5.586  6.779   11.483  1.00 9.19   ? 60  THR A C   1 
ATOM   429  O  O   . THR A 1 60  ? -6.651  6.480   10.926  1.00 10.54  ? 60  THR A O   1 
ATOM   430  C  CB  . THR A 1 60  ? -5.655  8.667   13.120  1.00 11.83  ? 60  THR A CB  1 
ATOM   431  O  OG1 . THR A 1 60  ? -7.030  8.459   13.194  1.00 15.80  ? 60  THR A OG1 1 
ATOM   432  C  CG2 . THR A 1 60  ? -5.258  10.075  13.430  1.00 12.44  ? 60  THR A CG2 1 
ATOM   433  N  N   . GLY A 1 61  ? -4.715  5.865   11.851  1.00 8.67   ? 61  GLY A N   1 
ATOM   434  C  CA  . GLY A 1 61  ? -4.961  4.446   11.646  1.00 8.98   ? 61  GLY A CA  1 
ATOM   435  C  C   . GLY A 1 61  ? -3.901  3.615   12.326  1.00 8.48   ? 61  GLY A C   1 
ATOM   436  O  O   . GLY A 1 61  ? -3.205  4.109   13.212  1.00 9.53   ? 61  GLY A O   1 
ATOM   437  N  N   . VAL A 1 62  ? -3.798  2.376   11.895  1.00 7.93   ? 62  VAL A N   1 
ATOM   438  C  CA  . VAL A 1 62  ? -2.904  1.376   12.501  1.00 7.65   ? 62  VAL A CA  1 
ATOM   439  C  C   . VAL A 1 62  ? -2.239  0.648   11.368  1.00 7.73   ? 62  VAL A C   1 
ATOM   440  O  O   . VAL A 1 62  ? -2.934  0.230   10.444  1.00 8.75   ? 62  VAL A O   1 
ATOM   441  C  CB  . VAL A 1 62  ? -3.648  0.403   13.410  1.00 8.55   ? 62  VAL A CB  1 
ATOM   442  C  CG1 . VAL A 1 62  ? -2.713  -0.691  13.890  1.00 9.42   ? 62  VAL A CG1 1 
ATOM   443  C  CG2 . VAL A 1 62  ? -4.229  1.172   14.581  1.00 9.55   ? 62  VAL A CG2 1 
ATOM   444  N  N   . TYR A 1 63  ? -0.914  0.440   11.381  1.00 7.83   ? 63  TYR A N   1 
ATOM   445  C  CA  . TYR A 1 63  ? -0.248  -0.319  10.309  1.00 7.61   ? 63  TYR A CA  1 
ATOM   446  C  C   . TYR A 1 63  ? 0.561   -1.477  10.889  1.00 7.85   ? 63  TYR A C   1 
ATOM   447  O  O   . TYR A 1 63  ? 0.999   -1.430  12.058  1.00 8.99   ? 63  TYR A O   1 
ATOM   448  C  CB  . TYR A 1 63  ? 0.676   0.528   9.434   1.00 8.87   ? 63  TYR A CB  1 
ATOM   449  C  CG  . TYR A 1 63  ? 2.071   0.789   9.952   1.00 8.70   ? 63  TYR A CG  1 
ATOM   450  C  CD1 . TYR A 1 63  ? 2.303   1.713   10.959  1.00 8.97   ? 63  TYR A CD1 1 
ATOM   451  C  CD2 . TYR A 1 63  ? 3.144   0.090   9.439   1.00 9.02   ? 63  TYR A CD2 1 
ATOM   452  C  CE1 . TYR A 1 63  ? 3.586   1.962   11.413  1.00 9.68   ? 63  TYR A CE1 1 
ATOM   453  C  CE2 . TYR A 1 63  ? 4.424   0.339   9.878   1.00 9.48   ? 63  TYR A CE2 1 
ATOM   454  C  CZ  . TYR A 1 63  ? 4.644   1.250   10.899  1.00 9.48   ? 63  TYR A CZ  1 
ATOM   455  O  OH  . TYR A 1 63  ? 5.916   1.500   11.382  1.00 11.12  ? 63  TYR A OH  1 
ATOM   456  N  N   . TYR A 1 64  ? 0.737   -2.486  10.076  1.00 8.30   ? 64  TYR A N   1 
ATOM   457  C  CA  . TYR A 1 64  ? 1.551   -3.654  10.443  1.00 9.13   ? 64  TYR A CA  1 
ATOM   458  C  C   . TYR A 1 64  ? 2.983   -3.475  9.960   1.00 8.52   ? 64  TYR A C   1 
ATOM   459  O  O   . TYR A 1 64  ? 3.213   -3.257  8.764   1.00 9.04   ? 64  TYR A O   1 
ATOM   460  C  CB  . TYR A 1 64  ? 0.973   -4.926  9.838   1.00 9.22   ? 64  TYR A CB  1 
ATOM   461  C  CG  . TYR A 1 64  ? 1.784   -6.106  10.281  1.00 10.52  ? 64  TYR A CG  1 
ATOM   462  C  CD1 . TYR A 1 64  ? 1.883   -6.425  11.629  1.00 10.79  ? 64  TYR A CD1 1 
ATOM   463  C  CD2 . TYR A 1 64  ? 2.456   -6.891  9.364   1.00 10.24  ? 64  TYR A CD2 1 
ATOM   464  C  CE1 . TYR A 1 64  ? 2.674   -7.493  12.047  1.00 12.87  ? 64  TYR A CE1 1 
ATOM   465  C  CE2 . TYR A 1 64  ? 3.262   -7.949  9.764   1.00 12.16  ? 64  TYR A CE2 1 
ATOM   466  C  CZ  . TYR A 1 64  ? 3.368   -8.245  11.108  1.00 12.45  ? 64  TYR A CZ  1 
ATOM   467  O  OH  . TYR A 1 64  ? 4.171   -9.291  11.532  1.00 14.07  ? 64  TYR A OH  1 
ATOM   468  N  N   . CYS A 1 65  ? 3.887   -3.641  10.894  1.00 9.18   ? 65  CYS A N   1 
ATOM   469  C  CA  . CYS A 1 65  ? 5.329   -3.578  10.678  1.00 8.94   ? 65  CYS A CA  1 
ATOM   470  C  C   . CYS A 1 65  ? 5.985   -4.956  10.854  1.00 8.88   ? 65  CYS A C   1 
ATOM   471  O  O   . CYS A 1 65  ? 6.219   -5.409  12.016  1.00 9.58   ? 65  CYS A O   1 
ATOM   472  C  CB  . CYS A 1 65  ? 5.958   -2.611  11.662  1.00 9.62   ? 65  CYS A CB  1 
ATOM   473  S  SG  . CYS A 1 65  ? 7.741   -2.479  11.489  1.00 10.22  ? 65  CYS A SG  1 
ATOM   474  N  N   . SER A 1 66  ? 6.219   -5.662  9.777   1.00 8.88   ? 66  SER A N   1 
ATOM   475  C  CA  . SER A 1 66  ? 6.779   -7.036  9.860   1.00 10.48  ? 66  SER A CA  1 
ATOM   476  C  C   . SER A 1 66  ? 8.141   -7.084  10.536  1.00 9.12   ? 66  SER A C   1 
ATOM   477  O  O   . SER A 1 66  ? 8.400   -8.084  11.276  1.00 10.90  ? 66  SER A O   1 
ATOM   478  C  CB  . SER A 1 66  ? 6.786   -7.648  8.484   1.00 11.23  ? 66  SER A CB  1 
ATOM   479  O  OG  . SER A 1 66  ? 7.782   -7.171  7.636   1.00 17.32  ? 66  SER A OG  1 
ATOM   480  N  N   . SER A 1 67  ? 8.931   -6.060  10.405  1.00 9.08   ? 67  SER A N   1 
ATOM   481  C  CA  . SER A 1 67  ? 10.315  -6.031  10.945  1.00 10.27  ? 67  SER A CA  1 
ATOM   482  C  C   . SER A 1 67  ? 10.287  -5.775  12.466  1.00 10.30  ? 67  SER A C   1 
ATOM   483  O  O   . SER A 1 67  ? 11.393  -5.826  13.110  1.00 10.78  ? 67  SER A O   1 
ATOM   484  C  CB  . SER A 1 67  ? 11.198  -5.065  10.281  1.00 10.13  ? 67  SER A CB  1 
ATOM   485  O  OG  . SER A 1 67  ? 10.730  -3.732  10.447  1.00 10.31  ? 67  SER A OG  1 
ATOM   486  N  N   . ARG A 1 68  ? 9.088   -5.606  13.044  1.00 9.79   ? 68  ARG A N   1 
ATOM   487  C  CA  . ARG A 1 68  ? 8.919   -5.501  14.502  1.00 10.46  ? 68  ARG A CA  1 
ATOM   488  C  C   . ARG A 1 68  ? 7.887   -6.505  14.949  1.00 10.57  ? 68  ARG A C   1 
ATOM   489  O  O   . ARG A 1 68  ? 7.618   -6.556  16.183  1.00 12.21  ? 68  ARG A O   1 
ATOM   490  C  CB  . ARG A 1 68  ? 8.480   -4.080  14.871  1.00 10.80  ? 68  ARG A CB  1 
ATOM   491  C  CG  . ARG A 1 68  ? 9.528   -3.036  14.579  1.00 11.32  ? 68  ARG A CG  1 
ATOM   492  C  CD  . ARG A 1 68  ? 10.700  -3.113  15.580  1.00 12.29  ? 68  ARG A CD  1 
ATOM   493  N  NE  . ARG A 1 68  ? 11.708  -2.134  15.325  1.00 12.67  ? 68  ARG A NE  1 
ATOM   494  C  CZ  . ARG A 1 68  ? 12.761  -2.293  14.563  1.00 12.67  ? 68  ARG A CZ  1 
ATOM   495  N  NH1 . ARG A 1 68  ? 12.969  -3.462  13.978  1.00 12.15  ? 68  ARG A NH1 1 
ATOM   496  N  NH2 . ARG A 1 68  ? 13.619  -1.302  14.407  1.00 14.15  ? 68  ARG A NH2 1 
ATOM   497  N  N   . ARG A 1 69  ? 7.260   -7.243  14.084  1.00 11.16  ? 69  ARG A N   1 
ATOM   498  C  CA  . ARG A 1 69  ? 6.132   -8.114  14.425  1.00 11.83  ? 69  ARG A CA  1 
ATOM   499  C  C   . ARG A 1 69  ? 5.130   -7.339  15.263  1.00 11.73  ? 69  ARG A C   1 
ATOM   500  O  O   . ARG A 1 69  ? 4.605   -7.889  16.275  1.00 14.43  ? 69  ARG A O   1 
ATOM   501  C  CB  . ARG A 1 69  ? 6.603   -9.375  15.169  1.00 12.44  ? 69  ARG A CB  1 
ATOM   502  C  CG  . ARG A 1 69  ? 7.421   -10.321 14.316  1.00 14.77  ? 69  ARG A CG  1 
ATOM   503  C  CD  . ARG A 1 69  ? 7.683   -11.642 15.002  1.00 16.46  ? 69  ARG A CD  1 
ATOM   504  N  NE  . ARG A 1 69  ? 8.545   -12.566 14.243  1.00 18.17  ? 69  ARG A NE  1 
ATOM   505  C  CZ  . ARG A 1 69  ? 9.770   -12.986 14.619  1.00 18.33  ? 69  ARG A CZ  1 
ATOM   506  N  NH1 . ARG A 1 69  ? 10.349  -12.488 15.711  1.00 18.98  ? 69  ARG A NH1 1 
ATOM   507  N  NH2 . ARG A 1 69  ? 10.454  -13.830 13.834  1.00 19.43  ? 69  ARG A NH2 1 
ATOM   508  N  N   . LYS A 1 70  ? 4.762   -6.129  14.857  1.00 11.60  ? 70  LYS A N   1 
ATOM   509  C  CA  . LYS A 1 70  ? 3.895   -5.259  15.675  1.00 12.66  ? 70  LYS A CA  1 
ATOM   510  C  C   . LYS A 1 70  ? 3.015   -4.412  14.779  1.00 11.07  ? 70  LYS A C   1 
ATOM   511  O  O   . LYS A 1 70  ? 3.493   -4.012  13.674  1.00 11.81  ? 70  LYS A O   1 
ATOM   512  C  CB  . LYS A 1 70  ? 4.736   -4.350  16.578  1.00 15.01  ? 70  LYS A CB  1 
ATOM   513  C  CG  . LYS A 1 70  ? 5.295   -5.025  17.825  1.00 20.58  ? 70  LYS A CG  1 
ATOM   514  C  CD  . LYS A 1 70  ? 5.839   -4.046  18.839  1.00 25.66  ? 70  LYS A CD  1 
ATOM   515  C  CE  . LYS A 1 70  ? 6.415   -4.734  20.061  1.00 31.58  ? 70  LYS A CE  1 
ATOM   516  N  NZ  . LYS A 1 70  ? 7.498   -5.670  19.683  1.00 37.22  ? 70  LYS A NZ  1 
ATOM   517  N  N   . HIS A 1 71  ? 1.843   -4.121  15.269  1.00 10.75  ? 71  HIS A N   1 
ATOM   518  C  CA  . HIS A 1 71  ? 0.970   -3.090  14.687  1.00 10.37  ? 71  HIS A CA  1 
ATOM   519  C  C   . HIS A 1 71  ? 1.158   -1.812  15.455  1.00 11.57  ? 71  HIS A C   1 
ATOM   520  O  O   . HIS A 1 71  ? 1.205   -1.851  16.730  1.00 13.98  ? 71  HIS A O   1 
ATOM   521  C  CB  . HIS A 1 71  ? -0.475  -3.531  14.718  1.00 11.56  ? 71  HIS A CB  1 
ATOM   522  C  CG  . HIS A 1 71  ? -0.825  -4.689  13.866  1.00 11.54  ? 71  HIS A CG  1 
ATOM   523  N  ND1 . HIS A 1 71  ? -1.420  -4.659  12.625  1.00 12.86  ? 71  HIS A ND1 1 
ATOM   524  C  CD2 . HIS A 1 71  ? -0.564  -5.987  14.109  1.00 12.49  ? 71  HIS A CD2 1 
ATOM   525  C  CE1 . HIS A 1 71  ? -1.567  -5.873  12.171  1.00 11.87  ? 71  HIS A CE1 1 
ATOM   526  N  NE2 . HIS A 1 71  ? -1.107  -6.721  13.080  1.00 16.07  ? 71  HIS A NE2 1 
ATOM   527  N  N   . TYR A 1 72  ? 1.262   -0.686  14.793  1.00 9.70   ? 72  TYR A N   1 
ATOM   528  C  CA  . TYR A 1 72  ? 1.476   0.601   15.448  1.00 9.49   ? 72  TYR A CA  1 
ATOM   529  C  C   . TYR A 1 72  ? 0.379   1.559   15.059  1.00 9.06   ? 72  TYR A C   1 
ATOM   530  O  O   . TYR A 1 72  ? 0.071   1.731   13.860  1.00 9.31   ? 72  TYR A O   1 
ATOM   531  C  CB  . TYR A 1 72  ? 2.799   1.230   15.014  1.00 10.36  ? 72  TYR A CB  1 
ATOM   532  C  CG  . TYR A 1 72  ? 4.039   0.497   15.452  1.00 10.88  ? 72  TYR A CG  1 
ATOM   533  C  CD1 . TYR A 1 72  ? 4.514   0.680   16.735  1.00 12.90  ? 72  TYR A CD1 1 
ATOM   534  C  CD2 . TYR A 1 72  ? 4.734   -0.346  14.611  1.00 11.20  ? 72  TYR A CD2 1 
ATOM   535  C  CE1 . TYR A 1 72  ? 5.648   0.000   17.165  1.00 13.61  ? 72  TYR A CE1 1 
ATOM   536  C  CE2 . TYR A 1 72  ? 5.892   -0.995  15.004  1.00 12.21  ? 72  TYR A CE2 1 
ATOM   537  C  CZ  . TYR A 1 72  ? 6.356   -0.798  16.288  1.00 12.61  ? 72  TYR A CZ  1 
ATOM   538  O  OH  . TYR A 1 72  ? 7.512   -1.455  16.645  1.00 14.08  ? 72  TYR A OH  1 
ATOM   539  N  N   . PRO A 1 73  ? -0.166  2.324   16.016  1.00 9.43   ? 73  PRO A N   1 
ATOM   540  C  CA  . PRO A 1 73  ? -1.091  3.404   15.685  1.00 8.96   ? 73  PRO A CA  1 
ATOM   541  C  C   . PRO A 1 73  ? -0.292  4.588   15.176  1.00 8.84   ? 73  PRO A C   1 
ATOM   542  O  O   . PRO A 1 73  ? 0.716   5.020   15.788  1.00 11.30  ? 73  PRO A O   1 
ATOM   543  C  CB  . PRO A 1 73  ? -1.772  3.746   17.037  1.00 10.16  ? 73  PRO A CB  1 
ATOM   544  C  CG  . PRO A 1 73  ? -0.819  3.299   18.075  1.00 12.28  ? 73  PRO A CG  1 
ATOM   545  C  CD  . PRO A 1 73  ? -0.033  2.153   17.474  1.00 10.47  ? 73  PRO A CD  1 
ATOM   546  N  N   . VAL A 1 74  ? -0.717  5.211   14.097  1.00 9.04   ? 74  VAL A N   1 
ATOM   547  C  CA  . VAL A 1 74  ? -0.037  6.354   13.461  1.00 9.14   ? 74  VAL A CA  1 
ATOM   548  C  C   . VAL A 1 74  ? -1.013  7.403   12.999  1.00 9.35   ? 74  VAL A C   1 
ATOM   549  O  O   . VAL A 1 74  ? -2.152  7.100   12.597  1.00 9.28   ? 74  VAL A O   1 
ATOM   550  C  CB  . VAL A 1 74  ? 0.826   5.898   12.281  1.00 10.23  ? 74  VAL A CB  1 
ATOM   551  C  CG1 . VAL A 1 74  ? 2.069   5.147   12.733  1.00 11.64  ? 74  VAL A CG1 1 
ATOM   552  C  CG2 . VAL A 1 74  ? 0.100   5.093   11.258  1.00 11.35  ? 74  VAL A CG2 1 
ATOM   553  N  N   . SER A 1 75  ? -0.504  8.613   12.953  1.00 9.05   ? 75  SER A N   1 
ATOM   554  C  CA  . SER A 1 75  ? -1.080  9.715   12.169  1.00 9.37   ? 75  SER A CA  1 
ATOM   555  C  C   . SER A 1 75  ? -0.324  9.763   10.852  1.00 8.40   ? 75  SER A C   1 
ATOM   556  O  O   . SER A 1 75  ? 0.866   9.537   10.817  1.00 8.79   ? 75  SER A O   1 
ATOM   557  C  CB  . SER A 1 75  ? -0.937  10.980  12.902  1.00 11.41  ? 75  SER A CB  1 
ATOM   558  O  OG  . SER A 1 75  ? -1.635  11.009  14.119  1.00 17.67  ? 75  SER A OG  1 
ATOM   559  N  N   . PHE A 1 76  ? -1.002  10.046  9.742   1.00 8.40   ? 76  PHE A N   1 
ATOM   560  C  CA  . PHE A 1 76  ? -0.374  10.070  8.426   1.00 8.65   ? 76  PHE A CA  1 
ATOM   561  C  C   . PHE A 1 76  ? -0.887  11.216  7.600   1.00 8.62   ? 76  PHE A C   1 
ATOM   562  O  O   . PHE A 1 76  ? -2.016  11.704  7.781   1.00 8.94   ? 76  PHE A O   1 
ATOM   563  C  CB  . PHE A 1 76  ? -0.557  8.722   7.717   1.00 8.41   ? 76  PHE A CB  1 
ATOM   564  C  CG  . PHE A 1 76  ? -1.956  8.179   7.621   1.00 8.25   ? 76  PHE A CG  1 
ATOM   565  C  CD1 . PHE A 1 76  ? -2.507  7.394   8.607   1.00 8.65   ? 76  PHE A CD1 1 
ATOM   566  C  CD2 . PHE A 1 76  ? -2.734  8.500   6.510   1.00 8.76   ? 76  PHE A CD2 1 
ATOM   567  C  CE1 . PHE A 1 76  ? -3.810  6.941   8.528   1.00 9.57   ? 76  PHE A CE1 1 
ATOM   568  C  CE2 . PHE A 1 76  ? -4.028  8.017   6.424   1.00 9.41   ? 76  PHE A CE2 1 
ATOM   569  C  CZ  . PHE A 1 76  ? -4.535  7.238   7.423   1.00 9.54   ? 76  PHE A CZ  1 
ATOM   570  N  N   . SER A 1 77  ? -0.026  11.663  6.685   1.00 8.68   ? 77  SER A N   1 
ATOM   571  C  CA  . SER A 1 77  ? -0.378  12.758  5.751   1.00 9.64   ? 77  SER A CA  1 
ATOM   572  C  C   . SER A 1 77  ? -1.356  12.241  4.719   1.00 9.31   ? 77  SER A C   1 
ATOM   573  O  O   . SER A 1 77  ? -1.401  11.078  4.412   1.00 10.79  ? 77  SER A O   1 
ATOM   574  C  CB  . SER A 1 77  ? 0.869   13.315  5.144   1.00 9.67   ? 77  SER A CB  1 
ATOM   575  O  OG  . SER A 1 77  ? 1.602   12.358  4.422   1.00 12.56  ? 77  SER A OG  1 
ATOM   576  N  N   . LYS A 1 78  ? -2.112  13.178  4.120   1.00 9.70   ? 78  LYS A N   1 
ATOM   577  C  CA  . LYS A 1 78  ? -2.999  12.841  2.983   1.00 9.85   ? 78  LYS A CA  1 
ATOM   578  C  C   . LYS A 1 78  ? -2.158  12.451  1.784   1.00 10.32  ? 78  LYS A C   1 
ATOM   579  O  O   . LYS A 1 78  ? -1.028  12.904  1.621   1.00 11.16  ? 78  LYS A O   1 
ATOM   580  C  CB  . LYS A 1 78  ? -3.862  14.035  2.653   1.00 11.12  ? 78  LYS A CB  1 
ATOM   581  C  CG  . LYS A 1 78  ? -4.860  14.348  3.746   1.00 12.07  ? 78  LYS A CG  1 
ATOM   582  C  CD  . LYS A 1 78  ? -5.779  15.520  3.430   1.00 15.24  ? 78  LYS A CD  1 
ATOM   583  C  CE  . LYS A 1 78  ? -6.839  15.632  4.507   1.00 19.67  ? 78  LYS A CE  1 
ATOM   584  N  NZ  . LYS A 1 78  ? -7.955  16.557  4.184   1.00 23.56  ? 78  LYS A NZ  1 
ATOM   585  N  N   . PRO A 1 79  ? -2.670  11.639  0.865   1.00 10.34  ? 79  PRO A N   1 
ATOM   586  C  CA  . PRO A 1 79  ? -1.886  11.173  -0.276  1.00 10.45  ? 79  PRO A CA  1 
ATOM   587  C  C   . PRO A 1 79  ? -1.382  12.358  -1.097  1.00 10.44  ? 79  PRO A C   1 
ATOM   588  O  O   . PRO A 1 79  ? -2.178  13.266  -1.469  1.00 13.05  ? 79  PRO A O   1 
ATOM   589  C  CB  . PRO A 1 79  ? -2.921  10.342  -1.062  1.00 11.73  ? 79  PRO A CB  1 
ATOM   590  C  CG  . PRO A 1 79  ? -3.926  9.894   -0.069  1.00 11.97  ? 79  PRO A CG  1 
ATOM   591  C  CD  . PRO A 1 79  ? -4.005  11.035  0.936   1.00 10.98  ? 79  PRO A CD  1 
ATOM   592  N  N   . SER A 1 80  ? -0.089  12.339  -1.408  0.30 11.45  ? 80  SER A N   1 
ATOM   593  C  CA  . SER A 1 80  ? 0.601   13.439  -2.123  0.30 12.92  ? 80  SER A CA  1 
ATOM   594  C  C   . SER A 1 80  ? 1.694   12.877  -3.038  0.30 12.00  ? 80  SER A C   1 
ATOM   595  O  O   . SER A 1 80  ? 2.041   11.679  -2.982  0.30 11.30  ? 80  SER A O   1 
ATOM   596  C  CB  . SER A 1 80  ? 1.231   14.455  -1.173  0.30 14.95  ? 80  SER A CB  1 
ATOM   597  O  OG  . SER A 1 80  ? 0.600   14.532  0.103   0.30 17.79  ? 80  SER A OG  1 
ATOM   598  N  N   . LEU A 1 81  ? 2.269   13.771  -3.839  1.00 11.88  ? 81  LEU A N   1 
ATOM   599  C  CA  . LEU A 1 81  ? 3.420   13.495  -4.690  1.00 12.91  ? 81  LEU A CA  1 
ATOM   600  C  C   . LEU A 1 81  ? 4.656   13.836  -3.906  1.00 12.74  ? 81  LEU A C   1 
ATOM   601  O  O   . LEU A 1 81  ? 4.835   15.026  -3.576  1.00 15.86  ? 81  LEU A O   1 
ATOM   602  C  CB  . LEU A 1 81  ? 3.291   14.329  -5.964  1.00 13.93  ? 81  LEU A CB  1 
ATOM   603  C  CG  . LEU A 1 81  ? 4.437   14.176  -6.952  1.00 16.44  ? 81  LEU A CG  1 
ATOM   604  C  CD1 . LEU A 1 81  ? 4.528   12.750  -7.486  1.00 17.71  ? 81  LEU A CD1 1 
ATOM   605  C  CD2 . LEU A 1 81  ? 4.240   15.154  -8.123  1.00 18.62  ? 81  LEU A CD2 1 
ATOM   606  N  N   . ILE A 1 82  ? 5.447   12.854  -3.568  1.00 11.34  ? 82  ILE A N   1 
ATOM   607  C  CA  . ILE A 1 82  ? 6.523   12.968  -2.569  1.00 12.57  ? 82  ILE A CA  1 
ATOM   608  C  C   . ILE A 1 82  ? 7.808   12.452  -3.160  1.00 11.33  ? 82  ILE A C   1 
ATOM   609  O  O   . ILE A 1 82  ? 7.839   11.365  -3.748  1.00 11.77  ? 82  ILE A O   1 
ATOM   610  C  CB  . ILE A 1 82  ? 6.190   12.141  -1.307  1.00 13.82  ? 82  ILE A CB  1 
ATOM   611  C  CG1 . ILE A 1 82  ? 4.852   12.604  -0.737  1.00 14.18  ? 82  ILE A CG1 1 
ATOM   612  C  CG2 . ILE A 1 82  ? 7.327   12.085  -0.298  1.00 16.39  ? 82  ILE A CG2 1 
ATOM   613  C  CD1 . ILE A 1 82  ? 4.862   13.997  -0.178  1.00 18.73  ? 82  ILE A CD1 1 
ATOM   614  N  N   . PHE A 1 83  ? 8.907   13.142  -2.923  1.00 11.51  ? 83  PHE A N   1 
ATOM   615  C  CA  . PHE A 1 83  ? 10.225  12.631  -3.268  1.00 11.88  ? 83  PHE A CA  1 
ATOM   616  C  C   . PHE A 1 83  ? 10.615  11.555  -2.276  1.00 11.82  ? 83  PHE A C   1 
ATOM   617  O  O   . PHE A 1 83  ? 10.499  11.766  -1.039  1.00 12.31  ? 83  PHE A O   1 
ATOM   618  C  CB  . PHE A 1 83  ? 11.280  13.739  -3.261  1.00 12.38  ? 83  PHE A CB  1 
ATOM   619  C  CG  . PHE A 1 83  ? 12.585  13.258  -3.801  1.00 13.60  ? 83  PHE A CG  1 
ATOM   620  C  CD1 . PHE A 1 83  ? 12.698  12.918  -5.125  1.00 13.97  ? 83  PHE A CD1 1 
ATOM   621  C  CD2 . PHE A 1 83  ? 13.680  13.063  -2.984  1.00 17.41  ? 83  PHE A CD2 1 
ATOM   622  C  CE1 . PHE A 1 83  ? 13.914  12.522  -5.662  1.00 16.05  ? 83  PHE A CE1 1 
ATOM   623  C  CE2 . PHE A 1 83  ? 14.889  12.653  -3.512  1.00 19.47  ? 83  PHE A CE2 1 
ATOM   624  C  CZ  . PHE A 1 83  ? 14.991  12.338  -4.832  1.00 16.99  ? 83  PHE A CZ  1 
ATOM   625  N  N   . VAL A 1 84  ? 11.081  10.415  -2.765  1.00 11.30  ? 84  VAL A N   1 
ATOM   626  C  CA  . VAL A 1 84  ? 11.478  9.260   -1.965  1.00 11.19  ? 84  VAL A CA  1 
ATOM   627  C  C   . VAL A 1 84  ? 12.952  9.029   -2.238  1.00 10.80  ? 84  VAL A C   1 
ATOM   628  O  O   . VAL A 1 84  ? 13.333  8.785   -3.407  1.00 12.36  ? 84  VAL A O   1 
ATOM   629  C  CB  . VAL A 1 84  ? 10.573  8.045   -2.254  1.00 10.92  ? 84  VAL A CB  1 
ATOM   630  C  CG1 . VAL A 1 84  ? 10.971  6.903   -1.365  1.00 11.05  ? 84  VAL A CG1 1 
ATOM   631  C  CG2 . VAL A 1 84  ? 9.097   8.411   -2.114  1.00 11.90  ? 84  VAL A CG2 1 
ATOM   632  N  N   . GLU A 1 85  ? 13.786  8.971   -1.215  1.00 11.21  ? 85  GLU A N   1 
ATOM   633  C  CA  . GLU A 1 85  ? 15.194  8.641   -1.419  1.00 11.69  ? 85  GLU A CA  1 
ATOM   634  C  C   . GLU A 1 85  ? 15.347  7.204   -1.914  1.00 11.81  ? 85  GLU A C   1 
ATOM   635  O  O   . GLU A 1 85  ? 14.405  6.367   -1.783  1.00 12.23  ? 85  GLU A O   1 
ATOM   636  C  CB  . GLU A 1 85  ? 15.978  8.855   -0.132  1.00 11.82  ? 85  GLU A CB  1 
ATOM   637  C  CG  . GLU A 1 85  ? 15.959  10.274  0.368   1.00 14.40  ? 85  GLU A CG  1 
ATOM   638  C  CD  . GLU A 1 85  ? 16.695  11.275  -0.496  1.00 16.19  ? 85  GLU A CD  1 
ATOM   639  O  OE1 . GLU A 1 85  ? 17.494  10.882  -1.374  1.00 16.86  ? 85  GLU A OE1 1 
ATOM   640  O  OE2 . GLU A 1 85  ? 16.431  12.475  -0.337  1.00 16.92  ? 85  GLU A OE2 1 
ATOM   641  N  N   . ALA A 1 86  ? 16.487  6.881   -2.487  1.00 13.32  ? 86  ALA A N   1 
ATOM   642  C  CA  . ALA A 1 86  ? 16.789  5.527   -2.996  1.00 13.52  ? 86  ALA A CA  1 
ATOM   643  C  C   . ALA A 1 86  ? 16.581  4.491   -1.919  1.00 13.56  ? 86  ALA A C   1 
ATOM   644  O  O   . ALA A 1 86  ? 16.977  4.696   -0.751  1.00 14.13  ? 86  ALA A O   1 
ATOM   645  C  CB  . ALA A 1 86  ? 18.213  5.487   -3.515  1.00 14.62  ? 86  ALA A CB  1 
ATOM   646  N  N   . SER A 1 87  ? 16.018  3.348   -2.313  1.00 13.24  ? 87  SER A N   1 
ATOM   647  C  CA  . SER A 1 87  ? 15.825  2.204   -1.400  1.00 14.27  ? 87  SER A CA  1 
ATOM   648  C  C   . SER A 1 87  ? 16.495  0.999   -2.030  1.00 14.70  ? 87  SER A C   1 
ATOM   649  O  O   . SER A 1 87  ? 17.059  1.059   -3.164  1.00 14.80  ? 87  SER A O   1 
ATOM   650  C  CB  . SER A 1 87  ? 14.362  1.960   -1.170  1.00 13.05  ? 87  SER A CB  1 
ATOM   651  O  OG  . SER A 1 87  ? 13.753  1.531   -2.400  1.00 13.59  ? 87  SER A OG  1 
ATOM   652  N  N   . GLU A 1 88  ? 16.340  -0.139  -1.381  1.00 15.19  ? 88  GLU A N   1 
ATOM   653  C  CA  . GLU A 1 88  ? 16.863  -1.401  -1.950  1.00 16.31  ? 88  GLU A CA  1 
ATOM   654  C  C   . GLU A 1 88  ? 16.091  -1.795  -3.204  1.00 16.57  ? 88  GLU A C   1 
ATOM   655  O  O   . GLU A 1 88  ? 16.644  -2.628  -3.960  1.00 17.89  ? 88  GLU A O   1 
ATOM   656  C  CB  . GLU A 1 88  ? 16.860  -2.504  -0.890  1.00 18.70  ? 88  GLU A CB  1 
ATOM   657  C  CG  . GLU A 1 88  ? 15.832  -3.595  -1.091  1.00 29.52  ? 88  GLU A CG  1 
ATOM   658  C  CD  . GLU A 1 88  ? 15.909  -4.777  -0.128  1.00 34.02  ? 88  GLU A CD  1 
ATOM   659  O  OE1 . GLU A 1 88  ? 16.801  -4.791  0.766   1.00 35.07  ? 88  GLU A OE1 1 
ATOM   660  O  OE2 . GLU A 1 88  ? 15.042  -5.676  -0.271  1.00 38.32  ? 88  GLU A OE2 1 
ATOM   661  N  N   . TYR A 1 89  ? 14.919  -1.234  -3.495  1.00 13.39  ? 89  TYR A N   1 
ATOM   662  C  CA  . TYR A 1 89  ? 14.076  -1.736  -4.602  1.00 13.65  ? 89  TYR A CA  1 
ATOM   663  C  C   . TYR A 1 89  ? 13.718  -0.639  -5.573  1.00 14.18  ? 89  TYR A C   1 
ATOM   664  O  O   . TYR A 1 89  ? 13.196  -0.961  -6.678  1.00 13.87  ? 89  TYR A O   1 
ATOM   665  C  CB  . TYR A 1 89  ? 12.818  -2.404  -4.059  1.00 13.45  ? 89  TYR A CB  1 
ATOM   666  C  CG  . TYR A 1 89  ? 12.112  -1.610  -3.000  1.00 12.95  ? 89  TYR A CG  1 
ATOM   667  C  CD1 . TYR A 1 89  ? 12.489  -1.718  -1.677  1.00 13.27  ? 89  TYR A CD1 1 
ATOM   668  C  CD2 . TYR A 1 89  ? 11.062  -0.770  -3.316  1.00 12.63  ? 89  TYR A CD2 1 
ATOM   669  C  CE1 . TYR A 1 89  ? 11.843  -0.997  -0.678  1.00 13.37  ? 89  TYR A CE1 1 
ATOM   670  C  CE2 . TYR A 1 89  ? 10.401  -0.037  -2.329  1.00 12.76  ? 89  TYR A CE2 1 
ATOM   671  C  CZ  . TYR A 1 89  ? 10.761  -0.183  -1.003  1.00 11.86  ? 89  TYR A CZ  1 
ATOM   672  O  OH  . TYR A 1 89  ? 10.191  0.530   0.005   1.00 12.57  ? 89  TYR A OH  1 
ATOM   673  N  N   . TYR A 1 90  ? 13.990  0.638   -5.287  1.00 13.36  ? 90  TYR A N   1 
ATOM   674  C  CA  . TYR A 1 90  ? 13.803  1.703   -6.283  1.00 12.59  ? 90  TYR A CA  1 
ATOM   675  C  C   . TYR A 1 90  ? 14.929  2.718   -6.150  1.00 12.02  ? 90  TYR A C   1 
ATOM   676  O  O   . TYR A 1 90  ? 15.448  2.945   -5.050  1.00 12.93  ? 90  TYR A O   1 
ATOM   677  C  CB  . TYR A 1 90  ? 12.520  2.501   -6.062  1.00 12.66  ? 90  TYR A CB  1 
ATOM   678  C  CG  . TYR A 1 90  ? 11.245  1.818   -6.489  1.00 12.54  ? 90  TYR A CG  1 
ATOM   679  C  CD1 . TYR A 1 90  ? 11.050  1.419   -7.797  1.00 13.60  ? 90  TYR A CD1 1 
ATOM   680  C  CD2 . TYR A 1 90  ? 10.176  1.687   -5.614  1.00 12.98  ? 90  TYR A CD2 1 
ATOM   681  C  CE1 . TYR A 1 90  ? 9.830   0.898   -8.206  1.00 13.32  ? 90  TYR A CE1 1 
ATOM   682  C  CE2 . TYR A 1 90  ? 8.971   1.115   -6.009  1.00 12.72  ? 90  TYR A CE2 1 
ATOM   683  C  CZ  . TYR A 1 90  ? 8.804   0.693   -7.303  1.00 11.21  ? 90  TYR A CZ  1 
ATOM   684  O  OH  . TYR A 1 90  ? 7.593   0.160   -7.735  1.00 12.90  ? 90  TYR A OH  1 
ATOM   685  N  N   . PRO A 1 91  ? 15.252  3.422   -7.248  1.00 12.79  ? 91  PRO A N   1 
ATOM   686  C  CA  . PRO A 1 91  ? 16.124  4.590   -7.156  1.00 12.94  ? 91  PRO A CA  1 
ATOM   687  C  C   . PRO A 1 91  ? 15.374  5.705   -6.431  1.00 11.76  ? 91  PRO A C   1 
ATOM   688  O  O   . PRO A 1 91  ? 14.171  5.602   -6.161  1.00 12.45  ? 91  PRO A O   1 
ATOM   689  C  CB  . PRO A 1 91  ? 16.386  4.961   -8.614  1.00 13.98  ? 91  PRO A CB  1 
ATOM   690  C  CG  . PRO A 1 91  ? 15.125  4.516   -9.300  1.00 14.86  ? 91  PRO A CG  1 
ATOM   691  C  CD  . PRO A 1 91  ? 14.712  3.241   -8.600  1.00 13.57  ? 91  PRO A CD  1 
ATOM   692  N  N   . ALA A 1 92  ? 16.060  6.799   -6.164  1.00 14.05  ? 92  ALA A N   1 
ATOM   693  C  CA  . ALA A 1 92  ? 15.402  8.001   -5.660  1.00 14.38  ? 92  ALA A CA  1 
ATOM   694  C  C   . ALA A 1 92  ? 14.453  8.478   -6.725  1.00 15.63  ? 92  ALA A C   1 
ATOM   695  O  O   . ALA A 1 92  ? 14.883  8.508   -7.915  1.00 21.26  ? 92  ALA A O   1 
ATOM   696  C  CB  . ALA A 1 92  ? 16.453  9.061   -5.388  1.00 16.00  ? 92  ALA A CB  1 
ATOM   697  N  N   . ARG A 1 93  ? 13.224  8.788   -6.390  1.00 15.18  ? 93  ARG A N   1 
ATOM   698  C  CA  . ARG A 1 93  ? 12.265  9.232   -7.401  1.00 17.51  ? 93  ARG A CA  1 
ATOM   699  C  C   . ARG A 1 93  ? 11.037  9.853   -6.722  1.00 14.08  ? 93  ARG A C   1 
ATOM   700  O  O   . ARG A 1 93  ? 10.914  9.820   -5.439  1.00 14.37  ? 93  ARG A O   1 
ATOM   701  C  CB  . ARG A 1 93  ? 11.949  8.027   -8.269  1.00 17.96  ? 93  ARG A CB  1 
ATOM   702  C  CG  . ARG A 1 93  ? 11.094  7.083   -7.462  1.00 14.85  ? 93  ARG A CG  1 
ATOM   703  C  CD  . ARG A 1 93  ? 10.760  5.743   -8.138  1.00 17.11  ? 93  ARG A CD  1 
ATOM   704  N  NE  . ARG A 1 93  ? 9.649   5.093   -7.437  1.00 15.37  ? 93  ARG A NE  1 
ATOM   705  C  CZ  . ARG A 1 93  ? 8.522   4.608   -7.936  1.00 15.33  ? 93  ARG A CZ  1 
ATOM   706  N  NH1 . ARG A 1 93  ? 8.347   4.461   -9.241  1.00 15.99  ? 93  ARG A NH1 1 
ATOM   707  N  NH2 . ARG A 1 93  ? 7.549   4.289   -7.105  1.00 18.16  ? 93  ARG A NH2 1 
ATOM   708  N  N   . TYR A 1 94  ? 10.156  10.441  -7.472  1.00 13.98  ? 94  TYR A N   1 
ATOM   709  C  CA  . TYR A 1 94  ? 8.862   10.941  -6.995  1.00 14.05  ? 94  TYR A CA  1 
ATOM   710  C  C   . TYR A 1 94  ? 7.875   9.797   -7.032  1.00 13.86  ? 94  TYR A C   1 
ATOM   711  O  O   . TYR A 1 94  ? 7.886   8.988   -8.024  1.00 17.37  ? 94  TYR A O   1 
ATOM   712  C  CB  . TYR A 1 94  ? 8.401   12.094  -7.867  1.00 14.49  ? 94  TYR A CB  1 
ATOM   713  C  CG  . TYR A 1 94  ? 9.076   13.377  -7.450  1.00 15.81  ? 94  TYR A CG  1 
ATOM   714  C  CD1 . TYR A 1 94  ? 8.518   14.057  -6.385  1.00 19.20  ? 94  TYR A CD1 1 
ATOM   715  C  CD2 . TYR A 1 94  ? 10.256  13.864  -7.997  1.00 20.32  ? 94  TYR A CD2 1 
ATOM   716  C  CE1 . TYR A 1 94  ? 9.050   15.210  -5.870  1.00 21.02  ? 94  TYR A CE1 1 
ATOM   717  C  CE2 . TYR A 1 94  ? 10.828  15.043  -7.483  1.00 19.91  ? 94  TYR A CE2 1 
ATOM   718  C  CZ  . TYR A 1 94  ? 10.193  15.712  -6.441  1.00 19.73  ? 94  TYR A CZ  1 
ATOM   719  O  OH  . TYR A 1 94  ? 10.696  16.861  -5.889  1.00 23.89  ? 94  TYR A OH  1 
ATOM   720  N  N   . GLN A 1 95  ? 7.134   9.626   -5.948  1.00 11.53  ? 95  GLN A N   1 
ATOM   721  C  CA  . GLN A 1 95  ? 6.041   8.638   -5.868  1.00 10.66  ? 95  GLN A CA  1 
ATOM   722  C  C   . GLN A 1 95  ? 4.762   9.394   -5.628  1.00 10.70  ? 95  GLN A C   1 
ATOM   723  O  O   . GLN A 1 95  ? 4.734   10.274  -4.727  1.00 12.16  ? 95  GLN A O   1 
ATOM   724  C  CB  . GLN A 1 95  ? 6.342   7.631   -4.784  1.00 11.05  ? 95  GLN A CB  1 
ATOM   725  C  CG  . GLN A 1 95  ? 5.308   6.547   -4.643  1.00 12.99  ? 95  GLN A CG  1 
ATOM   726  C  CD  . GLN A 1 95  ? 5.827   5.286   -3.980  1.00 11.74  ? 95  GLN A CD  1 
ATOM   727  O  OE1 . GLN A 1 95  ? 6.969   4.904   -4.156  1.00 12.42  ? 95  GLN A OE1 1 
ATOM   728  N  NE2 . GLN A 1 95  ? 4.928   4.650   -3.279  1.00 11.98  ? 95  GLN A NE2 1 
ATOM   729  N  N   . SER A 1 96  ? 3.697   9.053   -6.328  1.00 10.19  ? 96  SER A N   1 
ATOM   730  C  CA  . SER A 1 96  ? 2.398   9.699   -6.199  1.00 10.97  ? 96  SER A CA  1 
ATOM   731  C  C   . SER A 1 96  ? 1.507   8.896   -5.240  1.00 9.93   ? 96  SER A C   1 
ATOM   732  O  O   . SER A 1 96  ? 1.713   7.708   -4.989  1.00 9.72   ? 96  SER A O   1 
ATOM   733  C  CB  . SER A 1 96  ? 1.733   9.873   -7.553  1.00 11.61  ? 96  SER A CB  1 
ATOM   734  O  OG  . SER A 1 96  ? 1.459   8.585   -8.087  1.00 14.12  ? 96  SER A OG  1 
ATOM   735  N  N   . HIS A 1 97  ? 0.474   9.557   -4.802  1.00 9.57   ? 97  HIS A N   1 
ATOM   736  C  CA  . HIS A 1 97  ? -0.543  8.951   -3.905  1.00 9.49   ? 97  HIS A CA  1 
ATOM   737  C  C   . HIS A 1 97  ? 0.090   8.337   -2.652  1.00 8.67   ? 97  HIS A C   1 
ATOM   738  O  O   . HIS A 1 97  ? -0.414  7.307   -2.184  1.00 9.62   ? 97  HIS A O   1 
ATOM   739  C  CB  . HIS A 1 97  ? -1.385  7.956   -4.684  1.00 10.63  ? 97  HIS A CB  1 
ATOM   740  C  CG  . HIS A 1 97  ? -2.110  8.565   -5.826  1.00 11.86  ? 97  HIS A CG  1 
ATOM   741  N  ND1 . HIS A 1 97  ? -3.423  8.936   -5.738  1.00 11.99  ? 97  HIS A ND1 1 
ATOM   742  C  CD2 . HIS A 1 97  ? -1.714  8.802   -7.095  1.00 11.94  ? 97  HIS A CD2 1 
ATOM   743  C  CE1 . HIS A 1 97  ? -3.805  9.409   -6.945  1.00 13.21  ? 97  HIS A CE1 1 
ATOM   744  N  NE2 . HIS A 1 97  ? -2.777  9.380   -7.731  1.00 13.74  ? 97  HIS A NE2 1 
ATOM   745  N  N   . LEU A 1 98  ? 1.123   8.975   -2.143  1.00 8.76   ? 98  LEU A N   1 
ATOM   746  C  CA  . LEU A 1 98  ? 1.901   8.455   -1.008  1.00 8.68   ? 98  LEU A CA  1 
ATOM   747  C  C   . LEU A 1 98  ? 1.544   9.221   0.263   1.00 8.75   ? 98  LEU A C   1 
ATOM   748  O  O   . LEU A 1 98  ? 1.452   10.454  0.233   1.00 9.99   ? 98  LEU A O   1 
ATOM   749  C  CB  . LEU A 1 98  ? 3.395   8.604   -1.304  1.00 9.56   ? 98  LEU A CB  1 
ATOM   750  C  CG  . LEU A 1 98  ? 4.320   7.985   -0.256  1.00 10.07  ? 98  LEU A CG  1 
ATOM   751  C  CD1 . LEU A 1 98  ? 4.208   6.501   -0.195  1.00 10.66  ? 98  LEU A CD1 1 
ATOM   752  C  CD2 . LEU A 1 98  ? 5.784   8.367   -0.482  1.00 11.57  ? 98  LEU A CD2 1 
ATOM   753  N  N   . MET A 1 99  ? 1.371   8.492   1.357   1.00 8.46   ? 99  MET A N   1 
ATOM   754  C  CA  . MET A 1 99  ? 1.059   9.033   2.689   1.00 8.96   ? 99  MET A CA  1 
ATOM   755  C  C   . MET A 1 99  ? 2.237   8.740   3.578   1.00 8.61   ? 99  MET A C   1 
ATOM   756  O  O   . MET A 1 99  ? 2.781   7.635   3.531   1.00 9.72   ? 99  MET A O   1 
ATOM   757  C  CB  . MET A 1 99  ? -0.183  8.365   3.254   1.00 8.53   ? 99  MET A CB  1 
ATOM   758  C  CG  . MET A 1 99  ? -1.423  8.612   2.389   1.00 9.74   ? 99  MET A CG  1 
ATOM   759  S  SD  . MET A 1 99  ? -2.856  7.660   2.849   1.00 10.91  ? 99  MET A SD  1 
ATOM   760  C  CE  . MET A 1 99  ? -2.301  5.999   2.447   1.00 10.83  ? 99  MET A CE  1 
ATOM   761  N  N   . LEU A 1 100 ? 2.663   9.686   4.420   1.00 8.45   ? 100 LEU A N   1 
ATOM   762  C  CA  . LEU A 1 100 ? 3.815   9.463   5.329   1.00 8.80   ? 100 LEU A CA  1 
ATOM   763  C  C   . LEU A 1 100 ? 3.353   9.504   6.786   1.00 8.04   ? 100 LEU A C   1 
ATOM   764  O  O   . LEU A 1 100 ? 2.477   10.297  7.153   1.00 8.62   ? 100 LEU A O   1 
ATOM   765  C  CB  . LEU A 1 100 ? 4.857   10.551  5.125   1.00 9.43   ? 100 LEU A CB  1 
ATOM   766  C  CG  . LEU A 1 100 ? 5.575   10.515  3.790   1.00 10.85  ? 100 LEU A CG  1 
ATOM   767  C  CD1 . LEU A 1 100 ? 6.433   11.751  3.606   1.00 12.05  ? 100 LEU A CD1 1 
ATOM   768  C  CD2 . LEU A 1 100 ? 6.420   9.253   3.649   1.00 12.34  ? 100 LEU A CD2 1 
ATOM   769  N  N   . ALA A 1 101 ? 3.965   8.665   7.586   1.00 8.35   ? 101 ALA A N   1 
ATOM   770  C  CA  . ALA A 1 101 ? 3.885   8.689   9.046   1.00 8.41   ? 101 ALA A CA  1 
ATOM   771  C  C   . ALA A 1 101 ? 5.267   8.542   9.664   1.00 8.23   ? 101 ALA A C   1 
ATOM   772  O  O   . ALA A 1 101 ? 6.168   8.042   9.004   1.00 8.73   ? 101 ALA A O   1 
ATOM   773  C  CB  . ALA A 1 101 ? 2.959   7.571   9.503   1.00 8.62   ? 101 ALA A CB  1 
ATOM   774  N  N   . VAL A 1 102 ? 5.344   8.907   10.917  1.00 8.23   ? 102 VAL A N   1 
ATOM   775  C  CA  . VAL A 1 102 ? 6.570   8.636   11.703  1.00 8.56   ? 102 VAL A CA  1 
ATOM   776  C  C   . VAL A 1 102 ? 6.501   7.220   12.232  1.00 8.06   ? 102 VAL A C   1 
ATOM   777  O  O   . VAL A 1 102 ? 5.552   6.857   12.939  1.00 9.50   ? 102 VAL A O   1 
ATOM   778  C  CB  . VAL A 1 102 ? 6.714   9.674   12.817  1.00 8.66   ? 102 VAL A CB  1 
ATOM   779  C  CG1 . VAL A 1 102 ? 7.943   9.350   13.674  1.00 9.34   ? 102 VAL A CG1 1 
ATOM   780  C  CG2 . VAL A 1 102 ? 6.799   11.073  12.227  1.00 9.45   ? 102 VAL A CG2 1 
ATOM   781  N  N   . GLY A 1 103 ? 7.456   6.417   11.854  1.00 8.71   ? 103 GLY A N   1 
ATOM   782  C  CA  . GLY A 1 103 ? 7.459   5.016   12.265  1.00 10.07  ? 103 GLY A CA  1 
ATOM   783  C  C   . GLY A 1 103 ? 8.498   4.243   11.517  1.00 9.98   ? 103 GLY A C   1 
ATOM   784  O  O   . GLY A 1 103 ? 9.222   4.788   10.677  1.00 11.22  ? 103 GLY A O   1 
ATOM   785  N  N   . HIS A 1 104 ? 8.613   2.973   11.861  1.00 10.09  ? 104 HIS A N   1 
ATOM   786  C  CA  . HIS A 1 104 ? 9.674   2.118   11.329  1.00 10.64  ? 104 HIS A CA  1 
ATOM   787  C  C   . HIS A 1 104 ? 9.203   1.397   10.087  1.00 9.54   ? 104 HIS A C   1 
ATOM   788  O  O   . HIS A 1 104 ? 8.155   0.756   10.084  1.00 10.04  ? 104 HIS A O   1 
ATOM   789  C  CB  . HIS A 1 104 ? 10.091  1.105   12.395  1.00 10.39  ? 104 HIS A CB  1 
ATOM   790  C  CG  . HIS A 1 104 ? 11.237  0.299   11.950  1.00 11.55  ? 104 HIS A CG  1 
ATOM   791  N  ND1 . HIS A 1 104 ? 12.462  0.871   11.747  1.00 12.71  ? 104 HIS A ND1 1 
ATOM   792  C  CD2 . HIS A 1 104 ? 11.311  -1.004  11.598  1.00 12.74  ? 104 HIS A CD2 1 
ATOM   793  C  CE1 . HIS A 1 104 ? 13.283  -0.105  11.309  1.00 13.44  ? 104 HIS A CE1 1 
ATOM   794  N  NE2 . HIS A 1 104 ? 12.592  -1.202  11.213  1.00 13.68  ? 104 HIS A NE2 1 
ATOM   795  N  N   . SER A 1 105 ? 10.068  1.378   9.074   1.00 10.18  ? 105 SER A N   1 
ATOM   796  C  CA  . SER A 1 105 ? 9.783   0.689   7.809   1.00 9.74   ? 105 SER A CA  1 
ATOM   797  C  C   . SER A 1 105 ? 11.091  0.346   7.121   1.00 10.71  ? 105 SER A C   1 
ATOM   798  O  O   . SER A 1 105 ? 11.886  1.254   6.827   1.00 12.74  ? 105 SER A O   1 
ATOM   799  C  CB  . SER A 1 105 ? 8.917   1.548   6.915   1.00 9.72   ? 105 SER A CB  1 
ATOM   800  O  OG  . SER A 1 105 ? 8.760   0.908   5.667   1.00 10.75  ? 105 SER A OG  1 
ATOM   801  N  N   . GLU A 1 106 ? 11.313  -0.920  6.937   1.00 10.77  ? 106 GLU A N   1 
ATOM   802  C  CA  . GLU A 1 106 ? 12.407  -1.495  6.097   1.00 11.74  ? 106 GLU A CA  1 
ATOM   803  C  C   . GLU A 1 106 ? 11.814  -2.092  4.842   1.00 13.41  ? 106 GLU A C   1 
ATOM   804  O  O   . GLU A 1 106 ? 10.604  -2.352  4.760   1.00 13.09  ? 106 GLU A O   1 
ATOM   805  C  CB  . GLU A 1 106 ? 13.091  -2.628  6.878   1.00 14.73  ? 106 GLU A CB  1 
ATOM   806  C  CG  . GLU A 1 106 ? 13.722  -2.138  8.162   1.00 17.33  ? 106 GLU A CG  1 
ATOM   807  C  CD  . GLU A 1 106 ? 14.362  -3.208  9.074   1.00 17.12  ? 106 GLU A CD  1 
ATOM   808  O  OE1 . GLU A 1 106 ? 14.961  -4.184  8.568   1.00 23.85  ? 106 GLU A OE1 1 
ATOM   809  O  OE2 . GLU A 1 106 ? 14.266  -3.076  10.266  1.00 16.96  ? 106 GLU A OE2 1 
ATOM   810  N  N   . PRO A 1 107 ? 12.645  -2.447  3.834   1.00 14.34  ? 107 PRO A N   1 
ATOM   811  C  CA  . PRO A 1 107 ? 12.106  -2.912  2.565   1.00 13.36  ? 107 PRO A CA  1 
ATOM   812  C  C   . PRO A 1 107 ? 11.111  -4.062  2.702   1.00 13.81  ? 107 PRO A C   1 
ATOM   813  O  O   . PRO A 1 107 ? 10.034  -4.081  2.009   1.00 14.01  ? 107 PRO A O   1 
ATOM   814  C  CB  . PRO A 1 107 ? 13.380  -3.333  1.831   1.00 14.25  ? 107 PRO A CB  1 
ATOM   815  C  CG  . PRO A 1 107 ? 14.345  -2.291  2.250   1.00 16.45  ? 107 PRO A CG  1 
ATOM   816  C  CD  . PRO A 1 107 ? 14.098  -2.196  3.752   1.00 15.05  ? 107 PRO A CD  1 
ATOM   817  N  N   . GLY A 1 108 ? 11.415  -5.067  3.518   1.00 13.11  ? 108 GLY A N   1 
ATOM   818  C  CA  . GLY A 1 108 ? 10.541  -6.210  3.659   1.00 12.63  ? 108 GLY A CA  1 
ATOM   819  C  C   . GLY A 1 108 ? 9.233   -5.898  4.369   1.00 11.38  ? 108 GLY A C   1 
ATOM   820  O  O   . GLY A 1 108 ? 8.378   -6.750  4.374   1.00 12.30  ? 108 GLY A O   1 
ATOM   821  N  N   . ASP A 1 109 ? 9.091   -4.686  4.935   1.00 10.28  ? 109 ASP A N   1 
ATOM   822  C  CA  . ASP A 1 109 ? 7.807   -4.262  5.496   1.00 9.03   ? 109 ASP A CA  1 
ATOM   823  C  C   . ASP A 1 109 ? 6.806   -3.912  4.398   1.00 9.04   ? 109 ASP A C   1 
ATOM   824  O  O   . ASP A 1 109 ? 5.627   -3.780  4.727   1.00 9.00   ? 109 ASP A O   1 
ATOM   825  C  CB  . ASP A 1 109 ? 8.044   -3.084  6.449   1.00 9.18   ? 109 ASP A CB  1 
ATOM   826  C  CG  . ASP A 1 109 ? 8.777   -3.516  7.703   1.00 8.45   ? 109 ASP A CG  1 
ATOM   827  O  OD1 . ASP A 1 109 ? 8.489   -4.645  8.153   1.00 10.56  ? 109 ASP A OD1 1 
ATOM   828  O  OD2 . ASP A 1 109 ? 9.585   -2.749  8.189   1.00 9.88   ? 109 ASP A OD2 1 
ATOM   829  N  N   . CYS A 1 110 ? 7.221   -3.717  3.165   1.00 9.36   ? 110 CYS A N   1 
ATOM   830  C  CA  . CYS A 1 110 ? 6.282   -3.364  2.098   1.00 9.13   ? 110 CYS A CA  1 
ATOM   831  C  C   . CYS A 1 110 ? 5.181   -4.403  2.007   1.00 9.22   ? 110 CYS A C   1 
ATOM   832  O  O   . CYS A 1 110 ? 5.459   -5.649  2.154   1.00 10.03  ? 110 CYS A O   1 
ATOM   833  C  CB  . CYS A 1 110 ? 6.986   -3.276  0.743   1.00 9.31   ? 110 CYS A CB  1 
ATOM   834  S  SG  . CYS A 1 110 ? 7.965   -1.770  0.579   1.00 10.57  ? 110 CYS A SG  1 
ATOM   835  N  N   . GLY A 1 111 ? 3.945   -3.937  1.869   1.00 8.60   ? 111 GLY A N   1 
ATOM   836  C  CA  . GLY A 1 111 ? 2.790   -4.803  1.787   1.00 8.59   ? 111 GLY A CA  1 
ATOM   837  C  C   . GLY A 1 111 ? 2.011   -4.881  3.092   1.00 8.90   ? 111 GLY A C   1 
ATOM   838  O  O   . GLY A 1 111 ? 0.883   -5.352  3.084   1.00 9.41   ? 111 GLY A O   1 
ATOM   839  N  N   . GLY A 1 112 ? 2.578   -4.427  4.200   1.00 8.92   ? 112 GLY A N   1 
ATOM   840  C  CA  . GLY A 1 112 ? 1.797   -4.364  5.439   1.00 8.65   ? 112 GLY A CA  1 
ATOM   841  C  C   . GLY A 1 112 ? 0.650   -3.412  5.320   1.00 8.01   ? 112 GLY A C   1 
ATOM   842  O  O   . GLY A 1 112 ? 0.783   -2.355  4.711   1.00 8.18   ? 112 GLY A O   1 
ATOM   843  N  N   . ILE A 1 113 ? -0.479  -3.786  5.877   1.00 7.97   ? 113 ILE A N   1 
ATOM   844  C  CA  . ILE A 1 113 ? -1.711  -2.976  5.753   1.00 7.60   ? 113 ILE A CA  1 
ATOM   845  C  C   . ILE A 1 113 ? -1.688  -1.827  6.752   1.00 7.81   ? 113 ILE A C   1 
ATOM   846  O  O   . ILE A 1 113 ? -1.410  -2.013  7.947   1.00 7.94   ? 113 ILE A O   1 
ATOM   847  C  CB  . ILE A 1 113 ? -2.926  -3.874  5.962   1.00 9.63   ? 113 ILE A CB  1 
ATOM   848  C  CG1 . ILE A 1 113 ? -3.141  -4.664  4.673   1.00 11.97  ? 113 ILE A CG1 1 
ATOM   849  C  CG2 . ILE A 1 113 ? -4.198  -3.129  6.341   1.00 8.99   ? 113 ILE A CG2 1 
ATOM   850  C  CD1 . ILE A 1 113 ? -4.175  -5.743  4.767   1.00 14.04  ? 113 ILE A CD1 1 
ATOM   851  N  N   . LEU A 1 114 ? -2.136  -0.667  6.265   1.00 7.24   ? 114 LEU A N   1 
ATOM   852  C  CA  . LEU A 1 114 ? -2.617  0.476   7.065   1.00 7.86   ? 114 LEU A CA  1 
ATOM   853  C  C   . LEU A 1 114 ? -4.150  0.435   7.051   1.00 7.68   ? 114 LEU A C   1 
ATOM   854  O  O   . LEU A 1 114 ? -4.711  0.367   5.942   1.00 8.07   ? 114 LEU A O   1 
ATOM   855  C  CB  . LEU A 1 114 ? -2.072  1.762   6.447   1.00 7.83   ? 114 LEU A CB  1 
ATOM   856  C  CG  . LEU A 1 114 ? -2.633  3.044   7.060   1.00 7.97   ? 114 LEU A CG  1 
ATOM   857  C  CD1 . LEU A 1 114 ? -2.152  3.238   8.494   1.00 8.29   ? 114 LEU A CD1 1 
ATOM   858  C  CD2 . LEU A 1 114 ? -2.218  4.240   6.200   1.00 8.46   ? 114 LEU A CD2 1 
ATOM   859  N  N   . ARG A 1 115 ? -4.762  0.490   8.215   1.00 7.66   ? 115 ARG A N   1 
ATOM   860  C  CA  . ARG A 1 115 ? -6.207  0.466   8.340   1.00 7.96   ? 115 ARG A CA  1 
ATOM   861  C  C   . ARG A 1 115 ? -6.726  1.535   9.242   1.00 8.20   ? 115 ARG A C   1 
ATOM   862  O  O   . ARG A 1 115 ? -6.034  1.955   10.183  1.00 8.48   ? 115 ARG A O   1 
ATOM   863  C  CB  . ARG A 1 115 ? -6.703  -0.882  8.812   1.00 9.34   ? 115 ARG A CB  1 
ATOM   864  C  CG  . ARG A 1 115 ? -6.231  -1.244  10.211  1.00 9.83   ? 115 ARG A CG  1 
ATOM   865  C  CD  . ARG A 1 115 ? -6.626  -2.633  10.676  1.00 11.90  ? 115 ARG A CD  1 
ATOM   866  N  NE  . ARG A 1 115 ? -5.799  -3.619  10.006  1.00 14.64  ? 115 ARG A NE  1 
ATOM   867  C  CZ  . ARG A 1 115 ? -6.237  -4.605  9.203   1.00 15.64  ? 115 ARG A CZ  1 
ATOM   868  N  NH1 . ARG A 1 115 ? -7.515  -4.678  8.851   1.00 20.25  ? 115 ARG A NH1 1 
ATOM   869  N  NH2 . ARG A 1 115 ? -5.392  -5.498  8.730   1.00 19.05  ? 115 ARG A NH2 1 
ATOM   870  N  N   . CYS A 1 116 ? -7.923  2.023   8.956   1.00 8.37   ? 116 CYS A N   1 
ATOM   871  C  CA  . CYS A 1 116 ? -8.634  2.982   9.807   1.00 8.88   ? 116 CYS A CA  1 
ATOM   872  C  C   . CYS A 1 116 ? -9.931  2.327   10.214  1.00 9.58   ? 116 CYS A C   1 
ATOM   873  O  O   . CYS A 1 116 ? -10.254 1.231   9.850   1.00 10.64  ? 116 CYS A O   1 
ATOM   874  C  CB  . CYS A 1 116 ? -8.859  4.302   9.064   1.00 9.82   ? 116 CYS A CB  1 
ATOM   875  S  SG  . CYS A 1 116 ? -9.964  4.106   7.656   1.00 9.25   ? 116 CYS A SG  1 
ATOM   876  N  N   . GLN A 1 117 ? -10.788 3.133   10.853  1.00 11.67  ? 117 GLN A N   1 
ATOM   877  C  CA  . GLN A 1 117 ? -12.128 2.674   11.244  1.00 13.01  ? 117 GLN A CA  1 
ATOM   878  C  C   . GLN A 1 117 ? -12.947 2.252   10.031  1.00 12.81  ? 117 GLN A C   1 
ATOM   879  O  O   . GLN A 1 117 ? -13.875 1.470   10.204  1.00 15.37  ? 117 GLN A O   1 
ATOM   880  C  CB  . GLN A 1 117 ? -12.831 3.747   12.076  1.00 13.82  ? 117 GLN A CB  1 
ATOM   881  C  CG  . GLN A 1 117 ? -13.223 4.957   11.256  1.00 14.75  ? 117 GLN A CG  1 
ATOM   882  C  CD  . GLN A 1 117 ? -13.985 6.013   12.019  1.00 19.55  ? 117 GLN A CD  1 
ATOM   883  O  OE1 . GLN A 1 117 ? -13.393 6.947   12.558  1.00 24.98  ? 117 GLN A OE1 1 
ATOM   884  N  NE2 . GLN A 1 117 ? -15.283 5.809   12.116  1.00 21.17  ? 117 GLN A NE2 1 
ATOM   885  N  N   . HIS A 1 118 ? -12.667 2.697   8.816   1.00 11.27  ? 118 HIS A N   1 
ATOM   886  C  CA  . HIS A 1 118 ? -13.491 2.343   7.642   1.00 11.29  ? 118 HIS A CA  1 
ATOM   887  C  C   . HIS A 1 118 ? -12.964 1.131   6.857   1.00 12.18  ? 118 HIS A C   1 
ATOM   888  O  O   . HIS A 1 118 ? -13.617 0.714   5.860   1.00 14.11  ? 118 HIS A O   1 
ATOM   889  C  CB  . HIS A 1 118 ? -13.545 3.549   6.733   1.00 10.81  ? 118 HIS A CB  1 
ATOM   890  C  CG  . HIS A 1 118 ? -14.052 4.779   7.396   1.00 10.37  ? 118 HIS A CG  1 
ATOM   891  N  ND1 . HIS A 1 118 ? -13.221 5.772   7.850   1.00 10.63  ? 118 HIS A ND1 1 
ATOM   892  C  CD2 . HIS A 1 118 ? -15.324 5.148   7.703   1.00 12.10  ? 118 HIS A CD2 1 
ATOM   893  C  CE1 . HIS A 1 118 ? -13.983 6.726   8.422   1.00 11.38  ? 118 HIS A CE1 1 
ATOM   894  N  NE2 . HIS A 1 118 ? -15.260 6.339   8.324   1.00 13.45  ? 118 HIS A NE2 1 
ATOM   895  N  N   . GLY A 1 119 ? -11.777 0.607   7.177   1.00 10.19  ? 119 GLY A N   1 
ATOM   896  C  CA  . GLY A 1 119 ? -11.148 -0.524  6.476   1.00 9.70   ? 119 GLY A CA  1 
ATOM   897  C  C   . GLY A 1 119 ? -9.737  -0.208  6.054   1.00 8.29   ? 119 GLY A C   1 
ATOM   898  O  O   . GLY A 1 119 ? -9.056  0.559   6.688   1.00 8.78   ? 119 GLY A O   1 
ATOM   899  N  N   . VAL A 1 120 ? -9.326  -0.858  4.999   1.00 8.75   ? 120 VAL A N   1 
ATOM   900  C  CA  . VAL A 1 120 ? -7.919  -0.790  4.539   1.00 8.39   ? 120 VAL A CA  1 
ATOM   901  C  C   . VAL A 1 120 ? -7.714  0.526   3.808   1.00 8.46   ? 120 VAL A C   1 
ATOM   902  O  O   . VAL A 1 120 ? -8.441  0.866   2.836   1.00 9.22   ? 120 VAL A O   1 
ATOM   903  C  CB  . VAL A 1 120 ? -7.585  -1.970  3.617   1.00 9.20   ? 120 VAL A CB  1 
ATOM   904  C  CG1 . VAL A 1 120 ? -6.204  -1.821  3.011   1.00 9.79   ? 120 VAL A CG1 1 
ATOM   905  C  CG2 . VAL A 1 120 ? -7.737  -3.280  4.362   1.00 10.98  ? 120 VAL A CG2 1 
ATOM   906  N  N   . VAL A 1 121 ? -6.700  1.273   4.199   1.00 7.69   ? 121 VAL A N   1 
ATOM   907  C  CA  . VAL A 1 121 ? -6.319  2.591   3.636   1.00 7.72   ? 121 VAL A CA  1 
ATOM   908  C  C   . VAL A 1 121 ? -5.266  2.421   2.562   1.00 7.36   ? 121 VAL A C   1 
ATOM   909  O  O   . VAL A 1 121 ? -5.301  3.111   1.536   1.00 8.33   ? 121 VAL A O   1 
ATOM   910  C  CB  . VAL A 1 121 ? -5.802  3.464   4.776   1.00 8.80   ? 121 VAL A CB  1 
ATOM   911  C  CG1 . VAL A 1 121 ? -5.289  4.781   4.249   1.00 8.66   ? 121 VAL A CG1 1 
ATOM   912  C  CG2 . VAL A 1 121 ? -6.871  3.703   5.838   1.00 10.10  ? 121 VAL A CG2 1 
ATOM   913  N  N   . GLY A 1 122 ? -4.328  1.515   2.774   1.00 8.00   ? 122 GLY A N   1 
ATOM   914  C  CA  . GLY A 1 122 ? -3.181  1.361   1.870   1.00 8.41   ? 122 GLY A CA  1 
ATOM   915  C  C   . GLY A 1 122 ? -2.232  0.336   2.354   1.00 7.53   ? 122 GLY A C   1 
ATOM   916  O  O   . GLY A 1 122 ? -2.499  -0.378  3.345   1.00 8.13   ? 122 GLY A O   1 
ATOM   917  N  N   . ILE A 1 123 ? -1.065  0.258   1.710   1.00 7.19   ? 123 ILE A N   1 
ATOM   918  C  CA  . ILE A 1 123 ? -0.017  -0.723  2.080   1.00 7.35   ? 123 ILE A CA  1 
ATOM   919  C  C   . ILE A 1 123 ? 1.312   0.017   2.205   1.00 7.16   ? 123 ILE A C   1 
ATOM   920  O  O   . ILE A 1 123 ? 1.569   0.994   1.485   1.00 7.78   ? 123 ILE A O   1 
ATOM   921  C  CB  . ILE A 1 123 ? 0.100   -1.907  1.100   1.00 8.00   ? 123 ILE A CB  1 
ATOM   922  C  CG1 . ILE A 1 123 ? 0.206   -1.462  -0.366  1.00 8.55   ? 123 ILE A CG1 1 
ATOM   923  C  CG2 . ILE A 1 123 ? -1.073  -2.855  1.293   1.00 8.83   ? 123 ILE A CG2 1 
ATOM   924  C  CD1 . ILE A 1 123 ? 0.510   -2.570  -1.336  1.00 9.74   ? 123 ILE A CD1 1 
ATOM   925  N  N   . VAL A 1 124 ? 2.151   -0.503  3.073   1.00 7.00   ? 124 VAL A N   1 
ATOM   926  C  CA  . VAL A 1 124 ? 3.512   0.047   3.202   1.00 7.35   ? 124 VAL A CA  1 
ATOM   927  C  C   . VAL A 1 124 ? 4.191   -0.033  1.861   1.00 8.01   ? 124 VAL A C   1 
ATOM   928  O  O   . VAL A 1 124 ? 4.183   -1.075  1.165   1.00 7.87   ? 124 VAL A O   1 
ATOM   929  C  CB  . VAL A 1 124 ? 4.323   -0.722  4.247   1.00 7.73   ? 124 VAL A CB  1 
ATOM   930  C  CG1 . VAL A 1 124 ? 5.762   -0.244  4.275   1.00 7.89   ? 124 VAL A CG1 1 
ATOM   931  C  CG2 . VAL A 1 124 ? 3.712   -0.635  5.648   1.00 7.97   ? 124 VAL A CG2 1 
ATOM   932  N  N   . SER A 1 125 ? 4.838   1.066   1.494   1.00 8.05   ? 125 SER A N   1 
ATOM   933  C  CA  . SER A 1 125 ? 5.592   1.184   0.232   1.00 8.62   ? 125 SER A CA  1 
ATOM   934  C  C   . SER A 1 125 ? 6.953   1.844   0.375   1.00 8.53   ? 125 SER A C   1 
ATOM   935  O  O   . SER A 1 125 ? 7.814   1.586   -0.493  1.00 9.76   ? 125 SER A O   1 
ATOM   936  C  CB  . SER A 1 125 ? 4.760   1.966   -0.747  1.00 8.69   ? 125 SER A CB  1 
ATOM   937  O  OG  . SER A 1 125 ? 5.392   2.140   -2.023  1.00 10.34  ? 125 SER A OG  1 
ATOM   938  N  N   . THR A 1 126 ? 7.175   2.690   1.384   1.00 8.68   ? 126 THR A N   1 
ATOM   939  C  CA  . THR A 1 126 ? 8.477   3.365   1.539   1.00 8.93   ? 126 THR A CA  1 
ATOM   940  C  C   . THR A 1 126 ? 8.912   3.302   2.995   1.00 9.25   ? 126 THR A C   1 
ATOM   941  O  O   . THR A 1 126 ? 8.071   3.042   3.885   1.00 8.60   ? 126 THR A O   1 
ATOM   942  C  CB  . THR A 1 126 ? 8.497   4.826   1.038   1.00 9.45   ? 126 THR A CB  1 
ATOM   943  O  OG1 . THR A 1 126 ? 7.827   5.640   1.993   1.00 9.66   ? 126 THR A OG1 1 
ATOM   944  C  CG2 . THR A 1 126 ? 7.855   5.033   -0.319  1.00 9.80   ? 126 THR A CG2 1 
ATOM   945  N  N   . GLY A 1 127 ? 10.200  3.577   3.221   1.00 9.47   ? 127 GLY A N   1 
ATOM   946  C  CA  . GLY A 1 127 ? 10.739  3.631   4.570   1.00 10.50  ? 127 GLY A CA  1 
ATOM   947  C  C   . GLY A 1 127 ? 12.018  4.416   4.573   1.00 11.32  ? 127 GLY A C   1 
ATOM   948  O  O   . GLY A 1 127 ? 12.297  5.156   3.629   1.00 13.85  ? 127 GLY A O   1 
ATOM   949  N  N   . GLY A 1 128 ? 12.685  4.385   5.698   1.00 12.84  ? 128 GLY A N   1 
ATOM   950  C  CA  . GLY A 1 128 ? 13.942  5.136   5.929   1.00 13.19  ? 128 GLY A CA  1 
ATOM   951  C  C   . GLY A 1 128 ? 13.722  6.441   6.660   1.00 13.58  ? 128 GLY A C   1 
ATOM   952  O  O   . GLY A 1 128 ? 12.658  7.063   6.631   1.00 12.93  ? 128 GLY A O   1 
ATOM   953  N  N   . ASN A 1 129 ? 14.801  6.919   7.286   1.00 14.80  ? 129 ASN A N   1 
ATOM   954  C  CA  . ASN A 1 129 ? 14.843  8.223   8.008   1.00 15.08  ? 129 ASN A CA  1 
ATOM   955  C  C   . ASN A 1 129 ? 13.650  8.381   8.941   1.00 12.28  ? 129 ASN A C   1 
ATOM   956  O  O   . ASN A 1 129 ? 13.114  9.498   9.121   1.00 13.30  ? 129 ASN A O   1 
ATOM   957  C  CB  . ASN A 1 129 ? 14.878  9.406   7.056   1.00 16.63  ? 129 ASN A CB  1 
ATOM   958  C  CG  . ASN A 1 129 ? 16.251  9.667   6.468   1.00 21.31  ? 129 ASN A CG  1 
ATOM   959  O  OD1 . ASN A 1 129 ? 17.273  9.373   7.091   1.00 24.19  ? 129 ASN A OD1 1 
ATOM   960  N  ND2 . ASN A 1 129 ? 16.271  10.246  5.280   1.00 24.56  ? 129 ASN A ND2 1 
ATOM   961  N  N   . GLY A 1 130 ? 13.262  7.277   9.563   1.00 12.14  ? 130 GLY A N   1 
ATOM   962  C  CA  . GLY A 1 130 ? 12.254  7.305   10.624  1.00 10.83  ? 130 GLY A CA  1 
ATOM   963  C  C   . GLY A 1 130 ? 10.827  7.525   10.188  1.00 10.09  ? 130 GLY A C   1 
ATOM   964  O  O   . GLY A 1 130 ? 9.983   7.780   11.008  1.00 9.89   ? 130 GLY A O   1 
ATOM   965  N  N   . LEU A 1 131 ? 10.615  7.403   8.887   1.00 10.70  ? 131 LEU A N   1 
ATOM   966  C  CA  . LEU A 1 131 ? 9.258   7.476   8.322   1.00 9.73   ? 131 LEU A CA  1 
ATOM   967  C  C   . LEU A 1 131 ? 8.842   6.130   7.715   1.00 9.67   ? 131 LEU A C   1 
ATOM   968  O  O   . LEU A 1 131 ? 9.688   5.317   7.296   1.00 10.62  ? 131 LEU A O   1 
ATOM   969  C  CB  . LEU A 1 131 ? 9.062   8.555   7.269   1.00 10.87  ? 131 LEU A CB  1 
ATOM   970  C  CG  . LEU A 1 131 ? 9.500   9.966   7.654   1.00 11.67  ? 131 LEU A CG  1 
ATOM   971  C  CD1 . LEU A 1 131 ? 9.123   10.935  6.527   1.00 13.30  ? 131 LEU A CD1 1 
ATOM   972  C  CD2 . LEU A 1 131 ? 8.869   10.403  8.976   1.00 11.34  ? 131 LEU A CD2 1 
ATOM   973  N  N   . VAL A 1 132 ? 7.538   5.952   7.648   1.00 8.63   ? 132 VAL A N   1 
ATOM   974  C  CA  . VAL A 1 132 ? 6.912   4.866   6.867   1.00 8.69   ? 132 VAL A CA  1 
ATOM   975  C  C   . VAL A 1 132 ? 5.992   5.530   5.872   1.00 8.90   ? 132 VAL A C   1 
ATOM   976  O  O   . VAL A 1 132 ? 5.195   6.427   6.251   1.00 8.70   ? 132 VAL A O   1 
ATOM   977  C  CB  . VAL A 1 132 ? 6.215   3.856   7.781   1.00 9.14   ? 132 VAL A CB  1 
ATOM   978  C  CG1 . VAL A 1 132 ? 5.261   4.490   8.778   1.00 10.58  ? 132 VAL A CG1 1 
ATOM   979  C  CG2 . VAL A 1 132 ? 5.551   2.787   6.956   1.00 9.10   ? 132 VAL A CG2 1 
ATOM   980  N  N   . GLY A 1 133 ? 6.053   5.106   4.617   1.00 7.92   ? 133 GLY A N   1 
ATOM   981  C  CA  . GLY A 1 133 ? 5.211   5.621   3.548   1.00 8.11   ? 133 GLY A CA  1 
ATOM   982  C  C   . GLY A 1 133 ? 4.241   4.563   3.086   1.00 7.59   ? 133 GLY A C   1 
ATOM   983  O  O   . GLY A 1 133 ? 4.666   3.398   2.988   1.00 8.87   ? 133 GLY A O   1 
ATOM   984  N  N   . PHE A 1 134 ? 3.016   4.958   2.843   1.00 7.52   ? 134 PHE A N   1 
ATOM   985  C  CA  . PHE A 1 134 ? 1.955   4.022   2.461   1.00 7.24   ? 134 PHE A CA  1 
ATOM   986  C  C   . PHE A 1 134 ? 1.359   4.451   1.139   1.00 7.66   ? 134 PHE A C   1 
ATOM   987  O  O   . PHE A 1 134 ? 1.074   5.640   0.893   1.00 8.10   ? 134 PHE A O   1 
ATOM   988  C  CB  . PHE A 1 134 ? 0.804   4.054   3.456   1.00 7.51   ? 134 PHE A CB  1 
ATOM   989  C  CG  . PHE A 1 134 ? 1.211   3.868   4.879   1.00 7.45   ? 134 PHE A CG  1 
ATOM   990  C  CD1 . PHE A 1 134 ? 1.416   2.598   5.385   1.00 7.65   ? 134 PHE A CD1 1 
ATOM   991  C  CD2 . PHE A 1 134 ? 1.476   4.951   5.732   1.00 8.15   ? 134 PHE A CD2 1 
ATOM   992  C  CE1 . PHE A 1 134 ? 1.773   2.426   6.708   1.00 8.08   ? 134 PHE A CE1 1 
ATOM   993  C  CE2 . PHE A 1 134 ? 1.828   4.746   7.069   1.00 8.59   ? 134 PHE A CE2 1 
ATOM   994  C  CZ  . PHE A 1 134 ? 1.982   3.473   7.548   1.00 8.58   ? 134 PHE A CZ  1 
ATOM   995  N  N   . ALA A 1 135 ? 1.224   3.492   0.215   1.00 7.56   ? 135 ALA A N   1 
ATOM   996  C  CA  . ALA A 1 135 ? 0.519   3.716   -1.057  1.00 7.65   ? 135 ALA A CA  1 
ATOM   997  C  C   . ALA A 1 135 ? -0.977  3.667   -0.744  1.00 7.43   ? 135 ALA A C   1 
ATOM   998  O  O   . ALA A 1 135 ? -1.530  2.627   -0.371  1.00 8.07   ? 135 ALA A O   1 
ATOM   999  C  CB  . ALA A 1 135 ? 0.946   2.629   -2.023  1.00 7.42   ? 135 ALA A CB  1 
ATOM   1000 N  N   . ASP A 1 136 ? -1.662  4.785   -1.003  1.00 7.75   ? 136 ASP A N   1 
ATOM   1001 C  CA  . ASP A 1 136 ? -3.101  4.878   -0.784  1.00 7.79   ? 136 ASP A CA  1 
ATOM   1002 C  C   . ASP A 1 136 ? -3.829  4.004   -1.799  1.00 7.72   ? 136 ASP A C   1 
ATOM   1003 O  O   . ASP A 1 136 ? -3.410  3.919   -2.986  1.00 8.94   ? 136 ASP A O   1 
ATOM   1004 C  CB  . ASP A 1 136 ? -3.578  6.319   -0.969  1.00 8.64   ? 136 ASP A CB  1 
ATOM   1005 C  CG  . ASP A 1 136 ? -5.034  6.531   -0.665  1.00 9.60   ? 136 ASP A CG  1 
ATOM   1006 O  OD1 . ASP A 1 136 ? -5.485  6.098   0.392   1.00 10.01  ? 136 ASP A OD1 1 
ATOM   1007 O  OD2 . ASP A 1 136 ? -5.754  7.021   -1.581  1.00 11.58  ? 136 ASP A OD2 1 
ATOM   1008 N  N   . VAL A 1 137 ? -4.953  3.429   -1.407  1.00 7.75   ? 137 VAL A N   1 
ATOM   1009 C  CA  . VAL A 1 137 ? -5.851  2.723   -2.358  1.00 8.46   ? 137 VAL A CA  1 
ATOM   1010 C  C   . VAL A 1 137 ? -7.264  3.273   -2.236  1.00 8.37   ? 137 VAL A C   1 
ATOM   1011 O  O   . VAL A 1 137 ? -8.140  2.729   -2.930  1.00 9.53   ? 137 VAL A O   1 
ATOM   1012 C  CB  . VAL A 1 137 ? -5.827  1.199   -2.129  1.00 9.41   ? 137 VAL A CB  1 
ATOM   1013 C  CG1 . VAL A 1 137 ? -4.425  0.639   -2.395  1.00 9.94   ? 137 VAL A CG1 1 
ATOM   1014 C  CG2 . VAL A 1 137 ? -6.335  0.788   -0.766  1.00 9.54   ? 137 VAL A CG2 1 
ATOM   1015 N  N   . ARG A 1 138 ? -7.553  4.225   -1.361  1.00 8.94   ? 138 ARG A N   1 
ATOM   1016 C  CA  . ARG A 1 138 ? -8.959  4.624   -1.110  1.00 9.08   ? 138 ARG A CA  1 
ATOM   1017 C  C   . ARG A 1 138 ? -9.570  5.312   -2.327  1.00 10.04  ? 138 ARG A C   1 
ATOM   1018 O  O   . ARG A 1 138 ? -10.805 5.411   -2.337  1.00 11.69  ? 138 ARG A O   1 
ATOM   1019 C  CB  . ARG A 1 138 ? -9.014  5.540   0.100   1.00 9.19   ? 138 ARG A CB  1 
ATOM   1020 C  CG  . ARG A 1 138 ? -8.572  4.871   1.398   1.00 8.42   ? 138 ARG A CG  1 
ATOM   1021 C  CD  . ARG A 1 138 ? -8.591  5.892   2.515   1.00 8.91   ? 138 ARG A CD  1 
ATOM   1022 N  NE  . ARG A 1 138 ? -7.504  6.812   2.314   1.00 8.96   ? 138 ARG A NE  1 
ATOM   1023 C  CZ  . ARG A 1 138 ? -7.150  7.753   3.168   1.00 8.78   ? 138 ARG A CZ  1 
ATOM   1024 N  NH1 . ARG A 1 138 ? -7.928  8.049   4.210   1.00 9.15   ? 138 ARG A NH1 1 
ATOM   1025 N  NH2 . ARG A 1 138 ? -6.042  8.418   2.974   1.00 9.04   ? 138 ARG A NH2 1 
ATOM   1026 N  N   . ASP A 1 139 ? -8.777  5.864   -3.194  1.00 9.41   ? 139 ASP A N   1 
ATOM   1027 C  CA  . ASP A 1 139 ? -9.324  6.481   -4.419  1.00 10.13  ? 139 ASP A CA  1 
ATOM   1028 C  C   . ASP A 1 139 ? -9.703  5.440   -5.480  1.00 11.02  ? 139 ASP A C   1 
ATOM   1029 O  O   . ASP A 1 139 ? -10.302 5.867   -6.487  1.00 13.93  ? 139 ASP A O   1 
ATOM   1030 C  CB  . ASP A 1 139 ? -8.345  7.504   -4.975  1.00 11.58  ? 139 ASP A CB  1 
ATOM   1031 C  CG  . ASP A 1 139 ? -7.066  6.878   -5.482  1.00 11.87  ? 139 ASP A CG  1 
ATOM   1032 O  OD1 . ASP A 1 139 ? -6.545  5.938   -4.814  1.00 11.59  ? 139 ASP A OD1 1 
ATOM   1033 O  OD2 . ASP A 1 139 ? -6.583  7.329   -6.538  1.00 14.77  ? 139 ASP A OD2 1 
ATOM   1034 N  N   . LEU A 1 140 ? -9.320  4.182   -5.324  1.00 10.45  ? 140 LEU A N   1 
ATOM   1035 C  CA  . LEU A 1 140 ? -9.542  3.184   -6.377  1.00 10.16  ? 140 LEU A CA  1 
ATOM   1036 C  C   . LEU A 1 140 ? -10.910 2.575   -6.150  1.00 10.65  ? 140 LEU A C   1 
ATOM   1037 O  O   . LEU A 1 140 ? -11.074 1.477   -5.639  1.00 11.17  ? 140 LEU A O   1 
ATOM   1038 C  CB  . LEU A 1 140 ? -8.417  2.163   -6.339  1.00 10.45  ? 140 LEU A CB  1 
ATOM   1039 C  CG  . LEU A 1 140 ? -7.002  2.692   -6.494  1.00 12.32  ? 140 LEU A CG  1 
ATOM   1040 C  CD1 . LEU A 1 140 ? -6.004  1.565   -6.317  1.00 12.40  ? 140 LEU A CD1 1 
ATOM   1041 C  CD2 . LEU A 1 140 ? -6.775  3.425   -7.805  1.00 13.98  ? 140 LEU A CD2 1 
ATOM   1042 N  N   . LEU A 1 141 ? -11.944 3.360   -6.536  1.00 11.24  ? 141 LEU A N   1 
ATOM   1043 C  CA  . LEU A 1 141 ? -13.328 2.936   -6.200  1.00 11.80  ? 141 LEU A CA  1 
ATOM   1044 C  C   . LEU A 1 141 ? -13.738 1.658   -6.909  1.00 12.55  ? 141 LEU A C   1 
ATOM   1045 O  O   . LEU A 1 141 ? -14.513 0.915   -6.379  1.00 14.82  ? 141 LEU A O   1 
ATOM   1046 C  CB  . LEU A 1 141 ? -14.330 4.034   -6.539  1.00 13.36  ? 141 LEU A CB  1 
ATOM   1047 C  CG  . LEU A 1 141 ? -14.010 5.402   -5.942  1.00 14.86  ? 141 LEU A CG  1 
ATOM   1048 C  CD1 . LEU A 1 141 ? -15.190 6.328   -6.171  1.00 16.80  ? 141 LEU A CD1 1 
ATOM   1049 C  CD2 . LEU A 1 141 ? -13.654 5.415   -4.467  1.00 14.20  ? 141 LEU A CD2 1 
ATOM   1050 N  N   . TRP A 1 142 ? -13.139 1.399   -8.072  1.00 12.34  ? 142 TRP A N   1 
ATOM   1051 C  CA  . TRP A 1 142 ? -13.452 0.195   -8.871  1.00 13.84  ? 142 TRP A CA  1 
ATOM   1052 C  C   . TRP A 1 142 ? -13.027 -1.070  -8.143  1.00 14.30  ? 142 TRP A C   1 
ATOM   1053 O  O   . TRP A 1 142 ? -13.538 -2.175  -8.476  1.00 17.07  ? 142 TRP A O   1 
ATOM   1054 C  CB  . TRP A 1 142 ? -12.802 0.357   -10.242 1.00 14.24  ? 142 TRP A CB  1 
ATOM   1055 C  CG  . TRP A 1 142 ? -11.316 0.572   -10.227 1.00 13.53  ? 142 TRP A CG  1 
ATOM   1056 C  CD1 . TRP A 1 142 ? -10.660 1.756   -10.311 1.00 14.42  ? 142 TRP A CD1 1 
ATOM   1057 C  CD2 . TRP A 1 142 ? -10.314 -0.445  -10.070 1.00 13.55  ? 142 TRP A CD2 1 
ATOM   1058 N  NE1 . TRP A 1 142 ? -9.312  1.560   -10.293 1.00 14.69  ? 142 TRP A NE1 1 
ATOM   1059 C  CE2 . TRP A 1 142 ? -9.081  0.235   -10.122 1.00 14.06  ? 142 TRP A CE2 1 
ATOM   1060 C  CE3 . TRP A 1 142 ? -10.347 -1.834  -9.994  1.00 14.74  ? 142 TRP A CE3 1 
ATOM   1061 C  CZ2 . TRP A 1 142 ? -7.877  -0.456  -10.097 1.00 14.73  ? 142 TRP A CZ2 1 
ATOM   1062 C  CZ3 . TRP A 1 142 ? -9.144  -2.515  -9.892  1.00 15.54  ? 142 TRP A CZ3 1 
ATOM   1063 C  CH2 . TRP A 1 142 ? -7.940  -1.817  -9.942  1.00 14.62  ? 142 TRP A CH2 1 
ATOM   1064 N  N   . LEU A 1 143 ? -12.170 -1.002  -7.133  1.00 14.18  ? 143 LEU A N   1 
ATOM   1065 C  CA  . LEU A 1 143 ? -11.788 -2.212  -6.360  1.00 14.50  ? 143 LEU A CA  1 
ATOM   1066 C  C   . LEU A 1 143 ? -13.046 -2.832  -5.709  1.00 19.86  ? 143 LEU A C   1 
ATOM   1067 O  O   . LEU A 1 143 ? -12.984 -4.054  -5.380  1.00 18.96  ? 143 LEU A O   1 
ATOM   1068 C  CB  . LEU A 1 143 ? -10.775 -1.903  -5.265  1.00 14.65  ? 143 LEU A CB  1 
ATOM   1069 C  CG  . LEU A 1 143 ? -9.358  -1.644  -5.723  1.00 12.92  ? 143 LEU A CG  1 
ATOM   1070 C  CD1 . LEU A 1 143 ? -8.526  -1.167  -4.558  1.00 13.65  ? 143 LEU A CD1 1 
ATOM   1071 C  CD2 . LEU A 1 143 ? -8.704  -2.889  -6.332  1.00 13.59  ? 143 LEU A CD2 1 
ATOM   1072 N  N   . ASP A 1 144 ? -14.106 -2.026  -5.464  1.00 20.27  ? 144 ASP A N   1 
ATOM   1073 C  CA  . ASP A 1 144 ? -15.352 -2.446  -4.740  1.00 25.72  ? 144 ASP A CA  1 
ATOM   1074 C  C   . ASP A 1 144 ? -16.402 -3.045  -5.678  1.00 27.55  ? 144 ASP A C   1 
ATOM   1075 O  O   . ASP A 1 144 ? -17.450 -3.463  -5.134  1.00 30.30  ? 144 ASP A O   1 
ATOM   1076 C  CB  . ASP A 1 144 ? -16.077 -1.303  -4.020  1.00 26.20  ? 144 ASP A CB  1 
ATOM   1077 C  CG  . ASP A 1 144 ? -15.266 -0.555  -2.977  1.00 22.99  ? 144 ASP A CG  1 
ATOM   1078 O  OD1 . ASP A 1 144 ? -14.249 -1.115  -2.532  1.00 29.71  ? 144 ASP A OD1 1 
ATOM   1079 O  OD2 . ASP A 1 144 ? -15.617 0.630   -2.678  1.00 30.01  ? 144 ASP A OD2 1 
ATOM   1080 N  N   . GLU A 1 145 ? -16.184 -3.119  -6.999  1.00 35.41  ? 145 GLU A N   1 
ATOM   1081 C  CA  . GLU A 1 145 ? -17.170 -3.760  -7.920  1.00 44.32  ? 145 GLU A CA  1 
ATOM   1082 C  C   . GLU A 1 145 ? -16.505 -4.600  -9.022  1.00 48.97  ? 145 GLU A C   1 
ATOM   1083 O  O   . GLU A 1 145 ? -15.266 -4.534  -9.183  1.00 49.18  ? 145 GLU A O   1 
ATOM   1084 C  CB  . GLU A 1 145 ? -18.031 -2.688  -8.577  1.00 47.93  ? 145 GLU A CB  1 
ATOM   1085 C  CG  . GLU A 1 145 ? -17.251 -1.811  -9.543  1.00 50.33  ? 145 GLU A CG  1 
ATOM   1086 C  CD  . GLU A 1 145 ? -17.356 -0.324  -9.261  1.00 55.51  ? 145 GLU A CD  1 
ATOM   1087 O  OE1 . GLU A 1 145 ? -17.152 0.479   -10.198 1.00 58.37  ? 145 GLU A OE1 1 
ATOM   1088 O  OE2 . GLU A 1 145 ? -17.608 0.026   -8.092  1.00 61.43  ? 145 GLU A OE2 1 
ATOM   1089 N  N   . GLU A 1 146 ? -17.335 -5.353  -9.758  1.00 58.52  ? 146 GLU A N   1 
ATOM   1090 C  CA  . GLU A 1 146 ? -16.997 -6.024  -11.046 1.00 62.10  ? 146 GLU A CA  1 
ATOM   1091 C  C   . GLU A 1 146 ? -15.738 -6.880  -10.862 1.00 65.61  ? 146 GLU A C   1 
ATOM   1092 O  O   . GLU A 1 146 ? -15.497 -7.849  -11.585 1.00 64.95  ? 146 GLU A O   1 
ATOM   1093 C  CB  . GLU A 1 146 ? -16.864 -4.960  -12.139 1.00 61.59  ? 146 GLU A CB  1 
ATOM   1094 C  CG  . GLU A 1 146 ? -15.592 -5.049  -12.969 1.00 65.54  ? 146 GLU A CG  1 
ATOM   1095 C  CD  . GLU A 1 146 ? -15.570 -6.087  -14.080 1.00 68.92  ? 146 GLU A CD  1 
ATOM   1096 O  OE1 . GLU A 1 146 ? -14.536 -6.169  -14.776 1.00 63.92  ? 146 GLU A OE1 1 
ATOM   1097 O  OE2 . GLU A 1 146 ? -16.582 -6.803  -14.258 1.00 71.25  ? 146 GLU A OE2 1 
HETATM 1098 N  N1  . RY4 B 2 .   ? 18.336  1.729   -5.861  0.50 20.00  ? 201 RY4 A N1  1 
HETATM 1099 C  C4  . RY4 B 2 .   ? 16.823  -1.406  -6.970  0.50 20.00  ? 201 RY4 A C4  1 
HETATM 1100 C  C5  . RY4 B 2 .   ? 16.714  -1.237  -8.360  0.50 20.00  ? 201 RY4 A C5  1 
HETATM 1101 C  C6  . RY4 B 2 .   ? 17.134  -0.049  -8.907  0.50 20.00  ? 201 RY4 A C6  1 
HETATM 1102 C  C7  . RY4 B 2 .   ? 17.688  0.948   -8.131  0.50 20.00  ? 201 RY4 A C7  1 
HETATM 1103 C  C8  . RY4 B 2 .   ? 16.214  -2.378  -9.189  0.50 20.00  ? 201 RY4 A C8  1 
HETATM 1104 C  C1  . RY4 B 2 .   ? 20.987  1.668   -6.692  0.50 20.00  ? 201 RY4 A C1  1 
HETATM 1105 C  C2  . RY4 B 2 .   ? 17.801  0.770   -6.747  0.50 20.00  ? 201 RY4 A C2  1 
HETATM 1106 C  C3  . RY4 B 2 .   ? 17.343  -0.404  -6.176  0.50 20.00  ? 201 RY4 A C3  1 
HETATM 1107 N  N2  . RY4 B 2 .   ? 17.258  -3.371  -9.475  0.50 20.00  ? 201 RY4 A N2  1 
HETATM 1108 O  O1  . RY4 B 2 .   ? 20.087  0.701   -4.529  0.50 20.00  ? 201 RY4 A O1  1 
HETATM 1109 O  O2  . RY4 B 2 .   ? 20.032  3.119   -4.757  0.50 20.00  ? 201 RY4 A O2  1 
HETATM 1110 S  S1  . RY4 B 2 .   ? 19.891  1.839   -5.357  0.50 20.00  ? 201 RY4 A S1  1 
HETATM 1111 N  N1  . RY4 C 2 .   ? -2.100  12.506  -5.007  0.40 20.00  ? 202 RY4 A N1  1 
HETATM 1112 C  C4  . RY4 C 2 .   ? -5.222  12.907  -7.089  0.40 20.00  ? 202 RY4 A C4  1 
HETATM 1113 C  C5  . RY4 C 2 .   ? -6.181  13.017  -6.115  0.40 20.00  ? 202 RY4 A C5  1 
HETATM 1114 C  C6  . RY4 C 2 .   ? -5.776  13.093  -4.799  0.40 20.00  ? 202 RY4 A C6  1 
HETATM 1115 C  C7  . RY4 C 2 .   ? -4.447  12.956  -4.447  0.40 20.00  ? 202 RY4 A C7  1 
HETATM 1116 C  C8  . RY4 C 2 .   ? -7.624  12.751  -6.474  0.40 20.00  ? 202 RY4 A C8  1 
HETATM 1117 C  C1  . RY4 C 2 .   ? -0.821  14.729  -5.805  0.40 20.00  ? 202 RY4 A C1  1 
HETATM 1118 C  C2  . RY4 C 2 .   ? -3.484  12.753  -5.420  0.40 20.00  ? 202 RY4 A C2  1 
HETATM 1119 C  C3  . RY4 C 2 .   ? -3.894  12.766  -6.766  0.40 20.00  ? 202 RY4 A C3  1 
HETATM 1120 N  N2  . RY4 C 2 .   ? -8.544  13.705  -5.834  0.40 20.00  ? 202 RY4 A N2  1 
HETATM 1121 O  O1  . RY4 C 2 .   ? 0.381   12.448  -5.375  0.40 20.00  ? 202 RY4 A O1  1 
HETATM 1122 O  O2  . RY4 C 2 .   ? -1.291  12.566  -7.171  0.40 20.00  ? 202 RY4 A O2  1 
HETATM 1123 S  S1  . RY4 C 2 .   ? -0.837  12.977  -5.894  0.40 20.00  ? 202 RY4 A S1  1 
HETATM 1124 ZN ZN  . ZN  D 3 .   ? -11.226 6.016   7.495   1.00 9.48   ? 203 ZN  A ZN  1 
HETATM 1125 S  S   . DMS E 4 .   ? -13.654 -3.075  7.951   1.00 32.12  ? 204 DMS A S   1 
HETATM 1126 O  O   . DMS E 4 .   ? -14.463 -4.287  8.418   1.00 39.87  ? 204 DMS A O   1 
HETATM 1127 C  C1  . DMS E 4 .   ? -13.732 -1.908  9.308   1.00 29.20  ? 204 DMS A C1  1 
HETATM 1128 C  C2  . DMS E 4 .   ? -11.977 -3.591  8.120   1.00 27.72  ? 204 DMS A C2  1 
HETATM 1129 S  S   . DMS F 4 .   ? 2.552   5.287   -14.135 1.00 29.52  ? 205 DMS A S   1 
HETATM 1130 O  O   . DMS F 4 .   ? 3.844   5.444   -13.390 1.00 25.11  ? 205 DMS A O   1 
HETATM 1131 C  C1  . DMS F 4 .   ? 1.758   6.886   -14.081 1.00 30.55  ? 205 DMS A C1  1 
HETATM 1132 C  C2  . DMS F 4 .   ? 3.003   5.290   -15.872 1.00 27.10  ? 205 DMS A C2  1 
HETATM 1133 S  S   . DMS G 4 .   ? 0.332   -10.413 9.582   1.00 64.50  ? 206 DMS A S   1 
HETATM 1134 O  O   . DMS G 4 .   ? 0.974   -11.258 10.653  1.00 57.45  ? 206 DMS A O   1 
HETATM 1135 C  C1  . DMS G 4 .   ? -1.194  -11.237 9.166   1.00 62.46  ? 206 DMS A C1  1 
HETATM 1136 C  C2  . DMS G 4 .   ? -0.373  -9.037  10.436  1.00 58.25  ? 206 DMS A C2  1 
HETATM 1137 S  S   . DMS H 4 .   ? 7.570   6.607   16.307  1.00 32.31  ? 207 DMS A S   1 
HETATM 1138 O  O   . DMS H 4 .   ? 8.697   6.134   15.460  1.00 29.18  ? 207 DMS A O   1 
HETATM 1139 C  C1  . DMS H 4 .   ? 7.142   5.240   17.344  1.00 29.92  ? 207 DMS A C1  1 
HETATM 1140 C  C2  . DMS H 4 .   ? 8.288   7.644   17.550  1.00 30.60  ? 207 DMS A C2  1 
HETATM 1141 O  O   . HOH I 5 .   ? 10.852  18.862  -6.605  1.00 27.67  ? 301 HOH A O   1 
HETATM 1142 O  O   . HOH I 5 .   ? -16.636 -9.726  -2.559  1.00 37.85  ? 302 HOH A O   1 
HETATM 1143 O  O   . HOH I 5 .   ? 13.972  -5.807  7.303   1.00 25.05  ? 303 HOH A O   1 
HETATM 1144 O  O   . HOH I 5 .   ? 12.631  7.258   2.584   1.00 11.12  ? 304 HOH A O   1 
HETATM 1145 O  O   . HOH I 5 .   ? -13.504 -17.265 -9.127  1.00 45.03  ? 305 HOH A O   1 
HETATM 1146 O  O   . HOH I 5 .   ? -13.636 -8.664  -10.205 1.00 37.32  ? 306 HOH A O   1 
HETATM 1147 O  O   . HOH I 5 .   ? -14.723 -10.723 -1.144  1.00 107.72 ? 307 HOH A O   1 
HETATM 1148 O  O   . HOH I 5 .   ? 3.867   -10.738 13.521  1.00 36.74  ? 308 HOH A O   1 
HETATM 1149 O  O   . HOH I 5 .   ? -5.088  -8.982  3.047   1.00 18.57  ? 309 HOH A O   1 
HETATM 1150 O  O   . HOH I 5 .   ? -9.027  -11.095 3.384   1.00 16.19  ? 310 HOH A O   1 
HETATM 1151 O  O   . HOH I 5 .   ? 5.337   -10.735 9.764   1.00 18.29  ? 311 HOH A O   1 
HETATM 1152 O  O   . HOH I 5 .   ? -13.545 -8.293  0.144   1.00 25.79  ? 312 HOH A O   1 
HETATM 1153 O  O   . HOH I 5 .   ? -0.843  -12.721 0.518   1.00 31.89  ? 313 HOH A O   1 
HETATM 1154 O  O   . HOH I 5 .   ? -11.799 -3.886  -12.963 1.00 44.74  ? 314 HOH A O   1 
HETATM 1155 O  O   . HOH I 5 .   ? 9.646   -5.750  18.208  1.00 24.28  ? 315 HOH A O   1 
HETATM 1156 O  O   . HOH I 5 .   ? -4.432  14.534  -1.080  1.00 26.80  ? 316 HOH A O   1 
HETATM 1157 O  O   . HOH I 5 .   ? 18.787  6.313   0.243   1.00 31.14  ? 317 HOH A O   1 
HETATM 1158 O  O   . HOH I 5 .   ? 9.036   1.000   -11.959 1.00 25.32  ? 318 HOH A O   1 
HETATM 1159 O  O   . HOH I 5 .   ? -0.682  16.280  1.581   1.00 34.26  ? 319 HOH A O   1 
HETATM 1160 O  O   . HOH I 5 .   ? -3.822  -12.777 -8.510  1.00 27.79  ? 320 HOH A O   1 
HETATM 1161 O  O   . HOH I 5 .   ? -15.868 1.576   -12.233 1.00 44.06  ? 321 HOH A O   1 
HETATM 1162 O  O   . HOH I 5 .   ? -18.072 0.891   -1.706  1.00 29.96  ? 322 HOH A O   1 
HETATM 1163 O  O   . HOH I 5 .   ? -7.351  12.034  2.374   1.00 17.56  ? 323 HOH A O   1 
HETATM 1164 O  O   . HOH I 5 .   ? 18.676  8.778   -2.494  1.00 17.17  ? 324 HOH A O   1 
HETATM 1165 O  O   . HOH I 5 .   ? 1.523   -14.729 -7.290  1.00 23.02  ? 325 HOH A O   1 
HETATM 1166 O  O   . HOH I 5 .   ? -8.733  -13.604 -2.663  1.00 20.75  ? 326 HOH A O   1 
HETATM 1167 O  O   . HOH I 5 .   ? 8.349   -1.288  19.171  1.00 23.17  ? 327 HOH A O   1 
HETATM 1168 O  O   . HOH I 5 .   ? 1.753   12.791  1.792   1.00 14.43  ? 328 HOH A O   1 
HETATM 1169 O  O   . HOH I 5 .   ? 3.260   -6.285  -1.740  1.00 11.28  ? 329 HOH A O   1 
HETATM 1170 O  O   . HOH I 5 .   ? -9.185  13.484  8.403   1.00 41.80  ? 330 HOH A O   1 
HETATM 1171 O  O   . HOH I 5 .   ? 8.428   -7.902  -8.912  1.00 30.96  ? 331 HOH A O   1 
HETATM 1172 O  O   . HOH I 5 .   ? 19.226  -3.210  -4.400  1.00 33.46  ? 332 HOH A O   1 
HETATM 1173 O  O   . HOH I 5 .   ? 14.738  7.988   -10.544 1.00 24.67  ? 333 HOH A O   1 
HETATM 1174 O  O   . HOH I 5 .   ? 3.218   1.995   -14.743 1.00 18.12  ? 334 HOH A O   1 
HETATM 1175 O  O   . HOH I 5 .   ? 6.211   -11.281 -4.111  1.00 24.23  ? 335 HOH A O   1 
HETATM 1176 O  O   . HOH I 5 .   ? -4.909  8.747   -3.468  1.00 14.36  ? 336 HOH A O   1 
HETATM 1177 O  O   . HOH I 5 .   ? -13.988 -8.265  -7.494  1.00 32.67  ? 337 HOH A O   1 
HETATM 1178 O  O   . HOH I 5 .   ? 7.593   -10.371 -11.345 1.00 19.52  ? 338 HOH A O   1 
HETATM 1179 O  O   . HOH I 5 .   ? 5.581   -8.839  18.615  1.00 38.19  ? 339 HOH A O   1 
HETATM 1180 O  O   . HOH I 5 .   ? 3.346   4.829   16.421  1.00 22.10  ? 340 HOH A O   1 
HETATM 1181 O  O   . HOH I 5 .   ? 11.894  13.186  0.802   1.00 16.74  ? 341 HOH A O   1 
HETATM 1182 O  O   . HOH I 5 .   ? 4.229   -10.558 -4.016  1.00 29.97  ? 342 HOH A O   1 
HETATM 1183 O  O   . HOH I 5 .   ? -14.607 -16.962 -2.836  1.00 22.17  ? 343 HOH A O   1 
HETATM 1184 O  O   . HOH I 5 .   ? -16.323 0.456   5.932   1.00 28.28  ? 344 HOH A O   1 
HETATM 1185 O  O   . HOH I 5 .   ? 13.057  3.516   11.973  1.00 29.06  ? 345 HOH A O   1 
HETATM 1186 O  O   . HOH I 5 .   ? 10.172  -4.582  -0.707  1.00 14.71  ? 346 HOH A O   1 
HETATM 1187 O  O   . HOH I 5 .   ? 8.967   8.734   -10.512 1.00 34.25  ? 347 HOH A O   1 
HETATM 1188 O  O   . HOH I 5 .   ? 12.299  -3.141  -8.052  1.00 19.07  ? 348 HOH A O   1 
HETATM 1189 O  O   . HOH I 5 .   ? -0.685  -0.702  -17.610 1.00 24.01  ? 349 HOH A O   1 
HETATM 1190 O  O   . HOH I 5 .   ? 4.348   7.688   15.244  1.00 19.08  ? 350 HOH A O   1 
HETATM 1191 O  O   . HOH I 5 .   ? 8.110   -10.711 10.576  1.00 26.13  ? 351 HOH A O   1 
HETATM 1192 O  O   . HOH I 5 .   ? -0.081  8.083   -10.842 1.00 43.71  ? 352 HOH A O   1 
HETATM 1193 O  O   . HOH I 5 .   ? 14.587  13.299  1.509   1.00 15.33  ? 353 HOH A O   1 
HETATM 1194 O  O   . HOH I 5 .   ? -7.688  8.881   -1.015  1.00 11.67  ? 354 HOH A O   1 
HETATM 1195 O  O   . HOH I 5 .   ? -6.983  10.027  -6.866  1.00 25.76  ? 355 HOH A O   1 
HETATM 1196 O  O   . HOH I 5 .   ? -13.492 -6.718  5.600   1.00 19.57  ? 356 HOH A O   1 
HETATM 1197 O  O   . HOH I 5 .   ? -14.193 -0.028  12.488  1.00 23.69  ? 357 HOH A O   1 
HETATM 1198 O  O   . HOH I 5 .   ? 11.516  3.972   8.851   1.00 15.48  ? 358 HOH A O   1 
HETATM 1199 O  O   . HOH I 5 .   ? -12.848 15.182  2.197   1.00 26.52  ? 359 HOH A O   1 
HETATM 1200 O  O   . HOH I 5 .   ? 13.904  -5.772  4.474   1.00 17.92  ? 360 HOH A O   1 
HETATM 1201 O  O   . HOH I 5 .   ? -8.770  10.080  1.113   1.00 12.29  ? 361 HOH A O   1 
HETATM 1202 O  O   . HOH I 5 .   ? 3.113   10.108  12.318  1.00 9.60   ? 362 HOH A O   1 
HETATM 1203 O  O   . HOH I 5 .   ? 4.921   -4.802  7.233   1.00 9.45   ? 363 HOH A O   1 
HETATM 1204 O  O   . HOH I 5 .   ? 6.163   -11.936 -16.129 1.00 16.41  ? 364 HOH A O   1 
HETATM 1205 O  O   . HOH I 5 .   ? 11.509  8.432   4.520   1.00 14.05  ? 365 HOH A O   1 
HETATM 1206 O  O   . HOH I 5 .   ? 3.938   -7.198  6.155   1.00 14.64  ? 366 HOH A O   1 
HETATM 1207 O  O   . HOH I 5 .   ? 7.076   -6.340  -10.775 1.00 20.33  ? 367 HOH A O   1 
HETATM 1208 O  O   . HOH I 5 .   ? -3.936  -11.645 -18.775 1.00 22.24  ? 368 HOH A O   1 
HETATM 1209 O  O   . HOH I 5 .   ? 12.470  11.865  7.825   1.00 15.45  ? 369 HOH A O   1 
HETATM 1210 O  O   . HOH I 5 .   ? 1.942   5.289   -3.608  1.00 12.88  ? 370 HOH A O   1 
HETATM 1211 O  O   . HOH I 5 .   ? 8.407   4.923   -13.087 1.00 32.25  ? 371 HOH A O   1 
HETATM 1212 O  O   . HOH I 5 .   ? 13.534  5.728   0.783   1.00 15.55  ? 372 HOH A O   1 
HETATM 1213 O  O   . HOH I 5 .   ? -8.207  -4.273  -16.575 1.00 33.29  ? 373 HOH A O   1 
HETATM 1214 O  O   . HOH I 5 .   ? -5.726  10.858  4.287   1.00 13.43  ? 374 HOH A O   1 
HETATM 1215 O  O   . HOH I 5 .   ? -0.939  -13.848 -8.189  1.00 24.83  ? 375 HOH A O   1 
HETATM 1216 O  O   . HOH I 5 .   ? 4.424   -0.731  -16.892 1.00 20.28  ? 376 HOH A O   1 
HETATM 1217 O  O   . HOH I 5 .   ? -14.282 -2.693  -0.230  1.00 15.82  ? 377 HOH A O   1 
HETATM 1218 O  O   . HOH I 5 .   ? -14.787 -5.924  -6.401  1.00 33.94  ? 378 HOH A O   1 
HETATM 1219 O  O   . HOH I 5 .   ? 7.633   -1.737  -9.790  1.00 14.85  ? 379 HOH A O   1 
HETATM 1220 O  O   . HOH I 5 .   ? 10.676  7.119   13.643  1.00 14.33  ? 380 HOH A O   1 
HETATM 1221 O  O   . HOH I 5 .   ? 14.047  -6.623  12.659  1.00 11.39  ? 381 HOH A O   1 
HETATM 1222 O  O   . HOH I 5 .   ? -1.918  -14.878 -3.226  1.00 35.80  ? 382 HOH A O   1 
HETATM 1223 O  O   . HOH I 5 .   ? 17.176  5.420   7.150   1.00 32.60  ? 383 HOH A O   1 
HETATM 1224 O  O   . HOH I 5 .   ? -1.743  -10.066 -18.267 1.00 20.90  ? 384 HOH A O   1 
HETATM 1225 O  O   . HOH I 5 .   ? -10.899 -9.693  -11.149 1.00 32.11  ? 385 HOH A O   1 
HETATM 1226 O  O   . HOH I 5 .   ? -7.947  6.995   -8.998  1.00 21.36  ? 386 HOH A O   1 
HETATM 1227 O  O   . HOH I 5 .   ? -0.974  4.609   -4.258  1.00 10.12  ? 387 HOH A O   1 
HETATM 1228 O  O   . HOH I 5 .   ? 3.016   -11.932 2.984   1.00 32.16  ? 388 HOH A O   1 
HETATM 1229 O  O   . HOH I 5 .   ? 9.768   7.677   2.361   1.00 15.24  ? 389 HOH A O   1 
HETATM 1230 O  O   . HOH I 5 .   ? -9.247  -11.023 -3.096  1.00 19.93  ? 390 HOH A O   1 
HETATM 1231 O  O   . HOH I 5 .   ? -4.161  17.459  6.359   1.00 32.23  ? 391 HOH A O   1 
HETATM 1232 O  O   . HOH I 5 .   ? 11.736  -5.389  -6.422  1.00 28.79  ? 392 HOH A O   1 
HETATM 1233 O  O   . HOH I 5 .   ? -6.016  -7.794  7.173   1.00 28.43  ? 393 HOH A O   1 
HETATM 1234 O  O   . HOH I 5 .   ? 8.897   -8.694  1.421   1.00 19.12  ? 394 HOH A O   1 
HETATM 1235 O  O   . HOH I 5 .   ? 16.412  -4.888  3.583   1.00 23.96  ? 395 HOH A O   1 
HETATM 1236 O  O   . HOH I 5 .   ? -2.878  -3.092  10.136  1.00 15.65  ? 396 HOH A O   1 
HETATM 1237 O  O   . HOH I 5 .   ? 0.568   7.260   17.546  1.00 37.70  ? 397 HOH A O   1 
HETATM 1238 O  O   . HOH I 5 .   ? 10.017  10.386  1.409   1.00 13.50  ? 398 HOH A O   1 
HETATM 1239 O  O   . HOH I 5 .   ? -0.995  -7.348  3.872   1.00 17.47  ? 399 HOH A O   1 
HETATM 1240 O  O   . HOH I 5 .   ? 16.348  0.347   1.431   1.00 28.55  ? 400 HOH A O   1 
HETATM 1241 O  O   . HOH I 5 .   ? 12.629  -5.381  -1.771  1.00 26.23  ? 401 HOH A O   1 
HETATM 1242 O  O   . HOH I 5 .   ? 15.642  -2.406  12.719  1.00 16.01  ? 402 HOH A O   1 
HETATM 1243 O  O   . HOH I 5 .   ? 0.889   -5.386  17.648  1.00 20.31  ? 403 HOH A O   1 
HETATM 1244 O  O   . HOH I 5 .   ? 8.560   2.827   -2.963  1.00 12.55  ? 404 HOH A O   1 
HETATM 1245 O  O   . HOH I 5 .   ? 12.656  5.233   -3.749  1.00 12.55  ? 405 HOH A O   1 
HETATM 1246 O  O   . HOH I 5 .   ? 11.393  3.149   -2.244  1.00 12.88  ? 406 HOH A O   1 
HETATM 1247 O  O   . HOH I 5 .   ? 4.312   -16.263 -10.385 1.00 18.77  ? 407 HOH A O   1 
HETATM 1248 O  O   . HOH I 5 .   ? -8.531  11.330  10.809  1.00 22.01  ? 408 HOH A O   1 
HETATM 1249 O  O   . HOH I 5 .   ? -3.943  -8.361  -18.427 1.00 32.54  ? 409 HOH A O   1 
HETATM 1250 O  O   . HOH I 5 .   ? 14.426  2.065   7.901   1.00 25.36  ? 410 HOH A O   1 
HETATM 1251 O  O   . HOH I 5 .   ? 1.950   -0.483  19.146  1.00 21.91  ? 411 HOH A O   1 
HETATM 1252 O  O   . HOH I 5 .   ? -3.938  5.994   15.260  1.00 29.85  ? 412 HOH A O   1 
HETATM 1253 O  O   . HOH I 5 .   ? -2.006  16.012  4.621   1.00 17.03  ? 413 HOH A O   1 
HETATM 1254 O  O   . HOH I 5 .   ? -13.886 10.689  5.963   1.00 15.72  ? 414 HOH A O   1 
HETATM 1255 O  O   . HOH I 5 .   ? -2.750  -15.769 -17.705 1.00 24.62  ? 415 HOH A O   1 
HETATM 1256 O  O   . HOH I 5 .   ? 1.108   16.398  -4.149  1.00 30.98  ? 416 HOH A O   1 
HETATM 1257 O  O   . HOH I 5 .   ? -15.943 3.983   4.009   1.00 16.38  ? 417 HOH A O   1 
HETATM 1258 O  O   . HOH I 5 .   ? 15.994  -5.221  11.154  1.00 15.24  ? 418 HOH A O   1 
HETATM 1259 O  O   . HOH I 5 .   ? -3.648  6.788   -10.394 1.00 22.93  ? 419 HOH A O   1 
HETATM 1260 O  O   . HOH I 5 .   ? 14.246  11.112  3.369   1.00 14.59  ? 420 HOH A O   1 
HETATM 1261 O  O   . HOH I 5 .   ? -8.575  -12.560 2.262   1.00 27.27  ? 421 HOH A O   1 
HETATM 1262 O  O   . HOH I 5 .   ? -9.474  -0.373  12.158  1.00 24.30  ? 422 HOH A O   1 
HETATM 1263 O  O   . HOH I 5 .   ? 10.060  5.383   -4.560  1.00 23.54  ? 423 HOH A O   1 
HETATM 1264 O  O   . HOH I 5 .   ? 7.443   -14.306 -9.926  1.00 22.49  ? 424 HOH A O   1 
HETATM 1265 O  O   . HOH I 5 .   ? -11.020 -4.842  5.953   1.00 21.58  ? 425 HOH A O   1 
HETATM 1266 O  O   . HOH I 5 .   ? 10.968  0.489   16.400  1.00 23.24  ? 426 HOH A O   1 
HETATM 1267 O  O   . HOH I 5 .   ? -7.668  -17.016 -5.017  1.00 29.11  ? 427 HOH A O   1 
HETATM 1268 O  O   . HOH I 5 .   ? 5.082   4.352   14.392  1.00 14.80  ? 428 HOH A O   1 
HETATM 1269 O  O   . HOH I 5 .   ? 13.039  -7.147  1.293   1.00 30.95  ? 429 HOH A O   1 
HETATM 1270 O  O   . HOH I 5 .   ? -9.750  -2.944  9.641   1.00 33.66  ? 430 HOH A O   1 
HETATM 1271 O  O   . HOH I 5 .   ? 6.877   -9.054  5.498   1.00 26.28  ? 431 HOH A O   1 
HETATM 1272 O  O   . HOH I 5 .   ? 1.965   8.973   14.511  1.00 15.53  ? 432 HOH A O   1 
HETATM 1273 O  O   . HOH I 5 .   ? 15.666  4.468   1.872   1.00 23.08  ? 433 HOH A O   1 
HETATM 1274 O  O   . HOH I 5 .   ? -7.524  3.562   -11.497 1.00 32.17  ? 434 HOH A O   1 
HETATM 1275 O  O   . HOH I 5 .   ? 12.671  9.439   1.470   1.00 13.36  ? 435 HOH A O   1 
HETATM 1276 O  O   . HOH I 5 .   ? 6.944   2.285   14.188  1.00 11.24  ? 436 HOH A O   1 
HETATM 1277 O  O   . HOH I 5 .   ? 18.875  7.083   -7.008  1.00 15.37  ? 437 HOH A O   1 
HETATM 1278 O  O   . HOH I 5 .   ? 0.201   3.133   -15.546 1.00 42.64  ? 438 HOH A O   1 
HETATM 1279 O  O   . HOH I 5 .   ? -16.875 8.715   9.046   1.00 33.25  ? 439 HOH A O   1 
HETATM 1280 O  O   . HOH I 5 .   ? -8.981  -6.754  7.070   1.00 34.71  ? 440 HOH A O   1 
HETATM 1281 O  O   . HOH I 5 .   ? 8.413   -15.650 12.665  1.00 44.58  ? 441 HOH A O   1 
HETATM 1282 O  O   . HOH I 5 .   ? 10.164  0.198   3.132   1.00 16.39  ? 442 HOH A O   1 
HETATM 1283 O  O   . HOH I 5 .   ? -0.725  -6.440  7.223   1.00 14.85  ? 443 HOH A O   1 
HETATM 1284 O  O   . HOH I 5 .   ? 4.071   -8.948  -1.325  1.00 14.03  ? 444 HOH A O   1 
HETATM 1285 O  O   . HOH I 5 .   ? 10.861  10.622  -10.374 1.00 23.54  ? 445 HOH A O   1 
HETATM 1286 O  O   . HOH I 5 .   ? 14.082  4.398   9.570   1.00 19.13  ? 446 HOH A O   1 
HETATM 1287 O  O   . HOH I 5 .   ? 9.882   -3.856  19.623  1.00 25.51  ? 447 HOH A O   1 
HETATM 1288 O  O   . HOH I 5 .   ? -2.839  -0.369  -15.877 1.00 19.15  ? 448 HOH A O   1 
HETATM 1289 O  O   . HOH I 5 .   ? 2.070   -10.972 -1.392  1.00 20.62  ? 449 HOH A O   1 
HETATM 1290 O  O   . HOH I 5 .   ? -14.750 13.268  5.679   1.00 25.29  ? 450 HOH A O   1 
HETATM 1291 O  O   . HOH I 5 .   ? -17.019 2.161   -5.271  1.00 28.47  ? 451 HOH A O   1 
HETATM 1292 O  O   . HOH I 5 .   ? 15.621  -5.367  -4.690  1.00 38.63  ? 452 HOH A O   1 
HETATM 1293 O  O   . HOH I 5 .   ? -1.027  -10.680 2.537   1.00 21.15  ? 453 HOH A O   1 
HETATM 1294 O  O   . HOH I 5 .   ? -16.145 -9.747  -7.021  1.00 36.82  ? 454 HOH A O   1 
HETATM 1295 O  O   . HOH I 5 .   ? 11.746  3.568   0.612   1.00 11.34  ? 455 HOH A O   1 
HETATM 1296 O  O   . HOH I 5 .   ? -15.315 -15.617 -6.709  1.00 35.08  ? 456 HOH A O   1 
HETATM 1297 O  O   . HOH I 5 .   ? -9.209  5.330   12.269  1.00 21.00  ? 457 HOH A O   1 
HETATM 1298 O  O   . HOH I 5 .   ? -6.134  -16.668 -7.296  1.00 33.31  ? 458 HOH A O   1 
HETATM 1299 O  O   . HOH I 5 .   ? 3.657   -12.657 -3.510  1.00 26.98  ? 459 HOH A O   1 
HETATM 1300 O  O   . HOH I 5 .   ? -7.313  -15.180 -11.869 1.00 45.15  ? 460 HOH A O   1 
HETATM 1301 O  O   . HOH I 5 .   ? -5.525  -0.912  -16.499 1.00 46.10  ? 461 HOH A O   1 
HETATM 1302 O  O   . HOH I 5 .   ? -2.555  -6.445  9.558   1.00 16.37  ? 462 HOH A O   1 
HETATM 1303 O  O   . HOH I 5 .   ? -2.385  8.598   15.926  1.00 31.78  ? 463 HOH A O   1 
HETATM 1304 O  O   . HOH I 5 .   ? -12.054 5.372   -9.021  1.00 19.77  ? 464 HOH A O   1 
HETATM 1305 O  O   . HOH I 5 .   ? 1.733   -17.363 -18.213 1.00 26.50  ? 465 HOH A O   1 
HETATM 1306 O  O   . HOH I 5 .   ? 18.347  9.577   2.970   1.00 43.24  ? 466 HOH A O   1 
HETATM 1307 O  O   . HOH I 5 .   ? 16.963  10.832  -8.774  1.00 40.15  ? 467 HOH A O   1 
HETATM 1308 O  O   . HOH I 5 .   ? -10.401 15.584  -7.705  1.00 37.43  ? 468 HOH A O   1 
HETATM 1309 O  O   . HOH I 5 .   ? 16.967  -3.153  6.234   1.00 31.85  ? 469 HOH A O   1 
HETATM 1310 O  O   . HOH I 5 .   ? -16.917 -3.652  6.200   1.00 46.51  ? 470 HOH A O   1 
HETATM 1311 O  O   . HOH I 5 .   ? -16.217 3.658   -9.786  1.00 29.98  ? 471 HOH A O   1 
HETATM 1312 O  O   . HOH I 5 .   ? 12.576  1.383   2.189   1.00 19.00  ? 472 HOH A O   1 
HETATM 1313 O  O   . HOH I 5 .   ? -10.579 6.610   14.340  1.00 36.47  ? 473 HOH A O   1 
HETATM 1314 O  O   . HOH I 5 .   ? 10.088  6.386   -11.417 1.00 26.37  ? 474 HOH A O   1 
HETATM 1315 O  O   . HOH I 5 .   ? 1.315   -7.930  17.313  1.00 29.82  ? 475 HOH A O   1 
HETATM 1316 O  O   . HOH I 5 .   ? 14.697  7.809   3.408   1.00 22.66  ? 476 HOH A O   1 
HETATM 1317 O  O   . HOH I 5 .   ? -9.535  5.065   -9.815  1.00 23.69  ? 477 HOH A O   1 
HETATM 1318 O  O   . HOH I 5 .   ? 8.166   -14.579 17.520  1.00 39.45  ? 478 HOH A O   1 
HETATM 1319 O  O   . HOH I 5 .   ? -18.652 -3.412  -1.822  1.00 53.19  ? 479 HOH A O   1 
HETATM 1320 O  O   . HOH I 5 .   ? 5.697   10.533  -10.335 1.00 34.81  ? 480 HOH A O   1 
HETATM 1321 O  O   . HOH I 5 .   ? 7.897   -15.865 15.398  1.00 61.04  ? 481 HOH A O   1 
HETATM 1322 O  O   . HOH I 5 .   ? -15.415 -17.199 -5.405  1.00 30.87  ? 482 HOH A O   1 
HETATM 1323 O  O   . HOH I 5 .   ? -13.597 4.024   -10.518 1.00 27.08  ? 483 HOH A O   1 
HETATM 1324 O  O   . HOH I 5 .   ? -11.312 12.595  9.362   1.00 38.43  ? 484 HOH A O   1 
HETATM 1325 O  O   . HOH I 5 .   ? 2.229   -14.800 -4.465  1.00 33.32  ? 485 HOH A O   1 
HETATM 1326 O  O   . HOH I 5 .   ? -12.599 10.375  8.466   1.00 19.06  ? 486 HOH A O   1 
HETATM 1327 O  O   . HOH I 5 .   ? 11.669  4.675   13.957  1.00 25.51  ? 487 HOH A O   1 
HETATM 1328 O  O   . HOH I 5 .   ? 9.309   -10.297 -7.230  1.00 49.97  ? 488 HOH A O   1 
HETATM 1329 O  O   . HOH I 5 .   ? 8.781   2.015   16.161  1.00 22.26  ? 489 HOH A O   1 
HETATM 1330 O  O   . HOH I 5 .   ? -12.631 -20.037 -5.039  1.00 48.41  ? 490 HOH A O   1 
HETATM 1331 O  O   . HOH I 5 .   ? 10.583  -7.333  0.138   1.00 26.06  ? 491 HOH A O   1 
HETATM 1332 O  O   . HOH I 5 .   ? 13.536  10.255  -11.077 1.00 28.93  ? 492 HOH A O   1 
HETATM 1333 O  O   . HOH I 5 .   ? 3.243   11.074  -10.793 1.00 30.43  ? 493 HOH A O   1 
HETATM 1334 O  O   . HOH I 5 .   ? 16.437  7.586   11.829  1.00 41.97  ? 494 HOH A O   1 
HETATM 1335 O  O   . HOH I 5 .   ? -8.112  3.064   -13.844 1.00 36.59  ? 495 HOH A O   1 
HETATM 1336 O  O   . HOH I 5 .   ? -5.900  5.604   -11.196 1.00 44.68  ? 496 HOH A O   1 
HETATM 1337 O  O   . HOH I 5 .   ? -6.693  -15.123 -3.662  1.00 30.91  ? 497 HOH A O   1 
HETATM 1338 O  O   . HOH I 5 .   ? -8.051  -14.397 0.267   1.00 31.94  ? 498 HOH A O   1 
HETATM 1339 O  O   . HOH I 5 .   ? -6.562  10.922  -2.372  1.00 20.52  ? 499 HOH A O   1 
HETATM 1340 O  O   . HOH I 5 .   ? 14.893  2.039   3.008   1.00 26.90  ? 500 HOH A O   1 
HETATM 1341 O  O   . HOH I 5 .   ? -4.207  -14.613 -4.719  1.00 38.18  ? 501 HOH A O   1 
HETATM 1342 O  O   . HOH I 5 .   ? -13.689 -1.862  -12.855 1.00 42.71  ? 502 HOH A O   1 
HETATM 1343 O  O   . HOH I 5 .   ? -14.636 10.112  10.163  1.00 34.57  ? 503 HOH A O   1 
HETATM 1344 O  O   . HOH I 5 .   ? 8.138   2.120   18.887  1.00 30.07  ? 504 HOH A O   1 
HETATM 1345 O  O   . HOH I 5 .   ? 16.939  6.413   3.460   1.00 43.22  ? 505 HOH A O   1 
HETATM 1346 O  O   . HOH I 5 .   ? 10.434  12.590  3.178   1.00 12.97  ? 506 HOH A O   1 
HETATM 1347 O  O   . HOH I 5 .   ? -12.627 -8.202  8.718   1.00 20.40  ? 507 HOH A O   1 
HETATM 1348 O  O   . HOH I 5 .   ? 12.047  11.203  5.050   1.00 14.67  ? 508 HOH A O   1 
HETATM 1349 O  O   . HOH I 5 .   ? 17.582  4.127   5.405   1.00 41.48  ? 509 HOH A O   1 
HETATM 1350 O  O   . HOH I 5 .   ? 6.277   -10.451 -1.687  1.00 21.88  ? 510 HOH A O   1 
HETATM 1351 O  O   . HOH I 5 .   ? 15.304  -10.075 -0.712  1.00 42.04  ? 511 HOH A O   1 
HETATM 1352 O  O   . HOH I 5 .   ? -6.555  13.518  -0.143  1.00 28.40  ? 512 HOH A O   1 
HETATM 1353 O  O   . HOH I 5 .   ? 8.201   -10.164 18.826  1.00 30.83  ? 513 HOH A O   1 
HETATM 1354 O  O   . HOH I 5 .   ? 20.674  7.616   -1.169  1.00 33.89  ? 514 HOH A O   1 
HETATM 1355 O  O   . HOH I 5 .   ? 19.839  8.917   -5.099  1.00 25.81  ? 515 HOH A O   1 
HETATM 1356 O  O   . HOH I 5 .   ? 3.715   3.875   18.957  1.00 33.05  ? 516 HOH A O   1 
HETATM 1357 O  O   . HOH I 5 .   ? -18.187 2.337   12.468  1.00 52.91  ? 517 HOH A O   1 
HETATM 1358 O  O   . HOH I 5 .   ? 5.362   -12.089 17.869  1.00 44.12  ? 518 HOH A O   1 
HETATM 1359 O  O   . HOH I 5 .   ? 18.916  7.490   2.321   1.00 34.30  ? 519 HOH A O   1 
HETATM 1360 O  O   . HOH I 5 .   ? 7.796   -13.386 -5.166  1.00 34.62  ? 520 HOH A O   1 
HETATM 1361 O  O   . HOH I 5 .   ? -10.267 -8.957  -13.560 1.00 34.40  ? 521 HOH A O   1 
HETATM 1362 O  O   . HOH I 5 .   ? 12.881  20.637  -7.512  1.00 30.62  ? 522 HOH A O   1 
HETATM 1363 O  O   . HOH I 5 .   ? -0.970  -17.237 -18.558 1.00 30.01  ? 523 HOH A O   1 
HETATM 1364 O  O   . HOH I 5 .   ? 8.966   -10.265 -0.619  1.00 29.73  ? 524 HOH A O   1 
HETATM 1365 O  O   . HOH I 5 .   ? -13.956 0.683   -13.765 1.00 40.72  ? 525 HOH A O   1 
HETATM 1366 O  O   . HOH I 5 .   ? -13.087 3.253   -13.025 1.00 32.40  ? 526 HOH A O   1 
HETATM 1367 O  O   . HOH I 5 .   ? 2.849   1.881   19.935  1.00 35.85  ? 527 HOH A O   1 
HETATM 1368 O  O   . HOH I 5 .   ? 7.534   15.753  -9.873  1.00 49.02  ? 528 HOH A O   1 
HETATM 1369 O  O   . HOH I 5 .   ? 4.510   0.317   20.584  1.00 39.84  ? 529 HOH A O   1 
HETATM 1370 O  O   . HOH I 5 .   ? 7.077   13.471  -10.848 1.00 48.03  ? 530 HOH A O   1 
HETATM 1371 O  O   . HOH I 5 .   ? 11.237  -9.312  -1.464  1.00 30.76  ? 531 HOH A O   1 
HETATM 1372 O  O   . HOH I 5 .   ? -20.348 -18.341 -4.010  1.00 51.33  ? 532 HOH A O   1 
HETATM 1373 O  O   . HOH I 5 .   ? 4.858   16.723  -11.432 1.00 47.11  ? 533 HOH A O   1 
# 
